data_2PY4
# 
_entry.id   2PY4 
# 
_audit_conform.dict_name       mmcif_pdbx.dic 
_audit_conform.dict_version    5.377 
_audit_conform.dict_location   http://mmcif.pdb.org/dictionaries/ascii/mmcif_pdbx.dic 
# 
loop_
_database_2.database_id 
_database_2.database_code 
_database_2.pdbx_database_accession 
_database_2.pdbx_DOI 
PDB   2PY4         pdb_00002py4 10.2210/pdb2py4/pdb 
RCSB  RCSB042911   ?            ?                   
WWPDB D_1000042911 ?            ?                   
# 
loop_
_pdbx_database_related.db_name 
_pdbx_database_related.db_id 
_pdbx_database_related.details 
_pdbx_database_related.content_type 
PDB 1MQ7 'used as model in molecular replacement'                                      unspecified 
PDB 1SIX 'same protein-ligand complex with disordered regions in the protein sequence' unspecified 
# 
_pdbx_database_status.status_code                     REL 
_pdbx_database_status.entry_id                        2PY4 
_pdbx_database_status.recvd_initial_deposition_date   2007-05-15 
_pdbx_database_status.deposit_site                    RCSB 
_pdbx_database_status.process_site                    RCSB 
_pdbx_database_status.status_code_sf                  REL 
_pdbx_database_status.status_code_mr                  ? 
_pdbx_database_status.SG_entry                        ? 
_pdbx_database_status.pdb_format_compatible           Y 
_pdbx_database_status.status_code_cs                  ? 
_pdbx_database_status.status_code_nmr_data            ? 
_pdbx_database_status.methods_development_category    ? 
# 
loop_
_audit_author.name 
_audit_author.pdbx_ordinal 
'Barabas, O.'    1 
'Nagy, N.'       2 
'Takacs, E.'     3 
'Vertessy, B.G.' 4 
# 
_citation.id                        primary 
_citation.title                     'Active site of mycobacterial dUTPase: structural characteristics and a built-in sensor.' 
_citation.journal_abbrev            Biochem.Biophys.Res.Commun. 
_citation.journal_volume            373 
_citation.page_first                8 
_citation.page_last                 13 
_citation.year                      2008 
_citation.journal_id_ASTM           BBRCA9 
_citation.country                   US 
_citation.journal_id_ISSN           0006-291X 
_citation.journal_id_CSD            0146 
_citation.book_publisher            ? 
_citation.pdbx_database_id_PubMed   18519027 
_citation.pdbx_database_id_DOI      10.1016/j.bbrc.2008.05.130 
# 
loop_
_citation_author.citation_id 
_citation_author.name 
_citation_author.ordinal 
_citation_author.identifier_ORCID 
primary 'Varga, B.'      1 ? 
primary 'Barabas, O.'    2 ? 
primary 'Takacs, E.'     3 ? 
primary 'Nagy, N.'       4 ? 
primary 'Nagy, P.'       5 ? 
primary 'Vertessy, B.G.' 6 ? 
# 
_cell.entry_id           2PY4 
_cell.length_a           54.591 
_cell.length_b           54.591 
_cell.length_c           83.051 
_cell.angle_alpha        90.00 
_cell.angle_beta         90.00 
_cell.angle_gamma        120.00 
_cell.Z_PDB              6 
_cell.pdbx_unique_axis   ? 
_cell.length_a_esd       ? 
_cell.length_b_esd       ? 
_cell.length_c_esd       ? 
_cell.angle_alpha_esd    ? 
_cell.angle_beta_esd     ? 
_cell.angle_gamma_esd    ? 
# 
_symmetry.entry_id                         2PY4 
_symmetry.space_group_name_H-M             'P 63' 
_symmetry.pdbx_full_space_group_name_H-M   ? 
_symmetry.cell_setting                     ? 
_symmetry.Int_Tables_number                173 
_symmetry.space_group_name_Hall            ? 
# 
loop_
_entity.id 
_entity.type 
_entity.src_method 
_entity.pdbx_description 
_entity.formula_weight 
_entity.pdbx_number_of_molecules 
_entity.pdbx_ec 
_entity.pdbx_mutation 
_entity.pdbx_fragment 
_entity.details 
1 polymer     man 
;Deoxyuridine 5'-triphosphate nucleotidohydrolase
;
17992.314 1   3.6.1.23 ? ? ? 
2 non-polymer syn 'MAGNESIUM ION'                                    24.305    1   ?        ? ? ? 
3 non-polymer syn 
;2'-DEOXYURIDINE 5'-ALPHA,BETA-IMIDO-TRIPHOSPHATE
;
467.157   1   ?        ? ? ? 
4 non-polymer syn 2-AMINO-2-HYDROXYMETHYL-PROPANE-1,3-DIOL           122.143   1   ?        ? ? ? 
5 water       nat water                                              18.015    132 ?        ? ? ? 
# 
_entity_name_com.entity_id   1 
_entity_name_com.name        'dUTPase, dUTP pyrophosphatase' 
# 
_entity_poly.entity_id                      1 
_entity_poly.type                           'polypeptide(L)' 
_entity_poly.nstd_linkage                   no 
_entity_poly.nstd_monomer                   no 
_entity_poly.pdbx_seq_one_letter_code       
;MGSSHHHHHHSSGLVPRGSHMSTTLAIVRLDPGLPLPSRAHDGDAGVDLYSAEDVELAPGRRALVRTGVAVAVPFGMVGL
VHPRSGLATRVGLSIVNSPGTIDAGYRGEIKVALINLDPAAPIVVHRGDRIAQLLVQRVELVELVEVSSFDEAGLASTSR
GDGGHGSSGGHASL
;
_entity_poly.pdbx_seq_one_letter_code_can   
;MGSSHHHHHHSSGLVPRGSHMSTTLAIVRLDPGLPLPSRAHDGDAGVDLYSAEDVELAPGRRALVRTGVAVAVPFGMVGL
VHPRSGLATRVGLSIVNSPGTIDAGYRGEIKVALINLDPAAPIVVHRGDRIAQLLVQRVELVELVEVSSFDEAGLASTSR
GDGGHGSSGGHASL
;
_entity_poly.pdbx_strand_id                 A 
_entity_poly.pdbx_target_identifier         ? 
# 
loop_
_entity_poly_seq.entity_id 
_entity_poly_seq.num 
_entity_poly_seq.mon_id 
_entity_poly_seq.hetero 
1 1   MET n 
1 2   GLY n 
1 3   SER n 
1 4   SER n 
1 5   HIS n 
1 6   HIS n 
1 7   HIS n 
1 8   HIS n 
1 9   HIS n 
1 10  HIS n 
1 11  SER n 
1 12  SER n 
1 13  GLY n 
1 14  LEU n 
1 15  VAL n 
1 16  PRO n 
1 17  ARG n 
1 18  GLY n 
1 19  SER n 
1 20  HIS n 
1 21  MET n 
1 22  SER n 
1 23  THR n 
1 24  THR n 
1 25  LEU n 
1 26  ALA n 
1 27  ILE n 
1 28  VAL n 
1 29  ARG n 
1 30  LEU n 
1 31  ASP n 
1 32  PRO n 
1 33  GLY n 
1 34  LEU n 
1 35  PRO n 
1 36  LEU n 
1 37  PRO n 
1 38  SER n 
1 39  ARG n 
1 40  ALA n 
1 41  HIS n 
1 42  ASP n 
1 43  GLY n 
1 44  ASP n 
1 45  ALA n 
1 46  GLY n 
1 47  VAL n 
1 48  ASP n 
1 49  LEU n 
1 50  TYR n 
1 51  SER n 
1 52  ALA n 
1 53  GLU n 
1 54  ASP n 
1 55  VAL n 
1 56  GLU n 
1 57  LEU n 
1 58  ALA n 
1 59  PRO n 
1 60  GLY n 
1 61  ARG n 
1 62  ARG n 
1 63  ALA n 
1 64  LEU n 
1 65  VAL n 
1 66  ARG n 
1 67  THR n 
1 68  GLY n 
1 69  VAL n 
1 70  ALA n 
1 71  VAL n 
1 72  ALA n 
1 73  VAL n 
1 74  PRO n 
1 75  PHE n 
1 76  GLY n 
1 77  MET n 
1 78  VAL n 
1 79  GLY n 
1 80  LEU n 
1 81  VAL n 
1 82  HIS n 
1 83  PRO n 
1 84  ARG n 
1 85  SER n 
1 86  GLY n 
1 87  LEU n 
1 88  ALA n 
1 89  THR n 
1 90  ARG n 
1 91  VAL n 
1 92  GLY n 
1 93  LEU n 
1 94  SER n 
1 95  ILE n 
1 96  VAL n 
1 97  ASN n 
1 98  SER n 
1 99  PRO n 
1 100 GLY n 
1 101 THR n 
1 102 ILE n 
1 103 ASP n 
1 104 ALA n 
1 105 GLY n 
1 106 TYR n 
1 107 ARG n 
1 108 GLY n 
1 109 GLU n 
1 110 ILE n 
1 111 LYS n 
1 112 VAL n 
1 113 ALA n 
1 114 LEU n 
1 115 ILE n 
1 116 ASN n 
1 117 LEU n 
1 118 ASP n 
1 119 PRO n 
1 120 ALA n 
1 121 ALA n 
1 122 PRO n 
1 123 ILE n 
1 124 VAL n 
1 125 VAL n 
1 126 HIS n 
1 127 ARG n 
1 128 GLY n 
1 129 ASP n 
1 130 ARG n 
1 131 ILE n 
1 132 ALA n 
1 133 GLN n 
1 134 LEU n 
1 135 LEU n 
1 136 VAL n 
1 137 GLN n 
1 138 ARG n 
1 139 VAL n 
1 140 GLU n 
1 141 LEU n 
1 142 VAL n 
1 143 GLU n 
1 144 LEU n 
1 145 VAL n 
1 146 GLU n 
1 147 VAL n 
1 148 SER n 
1 149 SER n 
1 150 PHE n 
1 151 ASP n 
1 152 GLU n 
1 153 ALA n 
1 154 GLY n 
1 155 LEU n 
1 156 ALA n 
1 157 SER n 
1 158 THR n 
1 159 SER n 
1 160 ARG n 
1 161 GLY n 
1 162 ASP n 
1 163 GLY n 
1 164 GLY n 
1 165 HIS n 
1 166 GLY n 
1 167 SER n 
1 168 SER n 
1 169 GLY n 
1 170 GLY n 
1 171 HIS n 
1 172 ALA n 
1 173 SER n 
1 174 LEU n 
# 
_entity_src_gen.entity_id                          1 
_entity_src_gen.pdbx_src_id                        1 
_entity_src_gen.pdbx_alt_source_flag               sample 
_entity_src_gen.pdbx_seq_type                      ? 
_entity_src_gen.pdbx_beg_seq_num                   ? 
_entity_src_gen.pdbx_end_seq_num                   ? 
_entity_src_gen.gene_src_common_name               ? 
_entity_src_gen.gene_src_genus                     Mycobacterium 
_entity_src_gen.pdbx_gene_src_gene                 dut 
_entity_src_gen.gene_src_species                   ? 
_entity_src_gen.gene_src_strain                    ? 
_entity_src_gen.gene_src_tissue                    ? 
_entity_src_gen.gene_src_tissue_fraction           ? 
_entity_src_gen.gene_src_details                   ? 
_entity_src_gen.pdbx_gene_src_fragment             ? 
_entity_src_gen.pdbx_gene_src_scientific_name      'Mycobacterium tuberculosis' 
_entity_src_gen.pdbx_gene_src_ncbi_taxonomy_id     1773 
_entity_src_gen.pdbx_gene_src_variant              ? 
_entity_src_gen.pdbx_gene_src_cell_line            ? 
_entity_src_gen.pdbx_gene_src_atcc                 ? 
_entity_src_gen.pdbx_gene_src_organ                ? 
_entity_src_gen.pdbx_gene_src_organelle            ? 
_entity_src_gen.pdbx_gene_src_cell                 ? 
_entity_src_gen.pdbx_gene_src_cellular_location    ? 
_entity_src_gen.host_org_common_name               ? 
_entity_src_gen.pdbx_host_org_scientific_name      'Escherichia coli BL21(DE3)' 
_entity_src_gen.pdbx_host_org_ncbi_taxonomy_id     469008 
_entity_src_gen.host_org_genus                     Escherichia 
_entity_src_gen.pdbx_host_org_gene                 ? 
_entity_src_gen.pdbx_host_org_organ                ? 
_entity_src_gen.host_org_species                   'Escherichia coli' 
_entity_src_gen.pdbx_host_org_tissue               ? 
_entity_src_gen.pdbx_host_org_tissue_fraction      ? 
_entity_src_gen.pdbx_host_org_strain               'BL21 (DE3)' 
_entity_src_gen.pdbx_host_org_variant              ? 
_entity_src_gen.pdbx_host_org_cell_line            ? 
_entity_src_gen.pdbx_host_org_atcc                 ? 
_entity_src_gen.pdbx_host_org_culture_collection   ? 
_entity_src_gen.pdbx_host_org_cell                 ? 
_entity_src_gen.pdbx_host_org_organelle            ? 
_entity_src_gen.pdbx_host_org_cellular_location    ? 
_entity_src_gen.pdbx_host_org_vector_type          plasmid 
_entity_src_gen.pdbx_host_org_vector               ? 
_entity_src_gen.host_org_details                   ? 
_entity_src_gen.expression_system_id               ? 
_entity_src_gen.plasmid_name                       pET 
_entity_src_gen.plasmid_details                    ? 
_entity_src_gen.pdbx_description                   ? 
# 
_struct_ref.id                         1 
_struct_ref.db_name                    UNP 
_struct_ref.db_code                    DUT_MYCTU 
_struct_ref.pdbx_db_accession          P0A552 
_struct_ref.entity_id                  1 
_struct_ref.pdbx_seq_one_letter_code   
;MSTTLAIVRLDPGLPLPSRAHDGDAGVDLYSAEDVELAPGRRALVRTGVAVAVPFGMVGLVHPRSGLATRVGLSIVNSPG
TIDAGYRGEIKVALINLDPAAPIVVHRGDRIAQLLVQRVELVELVEVSSFDEAGLASTSRGDGGHGSSGGHASL
;
_struct_ref.pdbx_align_begin           1 
_struct_ref.pdbx_db_isoform            ? 
# 
_struct_ref_seq.align_id                      1 
_struct_ref_seq.ref_id                        1 
_struct_ref_seq.pdbx_PDB_id_code              2PY4 
_struct_ref_seq.pdbx_strand_id                A 
_struct_ref_seq.seq_align_beg                 21 
_struct_ref_seq.pdbx_seq_align_beg_ins_code   ? 
_struct_ref_seq.seq_align_end                 174 
_struct_ref_seq.pdbx_seq_align_end_ins_code   ? 
_struct_ref_seq.pdbx_db_accession             P0A552 
_struct_ref_seq.db_align_beg                  1 
_struct_ref_seq.pdbx_db_align_beg_ins_code    ? 
_struct_ref_seq.db_align_end                  154 
_struct_ref_seq.pdbx_db_align_end_ins_code    ? 
_struct_ref_seq.pdbx_auth_seq_align_beg       1 
_struct_ref_seq.pdbx_auth_seq_align_end       154 
# 
loop_
_struct_ref_seq_dif.align_id 
_struct_ref_seq_dif.pdbx_pdb_id_code 
_struct_ref_seq_dif.mon_id 
_struct_ref_seq_dif.pdbx_pdb_strand_id 
_struct_ref_seq_dif.seq_num 
_struct_ref_seq_dif.pdbx_pdb_ins_code 
_struct_ref_seq_dif.pdbx_seq_db_name 
_struct_ref_seq_dif.pdbx_seq_db_accession_code 
_struct_ref_seq_dif.db_mon_id 
_struct_ref_seq_dif.pdbx_seq_db_seq_num 
_struct_ref_seq_dif.details 
_struct_ref_seq_dif.pdbx_auth_seq_num 
_struct_ref_seq_dif.pdbx_ordinal 
1 2PY4 MET A 1  ? UNP P0A552 ? ? 'cloning artifact' -19 1  
1 2PY4 GLY A 2  ? UNP P0A552 ? ? 'cloning artifact' -18 2  
1 2PY4 SER A 3  ? UNP P0A552 ? ? 'cloning artifact' -17 3  
1 2PY4 SER A 4  ? UNP P0A552 ? ? 'cloning artifact' -16 4  
1 2PY4 HIS A 5  ? UNP P0A552 ? ? 'expression tag'   -15 5  
1 2PY4 HIS A 6  ? UNP P0A552 ? ? 'expression tag'   -14 6  
1 2PY4 HIS A 7  ? UNP P0A552 ? ? 'expression tag'   -13 7  
1 2PY4 HIS A 8  ? UNP P0A552 ? ? 'expression tag'   -12 8  
1 2PY4 HIS A 9  ? UNP P0A552 ? ? 'expression tag'   -11 9  
1 2PY4 HIS A 10 ? UNP P0A552 ? ? 'expression tag'   -10 10 
1 2PY4 SER A 11 ? UNP P0A552 ? ? 'cloning artifact' -9  11 
1 2PY4 SER A 12 ? UNP P0A552 ? ? 'cloning artifact' -8  12 
1 2PY4 GLY A 13 ? UNP P0A552 ? ? 'cloning artifact' -7  13 
1 2PY4 LEU A 14 ? UNP P0A552 ? ? 'cloning artifact' -6  14 
1 2PY4 VAL A 15 ? UNP P0A552 ? ? 'cloning artifact' -5  15 
1 2PY4 PRO A 16 ? UNP P0A552 ? ? 'cloning artifact' -4  16 
1 2PY4 ARG A 17 ? UNP P0A552 ? ? 'cloning artifact' -3  17 
1 2PY4 GLY A 18 ? UNP P0A552 ? ? 'cloning artifact' -2  18 
1 2PY4 SER A 19 ? UNP P0A552 ? ? 'cloning artifact' -1  19 
1 2PY4 HIS A 20 ? UNP P0A552 ? ? 'cloning artifact' 0   20 
# 
loop_
_chem_comp.id 
_chem_comp.type 
_chem_comp.mon_nstd_flag 
_chem_comp.name 
_chem_comp.pdbx_synonyms 
_chem_comp.formula 
_chem_comp.formula_weight 
ALA 'L-peptide linking' y ALANINE                                            ?             'C3 H7 N O2'       89.093  
ARG 'L-peptide linking' y ARGININE                                           ?             'C6 H15 N4 O2 1'   175.209 
ASN 'L-peptide linking' y ASPARAGINE                                         ?             'C4 H8 N2 O3'      132.118 
ASP 'L-peptide linking' y 'ASPARTIC ACID'                                    ?             'C4 H7 N O4'       133.103 
DUP non-polymer         . 
;2'-DEOXYURIDINE 5'-ALPHA,BETA-IMIDO-TRIPHOSPHATE
;
?             'C9 H16 N3 O13 P3' 467.157 
GLN 'L-peptide linking' y GLUTAMINE                                          ?             'C5 H10 N2 O3'     146.144 
GLU 'L-peptide linking' y 'GLUTAMIC ACID'                                    ?             'C5 H9 N O4'       147.129 
GLY 'peptide linking'   y GLYCINE                                            ?             'C2 H5 N O2'       75.067  
HIS 'L-peptide linking' y HISTIDINE                                          ?             'C6 H10 N3 O2 1'   156.162 
HOH non-polymer         . WATER                                              ?             'H2 O'             18.015  
ILE 'L-peptide linking' y ISOLEUCINE                                         ?             'C6 H13 N O2'      131.173 
LEU 'L-peptide linking' y LEUCINE                                            ?             'C6 H13 N O2'      131.173 
LYS 'L-peptide linking' y LYSINE                                             ?             'C6 H15 N2 O2 1'   147.195 
MET 'L-peptide linking' y METHIONINE                                         ?             'C5 H11 N O2 S'    149.211 
MG  non-polymer         . 'MAGNESIUM ION'                                    ?             'Mg 2'             24.305  
PHE 'L-peptide linking' y PHENYLALANINE                                      ?             'C9 H11 N O2'      165.189 
PRO 'L-peptide linking' y PROLINE                                            ?             'C5 H9 N O2'       115.130 
SER 'L-peptide linking' y SERINE                                             ?             'C3 H7 N O3'       105.093 
THR 'L-peptide linking' y THREONINE                                          ?             'C4 H9 N O3'       119.119 
TRS non-polymer         . 2-AMINO-2-HYDROXYMETHYL-PROPANE-1,3-DIOL           'TRIS BUFFER' 'C4 H12 N O3 1'    122.143 
TYR 'L-peptide linking' y TYROSINE                                           ?             'C9 H11 N O3'      181.189 
VAL 'L-peptide linking' y VALINE                                             ?             'C5 H11 N O2'      117.146 
# 
_exptl.entry_id          2PY4 
_exptl.method            'X-RAY DIFFRACTION' 
_exptl.crystals_number   1 
# 
_exptl_crystal.id                    1 
_exptl_crystal.density_meas          ? 
_exptl_crystal.density_Matthews      1.98 
_exptl_crystal.density_percent_sol   38.02 
_exptl_crystal.description           ? 
_exptl_crystal.F_000                 ? 
_exptl_crystal.preparation           ? 
# 
_exptl_crystal_grow.crystal_id      1 
_exptl_crystal_grow.method          'VAPOR DIFFUSION, HANGING DROP' 
_exptl_crystal_grow.temp            298 
_exptl_crystal_grow.temp_details    ? 
_exptl_crystal_grow.pH              8.5 
_exptl_crystal_grow.pdbx_details    
'1.5M ammonium sulfate, 0.1M Tris/HCl, 12% glycerol, pH 8.5, VAPOR DIFFUSION, HANGING DROP, temperature 298K' 
_exptl_crystal_grow.pdbx_pH_range   . 
# 
_diffrn.id                     1 
_diffrn.ambient_temp           100 
_diffrn.ambient_temp_details   ? 
_diffrn.crystal_id             1 
# 
_diffrn_detector.diffrn_id              1 
_diffrn_detector.detector               'IMAGE PLATE' 
_diffrn_detector.type                   'RIGAKU RAXIS II' 
_diffrn_detector.pdbx_collection_date   ? 
_diffrn_detector.details                ? 
# 
_diffrn_radiation.diffrn_id                        1 
_diffrn_radiation.wavelength_id                    1 
_diffrn_radiation.pdbx_monochromatic_or_laue_m_l   M 
_diffrn_radiation.monochromator                    GRAPHITE 
_diffrn_radiation.pdbx_diffrn_protocol             'SINGLE WAVELENGTH' 
_diffrn_radiation.pdbx_scattering_type             x-ray 
# 
_diffrn_radiation_wavelength.id           1 
_diffrn_radiation_wavelength.wavelength   1.5418 
_diffrn_radiation_wavelength.wt           1.0 
# 
_diffrn_source.diffrn_id                   1 
_diffrn_source.source                      'ROTATING ANODE' 
_diffrn_source.type                        RIGAKU 
_diffrn_source.pdbx_synchrotron_site       ? 
_diffrn_source.pdbx_synchrotron_beamline   ? 
_diffrn_source.pdbx_wavelength             ? 
_diffrn_source.pdbx_wavelength_list        1.5418 
# 
_reflns.entry_id                     2PY4 
_reflns.observed_criterion_sigma_F   ? 
_reflns.observed_criterion_sigma_I   -3 
_reflns.d_resolution_high            1.49 
_reflns.d_resolution_low             20 
_reflns.number_all                   21589 
_reflns.number_obs                   21589 
_reflns.percent_possible_obs         94.1 
_reflns.pdbx_Rmerge_I_obs            ? 
_reflns.pdbx_Rsym_value              4.1 
_reflns.pdbx_netI_over_sigmaI        24.57 
_reflns.B_iso_Wilson_estimate        19.3 
_reflns.pdbx_redundancy              3.95 
_reflns.R_free_details               ? 
_reflns.limit_h_max                  ? 
_reflns.limit_h_min                  ? 
_reflns.limit_k_max                  ? 
_reflns.limit_k_min                  ? 
_reflns.limit_l_max                  ? 
_reflns.limit_l_min                  ? 
_reflns.observed_criterion_F_max     ? 
_reflns.observed_criterion_F_min     ? 
_reflns.pdbx_chi_squared             ? 
_reflns.pdbx_scaling_rejects         ? 
_reflns.pdbx_ordinal                 1 
_reflns.pdbx_diffrn_id               1 
# 
_reflns_shell.d_res_high             1.49 
_reflns_shell.d_res_low              1.58 
_reflns_shell.percent_possible_all   70.5 
_reflns_shell.Rmerge_I_obs           ? 
_reflns_shell.pdbx_Rsym_value        34.8 
_reflns_shell.meanI_over_sigI_obs    3.3 
_reflns_shell.pdbx_redundancy        2.3 
_reflns_shell.percent_possible_obs   ? 
_reflns_shell.number_unique_all      2595 
_reflns_shell.number_measured_all    ? 
_reflns_shell.number_measured_obs    ? 
_reflns_shell.number_unique_obs      ? 
_reflns_shell.pdbx_chi_squared       ? 
_reflns_shell.pdbx_ordinal           1 
_reflns_shell.pdbx_diffrn_id         1 
# 
_refine.entry_id                                 2PY4 
_refine.ls_number_reflns_obs                     20480 
_refine.ls_number_reflns_all                     20480 
_refine.pdbx_ls_sigma_I                          ? 
_refine.pdbx_ls_sigma_F                          ? 
_refine.pdbx_data_cutoff_high_absF               ? 
_refine.pdbx_data_cutoff_low_absF                ? 
_refine.pdbx_data_cutoff_high_rms_absF           ? 
_refine.ls_d_res_low                             19.44 
_refine.ls_d_res_high                            1.49 
_refine.ls_percent_reflns_obs                    94.09 
_refine.ls_R_factor_obs                          0.14553 
_refine.ls_R_factor_all                          ? 
_refine.ls_R_factor_R_work                       0.1442 
_refine.ls_R_factor_R_free                       0.16997 
_refine.ls_R_factor_R_free_error                 ? 
_refine.ls_R_factor_R_free_error_details         ? 
_refine.ls_percent_reflns_R_free                 5.1 
_refine.ls_number_reflns_R_free                  1109 
_refine.ls_number_parameters                     ? 
_refine.ls_number_restraints                     ? 
_refine.occupancy_min                            ? 
_refine.occupancy_max                            ? 
_refine.correlation_coeff_Fo_to_Fc               0.972 
_refine.correlation_coeff_Fo_to_Fc_free          0.960 
_refine.B_iso_mean                               18.838 
_refine.aniso_B[1][1]                            0.06 
_refine.aniso_B[2][2]                            0.06 
_refine.aniso_B[3][3]                            -0.08 
_refine.aniso_B[1][2]                            0.03 
_refine.aniso_B[1][3]                            0.00 
_refine.aniso_B[2][3]                            0.00 
_refine.solvent_model_details                    'BABINET MODEL WITH MASK' 
_refine.solvent_model_param_ksol                 ? 
_refine.solvent_model_param_bsol                 ? 
_refine.pdbx_solvent_vdw_probe_radii             1.20 
_refine.pdbx_solvent_ion_probe_radii             0.80 
_refine.pdbx_solvent_shrinkage_radii             0.80 
_refine.pdbx_ls_cross_valid_method               THROUGHOUT 
_refine.details                                  'HYDROGENS HAVE BEEN ADDED IN THE RIDING POSITIONS' 
_refine.pdbx_starting_model                      'pdb entry 1MQ7' 
_refine.pdbx_method_to_determine_struct          'MOLECULAR REPLACEMENT' 
_refine.pdbx_isotropic_thermal_model             TLS 
_refine.pdbx_stereochemistry_target_values       'MAXIMUM LIKELIHOOD' 
_refine.pdbx_stereochem_target_val_spec_case     ? 
_refine.pdbx_R_Free_selection_details            RANDOM 
_refine.pdbx_overall_ESU_R                       0.063 
_refine.pdbx_overall_ESU_R_Free                  0.065 
_refine.overall_SU_ML                            0.045 
_refine.overall_SU_B                             2.184 
_refine.ls_redundancy_reflns_obs                 ? 
_refine.B_iso_min                                ? 
_refine.B_iso_max                                ? 
_refine.overall_SU_R_Cruickshank_DPI             ? 
_refine.overall_SU_R_free                        ? 
_refine.ls_wR_factor_R_free                      ? 
_refine.ls_wR_factor_R_work                      ? 
_refine.overall_FOM_free_R_set                   ? 
_refine.overall_FOM_work_R_set                   ? 
_refine.pdbx_refine_id                           'X-RAY DIFFRACTION' 
_refine.pdbx_overall_phase_error                 ? 
_refine.pdbx_TLS_residual_ADP_flag               'LIKELY RESIDUAL' 
_refine.pdbx_diffrn_id                           1 
_refine.pdbx_overall_SU_R_free_Cruickshank_DPI   ? 
_refine.pdbx_overall_SU_R_Blow_DPI               ? 
_refine.pdbx_overall_SU_R_free_Blow_DPI          ? 
# 
_refine_analyze.entry_id                        2PY4 
_refine_analyze.Luzzati_coordinate_error_obs    0.141 
_refine_analyze.Luzzati_sigma_a_obs             ? 
_refine_analyze.Luzzati_d_res_low_obs           ? 
_refine_analyze.Luzzati_coordinate_error_free   ? 
_refine_analyze.Luzzati_sigma_a_free            ? 
_refine_analyze.Luzzati_d_res_low_free          ? 
_refine_analyze.number_disordered_residues      ? 
_refine_analyze.occupancy_sum_non_hydrogen      ? 
_refine_analyze.occupancy_sum_hydrogen          ? 
_refine_analyze.pdbx_Luzzati_d_res_high_obs     ? 
_refine_analyze.pdbx_refine_id                  'X-RAY DIFFRACTION' 
# 
_refine_hist.pdbx_refine_id                   'X-RAY DIFFRACTION' 
_refine_hist.cycle_id                         LAST 
_refine_hist.pdbx_number_atoms_protein        1081 
_refine_hist.pdbx_number_atoms_nucleic_acid   0 
_refine_hist.pdbx_number_atoms_ligand         37 
_refine_hist.number_atoms_solvent             132 
_refine_hist.number_atoms_total               1250 
_refine_hist.d_res_high                       1.49 
_refine_hist.d_res_low                        19.44 
# 
loop_
_refine_ls_restr.type 
_refine_ls_restr.dev_ideal 
_refine_ls_restr.dev_ideal_target 
_refine_ls_restr.weight 
_refine_ls_restr.number 
_refine_ls_restr.pdbx_refine_id 
_refine_ls_restr.pdbx_restraint_function 
r_bond_refined_d         0.020  0.021  ? 1134 'X-RAY DIFFRACTION' ? 
r_angle_refined_deg      1.992  2.025  ? 1552 'X-RAY DIFFRACTION' ? 
r_dihedral_angle_1_deg   6.274  5.000  ? 152  'X-RAY DIFFRACTION' ? 
r_dihedral_angle_2_deg   29.284 22.500 ? 36   'X-RAY DIFFRACTION' ? 
r_dihedral_angle_3_deg   9.073  15.000 ? 162  'X-RAY DIFFRACTION' ? 
r_dihedral_angle_4_deg   16.368 15.000 ? 9    'X-RAY DIFFRACTION' ? 
r_chiral_restr           0.148  0.200  ? 186  'X-RAY DIFFRACTION' ? 
r_gen_planes_refined     0.010  0.020  ? 834  'X-RAY DIFFRACTION' ? 
r_nbd_refined            0.213  0.200  ? 475  'X-RAY DIFFRACTION' ? 
r_nbtor_refined          0.321  0.200  ? 806  'X-RAY DIFFRACTION' ? 
r_xyhbond_nbd_refined    0.108  0.200  ? 96   'X-RAY DIFFRACTION' ? 
r_symmetry_vdw_refined   0.188  0.200  ? 121  'X-RAY DIFFRACTION' ? 
r_symmetry_hbond_refined 0.147  0.200  ? 45   'X-RAY DIFFRACTION' ? 
r_mcbond_it              2.164  3.000  ? 768  'X-RAY DIFFRACTION' ? 
r_mcangle_it             3.137  20.000 ? 1207 'X-RAY DIFFRACTION' ? 
r_scbond_it              4.976  20.000 ? 392  'X-RAY DIFFRACTION' ? 
r_scangle_it             6.054  50.000 ? 345  'X-RAY DIFFRACTION' ? 
# 
_refine_ls_shell.pdbx_total_number_of_bins_used   20 
_refine_ls_shell.d_res_high                       1.490 
_refine_ls_shell.d_res_low                        1.529 
_refine_ls_shell.number_reflns_R_work             927 
_refine_ls_shell.R_factor_R_work                  0.255 
_refine_ls_shell.percent_reflns_obs               57.32 
_refine_ls_shell.R_factor_R_free                  0.379 
_refine_ls_shell.R_factor_R_free_error            ? 
_refine_ls_shell.percent_reflns_R_free            ? 
_refine_ls_shell.number_reflns_R_free             52 
_refine_ls_shell.number_reflns_all                ? 
_refine_ls_shell.R_factor_all                     ? 
_refine_ls_shell.number_reflns_obs                979 
_refine_ls_shell.redundancy_reflns_obs            ? 
_refine_ls_shell.pdbx_refine_id                   'X-RAY DIFFRACTION' 
# 
_struct.entry_id                  2PY4 
_struct.title                     
'Full length structure of the Mycobacterium tuberculosis dUTPase complexed with magnesium and alpha,beta-imido-dUTP.' 
_struct.pdbx_model_details        ? 
_struct.pdbx_CASP_flag            ? 
_struct.pdbx_model_type_details   ? 
# 
_struct_keywords.entry_id        2PY4 
_struct_keywords.pdbx_keywords   HYDROLASE 
_struct_keywords.text            'JELLY-ROLL, enzyme-ligand complex, HYDROLASE' 
# 
loop_
_struct_asym.id 
_struct_asym.pdbx_blank_PDB_chainid_flag 
_struct_asym.pdbx_modified 
_struct_asym.entity_id 
_struct_asym.details 
A N N 1 ? 
B N N 2 ? 
C N N 3 ? 
D N N 4 ? 
E N N 5 ? 
# 
_struct_biol.id        1 
_struct_biol.details   
;The biological assembly is a trimer generated from the monomer    
in the asymmetric unit by applying the transformation matrices:   
rotation-1:    
| 1  0  0|   
| 0  1  0|   
| 0  0  1|   
translation-1:   
(0 0 0 )  
 
rotation-2:    
|-0.5 -0.866 0|   
|0.866 -0.5  0|   
| 0   0   1|   
translation-2:   
(54.29 0 0 )  
and   
rotation-3:    
|-0.5  0.866  0|   
|-0.866 -0.5  0|   
| 0   0   1|   
translation-3:   
(27.3 47.28 0 )
;
# 
_struct_conf.conf_type_id            HELX_P 
_struct_conf.id                      HELX_P1 
_struct_conf.pdbx_PDB_helix_id       1 
_struct_conf.beg_label_comp_id       ARG 
_struct_conf.beg_label_asym_id       A 
_struct_conf.beg_label_seq_id        84 
_struct_conf.pdbx_beg_PDB_ins_code   ? 
_struct_conf.end_label_comp_id       GLY 
_struct_conf.end_label_asym_id       A 
_struct_conf.end_label_seq_id        92 
_struct_conf.pdbx_end_PDB_ins_code   ? 
_struct_conf.beg_auth_comp_id        ARG 
_struct_conf.beg_auth_asym_id        A 
_struct_conf.beg_auth_seq_id         64 
_struct_conf.end_auth_comp_id        GLY 
_struct_conf.end_auth_asym_id        A 
_struct_conf.end_auth_seq_id         72 
_struct_conf.pdbx_PDB_helix_class    1 
_struct_conf.details                 ? 
_struct_conf.pdbx_PDB_helix_length   9 
# 
_struct_conf_type.id          HELX_P 
_struct_conf_type.criteria    ? 
_struct_conf_type.reference   ? 
# 
loop_
_struct_conn.id 
_struct_conn.conn_type_id 
_struct_conn.pdbx_leaving_atom_flag 
_struct_conn.pdbx_PDB_id 
_struct_conn.ptnr1_label_asym_id 
_struct_conn.ptnr1_label_comp_id 
_struct_conn.ptnr1_label_seq_id 
_struct_conn.ptnr1_label_atom_id 
_struct_conn.pdbx_ptnr1_label_alt_id 
_struct_conn.pdbx_ptnr1_PDB_ins_code 
_struct_conn.pdbx_ptnr1_standard_comp_id 
_struct_conn.ptnr1_symmetry 
_struct_conn.ptnr2_label_asym_id 
_struct_conn.ptnr2_label_comp_id 
_struct_conn.ptnr2_label_seq_id 
_struct_conn.ptnr2_label_atom_id 
_struct_conn.pdbx_ptnr2_label_alt_id 
_struct_conn.pdbx_ptnr2_PDB_ins_code 
_struct_conn.ptnr1_auth_asym_id 
_struct_conn.ptnr1_auth_comp_id 
_struct_conn.ptnr1_auth_seq_id 
_struct_conn.ptnr2_auth_asym_id 
_struct_conn.ptnr2_auth_comp_id 
_struct_conn.ptnr2_auth_seq_id 
_struct_conn.ptnr2_symmetry 
_struct_conn.pdbx_ptnr3_label_atom_id 
_struct_conn.pdbx_ptnr3_label_seq_id 
_struct_conn.pdbx_ptnr3_label_comp_id 
_struct_conn.pdbx_ptnr3_label_asym_id 
_struct_conn.pdbx_ptnr3_label_alt_id 
_struct_conn.pdbx_ptnr3_PDB_ins_code 
_struct_conn.details 
_struct_conn.pdbx_dist_value 
_struct_conn.pdbx_value_order 
_struct_conn.pdbx_role 
metalc1 metalc ? ? B MG . MG ? ? ? 1_555 C DUP . O1A ? ? A MG 200 A DUP 777 1_555 ? ? ? ? ? ? ? 1.997 ? ? 
metalc2 metalc ? ? B MG . MG ? ? ? 1_555 C DUP . O1B ? ? A MG 200 A DUP 777 1_555 ? ? ? ? ? ? ? 2.021 ? ? 
metalc3 metalc ? ? B MG . MG ? ? ? 1_555 C DUP . O2G ? ? A MG 200 A DUP 777 1_555 ? ? ? ? ? ? ? 1.994 ? ? 
metalc4 metalc ? ? B MG . MG ? ? ? 1_555 E HOH . O   ? ? A MG 200 A HOH 902 1_555 ? ? ? ? ? ? ? 2.112 ? ? 
metalc5 metalc ? ? B MG . MG ? ? ? 1_555 E HOH . O   ? ? A MG 200 A HOH 907 1_555 ? ? ? ? ? ? ? 2.130 ? ? 
metalc6 metalc ? ? B MG . MG ? ? ? 1_555 E HOH . O   ? ? A MG 200 A HOH 909 1_555 ? ? ? ? ? ? ? 2.120 ? ? 
# 
_struct_conn_type.id          metalc 
_struct_conn_type.criteria    ? 
_struct_conn_type.reference   ? 
# 
_struct_mon_prot_cis.pdbx_id                1 
_struct_mon_prot_cis.label_comp_id          SER 
_struct_mon_prot_cis.label_seq_id           98 
_struct_mon_prot_cis.label_asym_id          A 
_struct_mon_prot_cis.label_alt_id           . 
_struct_mon_prot_cis.pdbx_PDB_ins_code      ? 
_struct_mon_prot_cis.auth_comp_id           SER 
_struct_mon_prot_cis.auth_seq_id            78 
_struct_mon_prot_cis.auth_asym_id           A 
_struct_mon_prot_cis.pdbx_label_comp_id_2   PRO 
_struct_mon_prot_cis.pdbx_label_seq_id_2    99 
_struct_mon_prot_cis.pdbx_label_asym_id_2   A 
_struct_mon_prot_cis.pdbx_PDB_ins_code_2    ? 
_struct_mon_prot_cis.pdbx_auth_comp_id_2    PRO 
_struct_mon_prot_cis.pdbx_auth_seq_id_2     79 
_struct_mon_prot_cis.pdbx_auth_asym_id_2    A 
_struct_mon_prot_cis.pdbx_PDB_model_num     1 
_struct_mon_prot_cis.pdbx_omega_angle       -2.24 
# 
loop_
_struct_sheet.id 
_struct_sheet.type 
_struct_sheet.number_strands 
_struct_sheet.details 
A ? 4 ? 
B ? 4 ? 
C ? 2 ? 
# 
loop_
_struct_sheet_order.sheet_id 
_struct_sheet_order.range_id_1 
_struct_sheet_order.range_id_2 
_struct_sheet_order.offset 
_struct_sheet_order.sense 
A 1 2 ? anti-parallel 
A 2 3 ? anti-parallel 
A 3 4 ? anti-parallel 
B 1 2 ? anti-parallel 
B 2 3 ? anti-parallel 
B 3 4 ? anti-parallel 
C 1 2 ? anti-parallel 
# 
loop_
_struct_sheet_range.sheet_id 
_struct_sheet_range.id 
_struct_sheet_range.beg_label_comp_id 
_struct_sheet_range.beg_label_asym_id 
_struct_sheet_range.beg_label_seq_id 
_struct_sheet_range.pdbx_beg_PDB_ins_code 
_struct_sheet_range.end_label_comp_id 
_struct_sheet_range.end_label_asym_id 
_struct_sheet_range.end_label_seq_id 
_struct_sheet_range.pdbx_end_PDB_ins_code 
_struct_sheet_range.beg_auth_comp_id 
_struct_sheet_range.beg_auth_asym_id 
_struct_sheet_range.beg_auth_seq_id 
_struct_sheet_range.end_auth_comp_id 
_struct_sheet_range.end_auth_asym_id 
_struct_sheet_range.end_auth_seq_id 
A 1 ALA A 26  ? ARG A 29  ? ALA A 6   ARG A 9   
A 2 ARG A 62  ? ALA A 72  ? ARG A 42  ALA A 52  
A 3 GLU A 109 ? ASN A 116 ? GLU A 89  ASN A 96  
A 4 LEU A 93  ? ILE A 95  ? LEU A 73  ILE A 75  
B 1 VAL A 47  ? TYR A 50  ? VAL A 27  TYR A 30  
B 2 ARG A 130 ? ARG A 138 ? ARG A 110 ARG A 118 
B 3 MET A 77  ? HIS A 82  ? MET A 57  HIS A 62  
B 4 GLY A 100 ? ILE A 102 ? GLY A 80  ILE A 82  
C 1 VAL A 55  ? LEU A 57  ? VAL A 35  LEU A 37  
C 2 ILE A 123 ? VAL A 125 ? ILE A 103 VAL A 105 
# 
loop_
_pdbx_struct_sheet_hbond.sheet_id 
_pdbx_struct_sheet_hbond.range_id_1 
_pdbx_struct_sheet_hbond.range_id_2 
_pdbx_struct_sheet_hbond.range_1_label_atom_id 
_pdbx_struct_sheet_hbond.range_1_label_comp_id 
_pdbx_struct_sheet_hbond.range_1_label_asym_id 
_pdbx_struct_sheet_hbond.range_1_label_seq_id 
_pdbx_struct_sheet_hbond.range_1_PDB_ins_code 
_pdbx_struct_sheet_hbond.range_1_auth_atom_id 
_pdbx_struct_sheet_hbond.range_1_auth_comp_id 
_pdbx_struct_sheet_hbond.range_1_auth_asym_id 
_pdbx_struct_sheet_hbond.range_1_auth_seq_id 
_pdbx_struct_sheet_hbond.range_2_label_atom_id 
_pdbx_struct_sheet_hbond.range_2_label_comp_id 
_pdbx_struct_sheet_hbond.range_2_label_asym_id 
_pdbx_struct_sheet_hbond.range_2_label_seq_id 
_pdbx_struct_sheet_hbond.range_2_PDB_ins_code 
_pdbx_struct_sheet_hbond.range_2_auth_atom_id 
_pdbx_struct_sheet_hbond.range_2_auth_comp_id 
_pdbx_struct_sheet_hbond.range_2_auth_asym_id 
_pdbx_struct_sheet_hbond.range_2_auth_seq_id 
A 1 2 N VAL A 28  ? N VAL A 8   O ALA A 70  ? O ALA A 50  
A 2 3 N VAL A 65  ? N VAL A 45  O VAL A 112 ? O VAL A 92  
A 3 4 O ILE A 115 ? O ILE A 95  N SER A 94  ? N SER A 74  
B 1 2 N VAL A 47  ? N VAL A 27  O LEU A 134 ? O LEU A 114 
B 2 3 O LEU A 135 ? O LEU A 115 N LEU A 80  ? N LEU A 60  
B 3 4 N GLY A 79  ? N GLY A 59  O ILE A 102 ? O ILE A 82  
C 1 2 N VAL A 55  ? N VAL A 35  O VAL A 125 ? O VAL A 105 
# 
loop_
_struct_site.id 
_struct_site.pdbx_evidence_code 
_struct_site.pdbx_auth_asym_id 
_struct_site.pdbx_auth_comp_id 
_struct_site.pdbx_auth_seq_id 
_struct_site.pdbx_auth_ins_code 
_struct_site.pdbx_num_residues 
_struct_site.details 
AC1 Software A MG  200 ? 4  'BINDING SITE FOR RESIDUE MG A 200'  
AC2 Software A DUP 777 ? 27 'BINDING SITE FOR RESIDUE DUP A 777' 
AC3 Software A TRS 201 ? 12 'BINDING SITE FOR RESIDUE TRS A 201' 
# 
loop_
_struct_site_gen.id 
_struct_site_gen.site_id 
_struct_site_gen.pdbx_num_res 
_struct_site_gen.label_comp_id 
_struct_site_gen.label_asym_id 
_struct_site_gen.label_seq_id 
_struct_site_gen.pdbx_auth_ins_code 
_struct_site_gen.auth_comp_id 
_struct_site_gen.auth_asym_id 
_struct_site_gen.auth_seq_id 
_struct_site_gen.label_atom_id 
_struct_site_gen.label_alt_id 
_struct_site_gen.symmetry 
_struct_site_gen.details 
1  AC1 4  DUP C .   ? DUP A 777 . ? 1_555 ? 
2  AC1 4  HOH E .   ? HOH A 902 . ? 1_555 ? 
3  AC1 4  HOH E .   ? HOH A 907 . ? 1_555 ? 
4  AC1 4  HOH E .   ? HOH A 909 . ? 1_555 ? 
5  AC2 27 ARG A 84  ? ARG A 64  . ? 2_655 ? 
6  AC2 27 SER A 85  ? SER A 65  . ? 2_655 ? 
7  AC2 27 GLY A 86  ? GLY A 66  . ? 2_655 ? 
8  AC2 27 ASN A 97  ? ASN A 77  . ? 1_555 ? 
9  AC2 27 GLY A 100 ? GLY A 80  . ? 1_555 ? 
10 AC2 27 THR A 101 ? THR A 81  . ? 1_555 ? 
11 AC2 27 ILE A 102 ? ILE A 82  . ? 1_555 ? 
12 AC2 27 ASP A 103 ? ASP A 83  . ? 1_555 ? 
13 AC2 27 TYR A 106 ? TYR A 86  . ? 1_555 ? 
14 AC2 27 GLU A 109 ? GLU A 89  . ? 1_555 ? 
15 AC2 27 ILE A 110 ? ILE A 90  . ? 1_555 ? 
16 AC2 27 LYS A 111 ? LYS A 91  . ? 1_555 ? 
17 AC2 27 GLN A 133 ? GLN A 113 . ? 2_655 ? 
18 AC2 27 ARG A 160 ? ARG A 140 . ? 3_665 ? 
19 AC2 27 GLY A 164 ? GLY A 144 . ? 3_665 ? 
20 AC2 27 HIS A 165 ? HIS A 145 . ? 3_665 ? 
21 AC2 27 GLY A 166 ? GLY A 146 . ? 3_665 ? 
22 AC2 27 SER A 167 ? SER A 147 . ? 3_665 ? 
23 AC2 27 SER A 168 ? SER A 148 . ? 3_665 ? 
24 AC2 27 MG  B .   ? MG  A 200 . ? 1_555 ? 
25 AC2 27 HOH E .   ? HOH A 780 . ? 1_555 ? 
26 AC2 27 HOH E .   ? HOH A 787 . ? 1_555 ? 
27 AC2 27 HOH E .   ? HOH A 792 . ? 1_555 ? 
28 AC2 27 HOH E .   ? HOH A 813 . ? 1_555 ? 
29 AC2 27 HOH E .   ? HOH A 902 . ? 1_555 ? 
30 AC2 27 HOH E .   ? HOH A 907 . ? 1_555 ? 
31 AC2 27 HOH E .   ? HOH A 909 . ? 1_555 ? 
32 AC3 12 SER A 94  ? SER A 74  . ? 2_655 ? 
33 AC3 12 SER A 94  ? SER A 74  . ? 1_555 ? 
34 AC3 12 SER A 94  ? SER A 74  . ? 3_665 ? 
35 AC3 12 ILE A 95  ? ILE A 75  . ? 2_655 ? 
36 AC3 12 ILE A 95  ? ILE A 75  . ? 3_665 ? 
37 AC3 12 ILE A 95  ? ILE A 75  . ? 1_555 ? 
38 AC3 12 VAL A 96  ? VAL A 76  . ? 1_555 ? 
39 AC3 12 VAL A 96  ? VAL A 76  . ? 2_655 ? 
40 AC3 12 VAL A 96  ? VAL A 76  . ? 3_665 ? 
41 AC3 12 HOH E .   ? HOH A 788 . ? 3_665 ? 
42 AC3 12 HOH E .   ? HOH A 788 . ? 2_655 ? 
43 AC3 12 HOH E .   ? HOH A 788 . ? 1_555 ? 
# 
_atom_sites.entry_id                    2PY4 
_atom_sites.fract_transf_matrix[1][1]   -0.01157956 
_atom_sites.fract_transf_matrix[1][2]   -0.00406272 
_atom_sites.fract_transf_matrix[1][3]   -0.01722814 
_atom_sites.fract_transf_matrix[2][1]   -0.01138533 
_atom_sites.fract_transf_matrix[2][2]   0.01540768 
_atom_sites.fract_transf_matrix[2][3]   -0.00896576 
_atom_sites.fract_transf_matrix[3][1]   0.00938111 
_atom_sites.fract_transf_matrix[3][2]   0.00286925 
_atom_sites.fract_transf_matrix[3][3]   -0.00698196 
_atom_sites.fract_transf_vector[1]      0.580760 
_atom_sites.fract_transf_vector[2]      0.368294 
_atom_sites.fract_transf_vector[3]      0.475041 
# 
loop_
_atom_type.symbol 
C  
MG 
N  
O  
P  
S  
# 
loop_
_atom_site.group_PDB 
_atom_site.id 
_atom_site.type_symbol 
_atom_site.label_atom_id 
_atom_site.label_alt_id 
_atom_site.label_comp_id 
_atom_site.label_asym_id 
_atom_site.label_entity_id 
_atom_site.label_seq_id 
_atom_site.pdbx_PDB_ins_code 
_atom_site.Cartn_x 
_atom_site.Cartn_y 
_atom_site.Cartn_z 
_atom_site.occupancy 
_atom_site.B_iso_or_equiv 
_atom_site.pdbx_formal_charge 
_atom_site.auth_seq_id 
_atom_site.auth_comp_id 
_atom_site.auth_asym_id 
_atom_site.auth_atom_id 
_atom_site.pdbx_PDB_model_num 
ATOM   1    N  N     . SER A 1 22  ? -19.135 3.845   12.638  1.00 36.48 ? 2   SER A N     1 
ATOM   2    C  CA    . SER A 1 22  ? -18.051 3.759   11.607  1.00 34.51 ? 2   SER A CA    1 
ATOM   3    C  C     . SER A 1 22  ? -16.774 3.215   12.244  1.00 27.78 ? 2   SER A C     1 
ATOM   4    O  O     . SER A 1 22  ? -16.618 3.224   13.455  1.00 27.29 ? 2   SER A O     1 
ATOM   5    C  CB    . SER A 1 22  ? -17.734 5.144   11.067  1.00 34.15 ? 2   SER A CB    1 
ATOM   6    O  OG    . SER A 1 22  ? -17.281 5.943   12.142  1.00 40.77 ? 2   SER A OG    1 
ATOM   7    N  N     . THR A 1 23  ? -15.818 2.807   11.432  1.00 25.75 ? 3   THR A N     1 
ATOM   8    C  CA    . THR A 1 23  ? -14.543 2.422   12.005  1.00 19.61 ? 3   THR A CA    1 
ATOM   9    C  C     . THR A 1 23  ? -13.715 3.655   12.146  1.00 17.25 ? 3   THR A C     1 
ATOM   10   O  O     . THR A 1 23  ? -13.395 4.313   11.187  1.00 20.98 ? 3   THR A O     1 
ATOM   11   C  CB    . THR A 1 23  ? -13.852 1.409   11.152  1.00 22.27 ? 3   THR A CB    1 
ATOM   12   O  OG1   . THR A 1 23  ? -14.660 0.197   11.141  1.00 30.02 ? 3   THR A OG1   1 
ATOM   13   C  CG2   . THR A 1 23  ? -12.439 1.103   11.717  1.00 23.89 ? 3   THR A CG2   1 
ATOM   14   N  N     . THR A 1 24  ? -13.364 3.999   13.363  1.00 16.73 ? 4   THR A N     1 
ATOM   15   C  CA    . THR A 1 24  ? -12.668 5.236   13.588  1.00 14.79 ? 4   THR A CA    1 
ATOM   16   C  C     . THR A 1 24  ? -11.189 4.918   13.444  1.00 17.71 ? 4   THR A C     1 
ATOM   17   O  O     . THR A 1 24  ? -10.735 3.789   13.731  1.00 20.92 ? 4   THR A O     1 
ATOM   18   C  CB    . THR A 1 24  ? -12.944 5.758   15.015  1.00 18.79 ? 4   THR A CB    1 
ATOM   19   O  OG1   . THR A 1 24  ? -12.639 4.704   15.925  1.00 24.02 ? 4   THR A OG1   1 
ATOM   20   C  CG2   . THR A 1 24  ? -14.416 6.079   15.169  1.00 16.32 ? 4   THR A CG2   1 
ATOM   21   N  N     . LEU A 1 25  ? -10.438 5.906   12.981  1.00 15.22 ? 5   LEU A N     1 
ATOM   22   C  CA    . LEU A 1 25  ? -9.003  5.781   12.897  1.00 14.35 ? 5   LEU A CA    1 
ATOM   23   C  C     . LEU A 1 25  ? -8.385  7.032   13.555  1.00 17.79 ? 5   LEU A C     1 
ATOM   24   O  O     . LEU A 1 25  ? -8.512  8.150   13.032  1.00 15.69 ? 5   LEU A O     1 
ATOM   25   C  CB    . LEU A 1 25  ? -8.612  5.689   11.438  1.00 13.79 ? 5   LEU A CB    1 
ATOM   26   C  CG    . LEU A 1 25  ? -7.075  5.536   11.205  1.00 16.32 ? 5   LEU A CG    1 
ATOM   27   C  CD1   . LEU A 1 25  ? -6.563  4.146   11.602  1.00 17.01 ? 5   LEU A CD1   1 
ATOM   28   C  CD2   . LEU A 1 25  ? -6.779  5.774   9.703   1.00 16.12 ? 5   LEU A CD2   1 
ATOM   29   N  N     . ALA A 1 26  ? -7.746  6.861   14.700  1.00 17.13 ? 6   ALA A N     1 
ATOM   30   C  CA    . ALA A 1 26  ? -7.070  8.016   15.332  1.00 16.09 ? 6   ALA A CA    1 
ATOM   31   C  C     . ALA A 1 26  ? -5.870  8.400   14.462  1.00 16.69 ? 6   ALA A C     1 
ATOM   32   O  O     . ALA A 1 26  ? -5.135  7.538   13.996  1.00 16.19 ? 6   ALA A O     1 
ATOM   33   C  CB    . ALA A 1 26  ? -6.595  7.697   16.734  1.00 16.72 ? 6   ALA A CB    1 
ATOM   34   N  N     . ILE A 1 27  ? -5.713  9.708   14.286  1.00 14.79 ? 7   ILE A N     1 
ATOM   35   C  CA    . ILE A 1 27  ? -4.619  10.202  13.458  1.00 15.06 ? 7   ILE A CA    1 
ATOM   36   C  C     . ILE A 1 27  ? -4.038  11.438  14.106  1.00 17.38 ? 7   ILE A C     1 
ATOM   37   O  O     . ILE A 1 27  ? -4.756  12.294  14.694  1.00 16.03 ? 7   ILE A O     1 
ATOM   38   C  CB    . ILE A 1 27  ? -5.171  10.588  12.053  1.00 15.94 ? 7   ILE A CB    1 
ATOM   39   C  CG1   . ILE A 1 27  ? -4.034  11.114  11.163  1.00 15.69 ? 7   ILE A CG1   1 
ATOM   40   C  CG2   . ILE A 1 27  ? -6.377  11.626  12.107  1.00 13.74 ? 7   ILE A CG2   1 
ATOM   41   C  CD1   . ILE A 1 27  ? -4.435  10.963  9.639   1.00 18.88 ? 7   ILE A CD1   1 
ATOM   42   N  N     . VAL A 1 28  ? -2.707  11.484  14.040  1.00 14.57 ? 8   VAL A N     1 
ATOM   43   C  CA    . VAL A 1 28  ? -1.931  12.684  14.457  1.00 16.01 ? 8   VAL A CA    1 
ATOM   44   C  C     . VAL A 1 28  ? -1.379  13.341  13.204  1.00 15.10 ? 8   VAL A C     1 
ATOM   45   O  O     . VAL A 1 28  ? -0.732  12.681  12.388  1.00 14.41 ? 8   VAL A O     1 
ATOM   46   C  CB    . VAL A 1 28  ? -0.763  12.312  15.381  1.00 13.03 ? 8   VAL A CB    1 
ATOM   47   C  CG1   . VAL A 1 28  ? 0.047   13.613  15.818  1.00 15.65 ? 8   VAL A CG1   1 
ATOM   48   C  CG2   . VAL A 1 28  ? -1.380  11.609  16.673  1.00 14.94 ? 8   VAL A CG2   1 
ATOM   49   N  N     . ARG A 1 29  ? -1.676  14.621  13.026  1.00 14.81 ? 9   ARG A N     1 
ATOM   50   C  CA    . ARG A 1 29  ? -1.052  15.385  11.940  1.00 13.57 ? 9   ARG A CA    1 
ATOM   51   C  C     . ARG A 1 29  ? 0.289   15.881  12.479  1.00 13.47 ? 9   ARG A C     1 
ATOM   52   O  O     . ARG A 1 29  ? 0.426   16.891  13.139  1.00 14.66 ? 9   ARG A O     1 
ATOM   53   C  CB    . ARG A 1 29  ? -1.954  16.523  11.471  1.00 16.60 ? 9   ARG A CB    1 
ATOM   54   C  CG    . ARG A 1 29  ? -3.008  15.943  10.524  1.00 14.78 ? 9   ARG A CG    1 
ATOM   55   C  CD    . ARG A 1 29  ? -3.595  17.146  9.710   1.00 16.15 ? 9   ARG A CD    1 
ATOM   56   N  NE    . ARG A 1 29  ? -4.579  17.830  10.512  1.00 17.92 ? 9   ARG A NE    1 
ATOM   57   C  CZ    . ARG A 1 29  ? -5.339  18.808  10.039  1.00 22.95 ? 9   ARG A CZ    1 
ATOM   58   N  NH1   . ARG A 1 29  ? -6.310  19.275  10.820  1.00 24.49 ? 9   ARG A NH1   1 
ATOM   59   N  NH2   . ARG A 1 29  ? -5.140  19.299  8.801   1.00 18.34 ? 9   ARG A NH2   1 
ATOM   60   N  N     . LEU A 1 30  ? 1.303   15.036  12.296  1.00 13.18 ? 10  LEU A N     1 
ATOM   61   C  CA    . LEU A 1 30  ? 2.680   15.410  12.613  1.00 14.62 ? 10  LEU A CA    1 
ATOM   62   C  C     . LEU A 1 30  ? 3.087   16.709  11.904  1.00 15.87 ? 10  LEU A C     1 
ATOM   63   O  O     . LEU A 1 30  ? 3.879   17.479  12.430  1.00 17.08 ? 10  LEU A O     1 
ATOM   64   C  CB    . LEU A 1 30  ? 3.643   14.257  12.225  1.00 13.04 ? 10  LEU A CB    1 
ATOM   65   C  CG    . LEU A 1 30  ? 3.343   12.937  12.955  1.00 13.77 ? 10  LEU A CG    1 
ATOM   66   C  CD1   . LEU A 1 30  ? 4.229   11.814  12.409  1.00 18.58 ? 10  LEU A CD1   1 
ATOM   67   C  CD2   . LEU A 1 30  ? 3.622   13.119  14.445  1.00 17.34 ? 10  LEU A CD2   1 
ATOM   68   N  N     . ASP A 1 31  ? 2.577   16.889  10.684  1.00 11.86 ? 11  ASP A N     1 
ATOM   69   C  CA    . ASP A 1 31  ? 2.711   18.141  9.921   1.00 11.15 ? 11  ASP A CA    1 
ATOM   70   C  C     . ASP A 1 31  ? 1.321   18.751  9.767   1.00 13.00 ? 11  ASP A C     1 
ATOM   71   O  O     . ASP A 1 31  ? 0.544   18.361  8.864   1.00 15.10 ? 11  ASP A O     1 
ATOM   72   C  CB    . ASP A 1 31  ? 3.330   17.843  8.596   1.00 13.98 ? 11  ASP A CB    1 
ATOM   73   C  CG    . ASP A 1 31  ? 3.676   19.092  7.826   1.00 23.00 ? 11  ASP A CG    1 
ATOM   74   O  OD1   . ASP A 1 31  ? 2.997   20.136  7.997   1.00 17.45 ? 11  ASP A OD1   1 
ATOM   75   O  OD2   . ASP A 1 31  ? 4.644   19.027  7.016   1.00 24.15 ? 11  ASP A OD2   1 
ATOM   76   N  N     . PRO A 1 32  ? 0.931   19.667  10.651  1.00 12.33 ? 12  PRO A N     1 
ATOM   77   C  CA    . PRO A 1 32  ? -0.419  20.241  10.669  1.00 12.59 ? 12  PRO A CA    1 
ATOM   78   C  C     . PRO A 1 32  ? -0.680  21.153  9.506   1.00 15.20 ? 12  PRO A C     1 
ATOM   79   O  O     . PRO A 1 32  ? -1.826  21.612  9.374   1.00 17.00 ? 12  PRO A O     1 
ATOM   80   C  CB    . PRO A 1 32  ? -0.482  21.037  11.977  1.00 13.98 ? 12  PRO A CB    1 
ATOM   81   C  CG    . PRO A 1 32  ? 0.776   20.704  12.704  1.00 19.26 ? 12  PRO A CG    1 
ATOM   82   C  CD    . PRO A 1 32  ? 1.781   20.086  11.784  1.00 13.39 ? 12  PRO A CD    1 
ATOM   83   N  N     . GLY A 1 33  ? 0.327   21.423  8.684   1.00 13.31 ? 13  GLY A N     1 
ATOM   84   C  CA    . GLY A 1 33  ? 0.136   22.232  7.481   1.00 14.94 ? 13  GLY A CA    1 
ATOM   85   C  C     . GLY A 1 33  ? -0.528  21.472  6.332   1.00 14.48 ? 13  GLY A C     1 
ATOM   86   O  O     . GLY A 1 33  ? -0.844  22.078  5.326   1.00 15.36 ? 13  GLY A O     1 
ATOM   87   N  N     . LEU A 1 34  ? -0.660  20.164  6.443   1.00 12.94 ? 14  LEU A N     1 
ATOM   88   C  CA    . LEU A 1 34  ? -1.323  19.379  5.422   1.00 11.02 ? 14  LEU A CA    1 
ATOM   89   C  C     . LEU A 1 34  ? -2.722  19.059  5.811   1.00 13.09 ? 14  LEU A C     1 
ATOM   90   O  O     . LEU A 1 34  ? -3.022  18.860  6.981   1.00 14.24 ? 14  LEU A O     1 
ATOM   91   C  CB    . LEU A 1 34  ? -0.572  18.089  5.205   1.00 13.34 ? 14  LEU A CB    1 
ATOM   92   C  CG    . LEU A 1 34  ? 0.933   18.197  5.018   1.00 13.54 ? 14  LEU A CG    1 
ATOM   93   C  CD1   . LEU A 1 34  ? 1.606   16.830  5.039   1.00 16.05 ? 14  LEU A CD1   1 
ATOM   94   C  CD2   . LEU A 1 34  ? 1.187   18.864  3.661   1.00 15.36 ? 14  LEU A CD2   1 
ATOM   95   N  N     . PRO A 1 35  ? -3.616  19.026  4.840   1.00 14.68 ? 15  PRO A N     1 
ATOM   96   C  CA    . PRO A 1 35  ? -4.971  18.638  5.186   1.00 14.54 ? 15  PRO A CA    1 
ATOM   97   C  C     . PRO A 1 35  ? -5.072  17.209  5.724   1.00 15.89 ? 15  PRO A C     1 
ATOM   98   O  O     . PRO A 1 35  ? -4.190  16.359  5.443   1.00 15.99 ? 15  PRO A O     1 
ATOM   99   C  CB    . PRO A 1 35  ? -5.715  18.710  3.856   1.00 16.66 ? 15  PRO A CB    1 
ATOM   100  C  CG    . PRO A 1 35  ? -4.779  19.506  2.910   1.00 13.39 ? 15  PRO A CG    1 
ATOM   101  C  CD    . PRO A 1 35  ? -3.400  19.284  3.405   1.00 15.66 ? 15  PRO A CD    1 
ATOM   102  N  N     . LEU A 1 36  ? -6.146  16.908  6.473   1.00 14.67 ? 16  LEU A N     1 
ATOM   103  C  CA    . LEU A 1 36  ? -6.362  15.494  6.842   1.00 14.01 ? 16  LEU A CA    1 
ATOM   104  C  C     . LEU A 1 36  ? -6.598  14.717  5.563   1.00 16.35 ? 16  LEU A C     1 
ATOM   105  O  O     . LEU A 1 36  ? -7.290  15.201  4.630   1.00 16.68 ? 16  LEU A O     1 
ATOM   106  C  CB    . LEU A 1 36  ? -7.615  15.327  7.682   1.00 20.83 ? 16  LEU A CB    1 
ATOM   107  C  CG    . LEU A 1 36  ? -7.462  15.663  9.164   1.00 19.96 ? 16  LEU A CG    1 
ATOM   108  C  CD1   . LEU A 1 36  ? -8.873  15.599  9.752   1.00 22.00 ? 16  LEU A CD1   1 
ATOM   109  C  CD2   . LEU A 1 36  ? -6.523  14.716  9.879   1.00 14.99 ? 16  LEU A CD2   1 
ATOM   110  N  N     . PRO A 1 37  ? -6.063  13.495  5.489   1.00 15.65 ? 17  PRO A N     1 
ATOM   111  C  CA    . PRO A 1 37  ? -6.346  12.653  4.328   1.00 15.00 ? 17  PRO A CA    1 
ATOM   112  C  C     . PRO A 1 37  ? -7.867  12.530  4.157   1.00 15.54 ? 17  PRO A C     1 
ATOM   113  O  O     . PRO A 1 37  ? -8.613  12.407  5.125   1.00 16.54 ? 17  PRO A O     1 
ATOM   114  C  CB    . PRO A 1 37  ? -5.762  11.316  4.719   1.00 16.10 ? 17  PRO A CB    1 
ATOM   115  C  CG    . PRO A 1 37  ? -4.504  11.764  5.574   1.00 14.54 ? 17  PRO A CG    1 
ATOM   116  C  CD    . PRO A 1 37  ? -5.114  12.866  6.422   1.00 14.15 ? 17  PRO A CD    1 
ATOM   117  N  N     . SER A 1 38  ? -8.342  12.503  2.908   1.00 16.51 ? 18  SER A N     1 
ATOM   118  C  CA    . SER A 1 38  ? -9.781  12.374  2.675   1.00 15.91 ? 18  SER A CA    1 
ATOM   119  C  C     . SER A 1 38  ? -10.018 11.509  1.453   1.00 16.06 ? 18  SER A C     1 
ATOM   120  O  O     . SER A 1 38  ? -9.091  11.283  0.629   1.00 15.71 ? 18  SER A O     1 
ATOM   121  C  CB    . SER A 1 38  ? -10.418 13.763  2.479   1.00 18.52 ? 18  SER A CB    1 
ATOM   122  O  OG    . SER A 1 38  ? -9.838  14.330  1.323   1.00 18.83 ? 18  SER A OG    1 
ATOM   123  N  N     . ARG A 1 39  ? -11.236 10.972  1.384   1.00 15.92 ? 19  ARG A N     1 
ATOM   124  C  CA    . ARG A 1 39  ? -11.713 10.216  0.229   1.00 16.83 ? 19  ARG A CA    1 
ATOM   125  C  C     . ARG A 1 39  ? -12.052 11.246  -0.854  1.00 16.86 ? 19  ARG A C     1 
ATOM   126  O  O     . ARG A 1 39  ? -12.751 12.224  -0.591  1.00 18.10 ? 19  ARG A O     1 
ATOM   127  C  CB    . ARG A 1 39  ? -12.965 9.417   0.573   1.00 18.03 ? 19  ARG A CB    1 
ATOM   128  C  CG    . ARG A 1 39  ? -12.693 8.182   1.452   1.00 18.72 ? 19  ARG A CG    1 
ATOM   129  C  CD    . ARG A 1 39  ? -14.001 7.521   1.824   1.00 16.56 ? 19  ARG A CD    1 
ATOM   130  N  NE    . ARG A 1 39  ? -14.628 8.212   2.933   1.00 22.32 ? 19  ARG A NE    1 
ATOM   131  C  CZ    . ARG A 1 39  ? -14.295 7.949   4.196   1.00 33.03 ? 19  ARG A CZ    1 
ATOM   132  N  NH1   . ARG A 1 39  ? -13.368 7.047   4.436   1.00 28.60 ? 19  ARG A NH1   1 
ATOM   133  N  NH2   . ARG A 1 39  ? -14.882 8.584   5.209   1.00 36.31 ? 19  ARG A NH2   1 
ATOM   134  N  N     . ALA A 1 40  ? -11.667 10.978  -2.100  1.00 17.34 ? 20  ALA A N     1 
ATOM   135  C  CA    . ALA A 1 40  ? -12.063 11.925  -3.169  1.00 16.70 ? 20  ALA A CA    1 
ATOM   136  C  C     . ALA A 1 40  ? -13.562 11.905  -3.393  1.00 21.25 ? 20  ALA A C     1 
ATOM   137  O  O     . ALA A 1 40  ? -14.170 12.930  -3.664  1.00 21.97 ? 20  ALA A O     1 
ATOM   138  C  CB    . ALA A 1 40  ? -11.295 11.613  -4.486  1.00 20.53 ? 20  ALA A CB    1 
ATOM   139  N  N     . HIS A 1 41  ? -14.151 10.723  -3.289  1.00 18.08 ? 21  HIS A N     1 
ATOM   140  C  CA    . HIS A 1 41  ? -15.593 10.522  -3.465  1.00 17.39 ? 21  HIS A CA    1 
ATOM   141  C  C     . HIS A 1 41  ? -16.159 9.546   -2.484  1.00 18.15 ? 21  HIS A C     1 
ATOM   142  O  O     . HIS A 1 41  ? -15.438 8.679   -1.948  1.00 17.34 ? 21  HIS A O     1 
ATOM   143  C  CB    . HIS A 1 41  ? -15.838 9.896   -4.843  1.00 19.68 ? 21  HIS A CB    1 
ATOM   144  C  CG    . HIS A 1 41  ? -15.527 10.814  -5.977  1.00 17.62 ? 21  HIS A CG    1 
ATOM   145  N  ND1   . HIS A 1 41  ? -16.460 11.709  -6.467  1.00 20.57 ? 21  HIS A ND1   1 
ATOM   146  C  CD2   . HIS A 1 41  ? -14.407 10.987  -6.716  1.00 22.34 ? 21  HIS A CD2   1 
ATOM   147  C  CE1   . HIS A 1 41  ? -15.920 12.399  -7.458  1.00 20.84 ? 21  HIS A CE1   1 
ATOM   148  N  NE2   . HIS A 1 41  ? -14.673 11.980  -7.633  1.00 20.87 ? 21  HIS A NE2   1 
ATOM   149  N  N     . ASP A 1 42  ? -17.464 9.672   -2.217  1.00 19.04 ? 22  ASP A N     1 
ATOM   150  C  CA    . ASP A 1 42  ? -18.152 8.794   -1.259  1.00 20.27 ? 22  ASP A CA    1 
ATOM   151  C  C     . ASP A 1 42  ? -17.879 7.365   -1.731  1.00 17.80 ? 22  ASP A C     1 
ATOM   152  O  O     . ASP A 1 42  ? -17.956 7.107   -2.929  1.00 18.36 ? 22  ASP A O     1 
ATOM   153  C  CB    . ASP A 1 42  ? -19.674 9.078   -1.323  1.00 21.26 ? 22  ASP A CB    1 
ATOM   154  N  N     . GLY A 1 43  ? -17.616 6.484   -0.777  1.00 16.52 ? 23  GLY A N     1 
ATOM   155  C  CA    . GLY A 1 43  ? -17.427 5.084   -1.091  1.00 19.19 ? 23  GLY A CA    1 
ATOM   156  C  C     . GLY A 1 43  ? -15.987 4.749   -1.521  1.00 19.45 ? 23  GLY A C     1 
ATOM   157  O  O     . GLY A 1 43  ? -15.677 3.557   -1.637  1.00 16.29 ? 23  GLY A O     1 
ATOM   158  N  N     . ASP A 1 44  ? -15.155 5.757   -1.829  1.00 18.02 ? 24  ASP A N     1 
ATOM   159  C  CA    . ASP A 1 44  ? -13.783 5.456   -2.248  1.00 15.85 ? 24  ASP A CA    1 
ATOM   160  C  C     . ASP A 1 44  ? -13.082 4.649   -1.183  1.00 16.62 ? 24  ASP A C     1 
ATOM   161  O  O     . ASP A 1 44  ? -13.269 4.849   0.046   1.00 17.68 ? 24  ASP A O     1 
ATOM   162  C  CB    . ASP A 1 44  ? -12.928 6.690   -2.493  1.00 14.22 ? 24  ASP A CB    1 
ATOM   163  C  CG    . ASP A 1 44  ? -13.210 7.371   -3.861  1.00 17.10 ? 24  ASP A CG    1 
ATOM   164  O  OD1   . ASP A 1 44  ? -13.964 6.768   -4.725  1.00 16.55 ? 24  ASP A OD1   1 
ATOM   165  O  OD2   . ASP A 1 44  ? -12.567 8.436   -4.080  1.00 18.11 ? 24  ASP A OD2   1 
ATOM   166  N  N     . ALA A 1 45  ? -12.207 3.750   -1.643  1.00 14.65 ? 25  ALA A N     1 
ATOM   167  C  CA    . ALA A 1 45  ? -11.630 2.797   -0.701  1.00 17.11 ? 25  ALA A CA    1 
ATOM   168  C  C     . ALA A 1 45  ? -10.612 3.393   0.242   1.00 16.06 ? 25  ALA A C     1 
ATOM   169  O  O     . ALA A 1 45  ? -10.410 2.882   1.355   1.00 18.88 ? 25  ALA A O     1 
ATOM   170  C  CB    . ALA A 1 45  ? -11.015 1.666   -1.469  1.00 17.71 ? 25  ALA A CB    1 
ATOM   171  N  N     . GLY A 1 46  ? -9.938  4.418   -0.244  1.00 15.56 ? 26  GLY A N     1 
ATOM   172  C  CA    . GLY A 1 46  ? -8.775  4.960   0.416   1.00 17.70 ? 26  GLY A CA    1 
ATOM   173  C  C     . GLY A 1 46  ? -8.945  6.452   0.692   1.00 20.12 ? 26  GLY A C     1 
ATOM   174  O  O     . GLY A 1 46  ? -9.738  7.147   0.064   1.00 16.03 ? 26  GLY A O     1 
ATOM   175  N  N     . VAL A 1 47  ? -8.167  6.937   1.643   1.00 14.24 ? 27  VAL A N     1 
ATOM   176  C  CA    . VAL A 1 47  ? -8.009  8.356   1.903   1.00 14.13 ? 27  VAL A CA    1 
ATOM   177  C  C     . VAL A 1 47  ? -6.656  8.744   1.355   1.00 13.75 ? 27  VAL A C     1 
ATOM   178  O  O     . VAL A 1 47  ? -5.653  8.009   1.471   1.00 13.45 ? 27  VAL A O     1 
ATOM   179  C  CB    . VAL A 1 47  ? -8.140  8.735   3.419   1.00 13.80 ? 27  VAL A CB    1 
ATOM   180  C  CG1   . VAL A 1 47  ? -9.566  8.521   3.857   1.00 17.52 ? 27  VAL A CG1   1 
ATOM   181  C  CG2   . VAL A 1 47  ? -7.138  7.923   4.309   1.00 14.37 ? 27  VAL A CG2   1 
ATOM   182  N  N     . ASP A 1 48  ? -6.605  9.873   0.673   1.00 13.35 ? 28  ASP A N     1 
ATOM   183  C  CA    . ASP A 1 48  ? -5.351  10.176  -0.028  1.00 13.86 ? 28  ASP A CA    1 
ATOM   184  C  C     . ASP A 1 48  ? -4.327  10.757  0.938   1.00 17.33 ? 28  ASP A C     1 
ATOM   185  O  O     . ASP A 1 48  ? -4.631  11.639  1.719   1.00 15.58 ? 28  ASP A O     1 
ATOM   186  C  CB    . ASP A 1 48  ? -5.575  11.196  -1.167  1.00 13.54 ? 28  ASP A CB    1 
ATOM   187  C  CG    . ASP A 1 48  ? -6.382  10.611  -2.326  1.00 17.56 ? 28  ASP A CG    1 
ATOM   188  O  OD1   . ASP A 1 48  ? -6.588  9.360   -2.347  1.00 15.73 ? 28  ASP A OD1   1 
ATOM   189  O  OD2   . ASP A 1 48  ? -6.766  11.435  -3.175  1.00 18.81 ? 28  ASP A OD2   1 
ATOM   190  N  N     . LEU A 1 49  ? -3.093  10.293  0.843   1.00 13.39 ? 29  LEU A N     1 
ATOM   191  C  CA    . LEU A 1 49  ? -2.026  10.790  1.659   1.00 14.77 ? 29  LEU A CA    1 
ATOM   192  C  C     . LEU A 1 49  ? -1.269  11.865  0.910   1.00 14.48 ? 29  LEU A C     1 
ATOM   193  O  O     . LEU A 1 49  ? -1.060  11.771  -0.317  1.00 14.43 ? 29  LEU A O     1 
ATOM   194  C  CB    . LEU A 1 49  ? -1.044  9.653   1.885   1.00 15.84 ? 29  LEU A CB    1 
ATOM   195  C  CG    . LEU A 1 49  ? -1.652  8.503   2.726   1.00 14.40 ? 29  LEU A CG    1 
ATOM   196  C  CD1   . LEU A 1 49  ? -0.680  7.337   2.752   1.00 17.23 ? 29  LEU A CD1   1 
ATOM   197  C  CD2   . LEU A 1 49  ? -1.850  8.975   4.177   1.00 20.22 ? 29  LEU A CD2   1 
ATOM   198  N  N     . TYR A 1 50  ? -0.841  12.868  1.684   1.00 13.65 ? 30  TYR A N     1 
ATOM   199  C  CA    . TYR A 1 50  ? -0.097  14.034  1.107   1.00 13.97 ? 30  TYR A CA    1 
ATOM   200  C  C     . TYR A 1 50  ? 1.375   13.802  1.285   1.00 15.86 ? 30  TYR A C     1 
ATOM   201  O  O     . TYR A 1 50  ? 1.792   13.140  2.219   1.00 16.38 ? 30  TYR A O     1 
ATOM   202  C  CB    . TYR A 1 50  ? -0.505  15.327  1.868   1.00 15.23 ? 30  TYR A CB    1 
ATOM   203  C  CG    . TYR A 1 50  ? -1.908  15.682  1.589   1.00 13.21 ? 30  TYR A CG    1 
ATOM   204  C  CD1   . TYR A 1 50  ? -2.219  16.500  0.490   1.00 12.62 ? 30  TYR A CD1   1 
ATOM   205  C  CD2   . TYR A 1 50  ? -2.935  15.286  2.438   1.00 13.01 ? 30  TYR A CD2   1 
ATOM   206  C  CE1   . TYR A 1 50  ? -3.513  16.856  0.230   1.00 13.93 ? 30  TYR A CE1   1 
ATOM   207  C  CE2   . TYR A 1 50  ? -4.247  15.587  2.151   1.00 15.51 ? 30  TYR A CE2   1 
ATOM   208  C  CZ    . TYR A 1 50  ? -4.540  16.346  1.029   1.00 16.11 ? 30  TYR A CZ    1 
ATOM   209  O  OH    . TYR A 1 50  ? -5.909  16.647  0.881   1.00 18.61 ? 30  TYR A OH    1 
ATOM   210  N  N     . SER A 1 51  ? 2.165   14.432  0.409   1.00 14.22 ? 31  SER A N     1 
ATOM   211  C  CA    . SER A 1 51  ? 3.587   14.513  0.648   1.00 13.70 ? 31  SER A CA    1 
ATOM   212  C  C     . SER A 1 51  ? 3.883   15.698  1.562   1.00 16.25 ? 31  SER A C     1 
ATOM   213  O  O     . SER A 1 51  ? 3.411   16.847  1.261   1.00 15.41 ? 31  SER A O     1 
ATOM   214  C  CB    . SER A 1 51  ? 4.353   14.795  -0.623  1.00 14.54 ? 31  SER A CB    1 
ATOM   215  O  OG    . SER A 1 51  ? 5.732   14.851  -0.250  1.00 15.12 ? 31  SER A OG    1 
ATOM   216  N  N     . ALA A 1 52  ? 4.660   15.454  2.625   1.00 14.37 ? 32  ALA A N     1 
ATOM   217  C  CA    . ALA A 1 52  ? 5.118   16.596  3.434   1.00 15.25 ? 32  ALA A CA    1 
ATOM   218  C  C     . ALA A 1 52  ? 6.258   17.315  2.771   1.00 21.85 ? 32  ALA A C     1 
ATOM   219  O  O     . ALA A 1 52  ? 6.678   18.389  3.219   1.00 23.41 ? 32  ALA A O     1 
ATOM   220  C  CB    . ALA A 1 52  ? 5.558   16.152  4.843   1.00 15.03 ? 32  ALA A CB    1 
ATOM   221  N  N     . GLU A 1 53  ? 6.820   16.692  1.736   1.00 17.40 ? 33  GLU A N     1 
ATOM   222  C  CA    . GLU A 1 53  ? 8.104   17.112  1.187   1.00 19.09 ? 33  GLU A CA    1 
ATOM   223  C  C     . GLU A 1 53  ? 8.095   17.424  -0.276  1.00 20.30 ? 33  GLU A C     1 
ATOM   224  O  O     . GLU A 1 53  ? 7.353   16.851  -1.037  1.00 17.60 ? 33  GLU A O     1 
ATOM   225  C  CB    . GLU A 1 53  ? 9.126   15.967  1.331   1.00 19.49 ? 33  GLU A CB    1 
ATOM   226  C  CG    . GLU A 1 53  ? 9.256   15.392  2.692   1.00 22.71 ? 33  GLU A CG    1 
ATOM   227  C  CD    . GLU A 1 53  ? 10.258  14.255  2.651   1.00 28.57 ? 33  GLU A CD    1 
ATOM   228  O  OE1   . GLU A 1 53  ? 10.033  13.219  3.287   1.00 20.19 ? 33  GLU A OE1   1 
ATOM   229  O  OE2   . GLU A 1 53  ? 11.251  14.386  1.888   1.00 34.04 ? 33  GLU A OE2   1 
ATOM   230  N  N     . ASP A 1 54  ? 8.997   18.311  -0.691  1.00 20.53 ? 34  ASP A N     1 
ATOM   231  C  CA    . ASP A 1 54  ? 9.298   18.401  -2.112  1.00 19.64 ? 34  ASP A CA    1 
ATOM   232  C  C     . ASP A 1 54  ? 10.346  17.352  -2.408  1.00 23.81 ? 34  ASP A C     1 
ATOM   233  O  O     . ASP A 1 54  ? 11.328  17.245  -1.717  1.00 23.38 ? 34  ASP A O     1 
ATOM   234  C  CB    . ASP A 1 54  ? 9.909   19.752  -2.417  1.00 19.70 ? 34  ASP A CB    1 
ATOM   235  C  CG    . ASP A 1 54  ? 8.983   20.891  -2.108  1.00 27.89 ? 34  ASP A CG    1 
ATOM   236  O  OD1   . ASP A 1 54  ? 7.791   20.803  -2.442  1.00 19.87 ? 34  ASP A OD1   1 
ATOM   237  O  OD2   . ASP A 1 54  ? 9.475   21.906  -1.569  1.00 38.42 ? 34  ASP A OD2   1 
ATOM   238  N  N     . VAL A 1 55  ? 10.157  16.600  -3.466  1.00 18.23 ? 35  VAL A N     1 
ATOM   239  C  CA    . VAL A 1 55  ? 11.197  15.611  -3.854  1.00 21.86 ? 35  VAL A CA    1 
ATOM   240  C  C     . VAL A 1 55  ? 11.137  15.456  -5.353  1.00 18.33 ? 35  VAL A C     1 
ATOM   241  O  O     . VAL A 1 55  ? 10.089  15.581  -5.992  1.00 19.53 ? 35  VAL A O     1 
ATOM   242  C  CB    . VAL A 1 55  ? 10.996  14.260  -3.133  1.00 30.83 ? 35  VAL A CB    1 
ATOM   243  C  CG1   . VAL A 1 55  ? 9.649   13.741  -3.456  1.00 25.11 ? 35  VAL A CG1   1 
ATOM   244  C  CG2   . VAL A 1 55  ? 12.031  13.243  -3.545  1.00 35.34 ? 35  VAL A CG2   1 
ATOM   245  N  N     . GLU A 1 56  ? 12.308  15.228  -5.937  1.00 17.25 ? 36  GLU A N     1 
ATOM   246  C  CA    . GLU A 1 56  ? 12.361  15.058  -7.391  1.00 17.47 ? 36  GLU A CA    1 
ATOM   247  C  C     . GLU A 1 56  ? 13.066  13.755  -7.639  1.00 18.35 ? 36  GLU A C     1 
ATOM   248  O  O     . GLU A 1 56  ? 14.155  13.521  -7.113  1.00 20.91 ? 36  GLU A O     1 
ATOM   249  C  CB    . GLU A 1 56  ? 13.148  16.230  -8.035  1.00 17.67 ? 36  GLU A CB    1 
ATOM   250  C  CG    . GLU A 1 56  ? 13.385  16.000  -9.510  1.00 18.65 ? 36  GLU A CG    1 
ATOM   251  C  CD    . GLU A 1 56  ? 13.941  17.210  -10.215 1.00 25.68 ? 36  GLU A CD    1 
ATOM   252  O  OE1   . GLU A 1 56  ? 13.747  18.306  -9.681  1.00 21.25 ? 36  GLU A OE1   1 
ATOM   253  O  OE2   . GLU A 1 56  ? 14.470  17.054  -11.326 1.00 22.90 ? 36  GLU A OE2   1 
ATOM   254  N  N     . LEU A 1 57  ? 12.388  12.845  -8.350  1.00 14.89 ? 37  LEU A N     1 
ATOM   255  C  CA    . LEU A 1 57  ? 12.931  11.518  -8.583  1.00 16.22 ? 37  LEU A CA    1 
ATOM   256  C  C     . LEU A 1 57  ? 13.381  11.366  -10.023 1.00 14.01 ? 37  LEU A C     1 
ATOM   257  O  O     . LEU A 1 57  ? 12.541  11.411  -10.964 1.00 15.38 ? 37  LEU A O     1 
ATOM   258  C  CB    . LEU A 1 57  ? 11.846  10.446  -8.347  1.00 14.28 ? 37  LEU A CB    1 
ATOM   259  C  CG    . LEU A 1 57  ? 11.398  10.409  -6.895  1.00 17.05 ? 37  LEU A CG    1 
ATOM   260  C  CD1   . LEU A 1 57  ? 10.245  9.394   -6.846  1.00 21.59 ? 37  LEU A CD1   1 
ATOM   261  C  CD2   . LEU A 1 57  ? 12.539  9.977   -5.971  1.00 22.46 ? 37  LEU A CD2   1 
ATOM   262  N  N     . ALA A 1 58  ? 14.679  11.172  -10.251 1.00 14.51 ? 38  ALA A N     1 
ATOM   263  C  CA    . ALA A 1 58  ? 15.127  10.772  -11.565 1.00 13.94 ? 38  ALA A CA    1 
ATOM   264  C  C     . ALA A 1 58  ? 14.604  9.386   -11.906 1.00 16.04 ? 38  ALA A C     1 
ATOM   265  O  O     . ALA A 1 58  ? 14.222  8.606   -11.030 1.00 15.17 ? 38  ALA A O     1 
ATOM   266  C  CB    . ALA A 1 58  ? 16.699  10.736  -11.658 1.00 14.16 ? 38  ALA A CB    1 
ATOM   267  N  N     . PRO A 1 59  ? 14.585  9.074   -13.206 1.00 14.03 ? 39  PRO A N     1 
ATOM   268  C  CA    . PRO A 1 59  ? 14.205  7.745   -13.620 1.00 13.33 ? 39  PRO A CA    1 
ATOM   269  C  C     . PRO A 1 59  ? 14.917  6.692   -12.829 1.00 15.02 ? 39  PRO A C     1 
ATOM   270  O  O     . PRO A 1 59  ? 16.166  6.703   -12.752 1.00 14.81 ? 39  PRO A O     1 
ATOM   271  C  CB    . PRO A 1 59  ? 14.566  7.733   -15.130 1.00 16.95 ? 39  PRO A CB    1 
ATOM   272  C  CG    . PRO A 1 59  ? 14.335  9.154   -15.509 1.00 20.37 ? 39  PRO A CG    1 
ATOM   273  C  CD    . PRO A 1 59  ? 14.882  9.965   -14.367 1.00 14.16 ? 39  PRO A CD    1 
ATOM   274  N  N     . GLY A 1 60  ? 14.126  5.797   -12.267 1.00 13.29 ? 40  GLY A N     1 
ATOM   275  C  CA    . GLY A 1 60  ? 14.636  4.663   -11.602 1.00 16.05 ? 40  GLY A CA    1 
ATOM   276  C  C     . GLY A 1 60  ? 14.971  4.900   -10.130 1.00 16.92 ? 40  GLY A C     1 
ATOM   277  O  O     . GLY A 1 60  ? 15.279  3.956   -9.396  1.00 15.91 ? 40  GLY A O     1 
ATOM   278  N  N     . ARG A 1 61  ? 14.924  6.163   -9.706  1.00 11.55 ? 41  ARG A N     1 
ATOM   279  C  CA    . ARG A 1 61  ? 15.268  6.486   -8.291  1.00 13.65 ? 41  ARG A CA    1 
ATOM   280  C  C     . ARG A 1 61  ? 14.050  6.364   -7.381  1.00 14.10 ? 41  ARG A C     1 
ATOM   281  O  O     . ARG A 1 61  ? 12.883  6.541   -7.811  1.00 14.07 ? 41  ARG A O     1 
ATOM   282  C  CB    . ARG A 1 61  ? 15.866  7.884   -8.153  1.00 15.20 ? 41  ARG A CB    1 
ATOM   283  C  CG    . ARG A 1 61  ? 17.111  8.070   -8.966  1.00 17.16 ? 41  ARG A CG    1 
ATOM   284  C  CD    . ARG A 1 61  ? 18.241  7.194   -8.458  1.00 22.54 ? 41  ARG A CD    1 
ATOM   285  N  N     . ARG A 1 62  ? 14.336  6.070   -6.116  1.00 13.50 ? 42  ARG A N     1 
ATOM   286  C  CA    . ARG A 1 62  ? 13.258  6.019   -5.101  1.00 15.10 ? 42  ARG A CA    1 
ATOM   287  C  C     . ARG A 1 62  ? 13.577  7.012   -4.027  1.00 15.54 ? 42  ARG A C     1 
ATOM   288  O  O     . ARG A 1 62  ? 14.724  7.502   -3.864  1.00 15.37 ? 42  ARG A O     1 
ATOM   289  C  CB    . ARG A 1 62  ? 13.145  4.622   -4.475  1.00 13.15 ? 42  ARG A CB    1 
ATOM   290  C  CG    . ARG A 1 62  ? 14.449  4.172   -3.788  1.00 16.68 ? 42  ARG A CG    1 
ATOM   291  C  CD    . ARG A 1 62  ? 14.319  2.656   -3.371  1.00 15.17 ? 42  ARG A CD    1 
ATOM   292  N  NE    . ARG A 1 62  ? 15.511  2.238   -2.617  1.00 14.78 ? 42  ARG A NE    1 
ATOM   293  C  CZ    . ARG A 1 62  ? 16.692  1.929   -3.161  1.00 15.33 ? 42  ARG A CZ    1 
ATOM   294  N  NH1   . ARG A 1 62  ? 16.898  1.900   -4.505  1.00 16.09 ? 42  ARG A NH1   1 
ATOM   295  N  NH2   . ARG A 1 62  ? 17.721  1.600   -2.325  1.00 15.23 ? 42  ARG A NH2   1 
ATOM   296  N  N     . ALA A 1 63  ? 12.556  7.263   -3.208  1.00 12.96 ? 43  ALA A N     1 
ATOM   297  C  CA    . ALA A 1 63  ? 12.800  8.080   -1.992  1.00 14.27 ? 43  ALA A CA    1 
ATOM   298  C  C     . ALA A 1 63  ? 11.842  7.572   -0.943  1.00 15.87 ? 43  ALA A C     1 
ATOM   299  O  O     . ALA A 1 63  ? 10.832  6.900   -1.266  1.00 17.30 ? 43  ALA A O     1 
ATOM   300  C  CB    . ALA A 1 63  ? 12.573  9.508   -2.284  1.00 16.84 ? 43  ALA A CB    1 
ATOM   301  N  N     . LEU A 1 64  ? 12.137  7.857   0.326   1.00 14.55 ? 44  LEU A N     1 
ATOM   302  C  CA    . LEU A 1 64  ? 11.227  7.533   1.372   1.00 14.27 ? 44  LEU A CA    1 
ATOM   303  C  C     . LEU A 1 64  ? 10.603  8.832   1.849   1.00 17.39 ? 44  LEU A C     1 
ATOM   304  O  O     . LEU A 1 64  ? 11.291  9.688   2.410   1.00 17.42 ? 44  LEU A O     1 
ATOM   305  C  CB    . LEU A 1 64  ? 11.965  6.822   2.496   1.00 16.16 ? 44  LEU A CB    1 
ATOM   306  C  CG    . LEU A 1 64  ? 11.006  6.425   3.601   1.00 17.81 ? 44  LEU A CG    1 
ATOM   307  C  CD1   . LEU A 1 64  ? 9.896   5.406   3.140   1.00 16.89 ? 44  LEU A CD1   1 
ATOM   308  C  CD2   . LEU A 1 64  ? 11.884  5.751   4.721   1.00 18.56 ? 44  LEU A CD2   1 
ATOM   309  N  N     . VAL A 1 65  ? 9.310   9.000   1.557   1.00 14.86 ? 45  VAL A N     1 
ATOM   310  C  CA    . VAL A 1 65  ? 8.712   10.335  1.647   1.00 15.03 ? 45  VAL A CA    1 
ATOM   311  C  C     . VAL A 1 65  ? 7.821   10.427  2.840   1.00 15.43 ? 45  VAL A C     1 
ATOM   312  O  O     . VAL A 1 65  ? 6.948   9.573   3.042   1.00 14.33 ? 45  VAL A O     1 
ATOM   313  C  CB    . VAL A 1 65  ? 7.911   10.607  0.355   1.00 14.57 ? 45  VAL A CB    1 
ATOM   314  C  CG1   . VAL A 1 65  ? 7.299   12.013  0.390   1.00 16.61 ? 45  VAL A CG1   1 
ATOM   315  C  CG2   . VAL A 1 65  ? 8.906   10.495  -0.834  1.00 15.51 ? 45  VAL A CG2   1 
ATOM   316  N  N     . ARG A 1 66  ? 7.977   11.484  3.625   1.00 16.30 ? 46  ARG A N     1 
ATOM   317  C  CA    . ARG A 1 66  ? 7.078   11.634  4.797   1.00 15.36 ? 46  ARG A CA    1 
ATOM   318  C  C     . ARG A 1 66  ? 5.732   12.132  4.377   1.00 13.80 ? 46  ARG A C     1 
ATOM   319  O  O     . ARG A 1 66  ? 5.636   12.992  3.505   1.00 15.36 ? 46  ARG A O     1 
ATOM   320  C  CB    . ARG A 1 66  ? 7.687   12.649  5.762   1.00 15.27 ? 46  ARG A CB    1 
ATOM   321  C  CG    . ARG A 1 66  ? 9.021   12.117  6.364   1.00 18.84 ? 46  ARG A CG    1 
ATOM   322  C  CD    . ARG A 1 66  ? 9.629   13.118  7.376   1.00 25.31 ? 46  ARG A CD    1 
ATOM   323  N  NE    . ARG A 1 66  ? 10.330  14.175  6.639   1.00 38.44 ? 46  ARG A NE    1 
ATOM   324  C  CZ    . ARG A 1 66  ? 9.864   15.399  6.401   1.00 65.50 ? 46  ARG A CZ    1 
ATOM   325  N  NH1   . ARG A 1 66  ? 8.668   15.771  6.838   1.00 39.74 ? 46  ARG A NH1   1 
ATOM   326  N  NH2   . ARG A 1 66  ? 10.617  16.266  5.736   1.00 46.29 ? 46  ARG A NH2   1 
ATOM   327  N  N     . THR A 1 67  ? 4.696   11.616  5.040   1.00 14.53 ? 47  THR A N     1 
ATOM   328  C  CA    . THR A 1 67  ? 3.305   12.004  4.757   1.00 12.58 ? 47  THR A CA    1 
ATOM   329  C  C     . THR A 1 67  ? 2.787   12.968  5.787   1.00 12.60 ? 47  THR A C     1 
ATOM   330  O  O     . THR A 1 67  ? 1.677   13.521  5.601   1.00 14.36 ? 47  THR A O     1 
ATOM   331  C  CB    . THR A 1 67  ? 2.358   10.826  4.768   1.00 13.67 ? 47  THR A CB    1 
ATOM   332  O  OG1   . THR A 1 67  ? 2.330   10.255  6.079   1.00 14.76 ? 47  THR A OG1   1 
ATOM   333  C  CG2   . THR A 1 67  ? 2.758   9.758   3.675   1.00 15.01 ? 47  THR A CG2   1 
ATOM   334  N  N     . GLY A 1 68  ? 3.510   13.165  6.874   1.00 14.49 ? 48  GLY A N     1 
ATOM   335  C  CA    . GLY A 1 68  ? 3.023   14.095  7.870   1.00 13.13 ? 48  GLY A CA    1 
ATOM   336  C  C     . GLY A 1 68  ? 1.918   13.564  8.749   1.00 14.65 ? 48  GLY A C     1 
ATOM   337  O  O     . GLY A 1 68  ? 1.347   14.317  9.548   1.00 12.36 ? 48  GLY A O     1 
ATOM   338  N  N     . VAL A 1 69  ? 1.658   12.256  8.686   1.00 13.91 ? 49  VAL A N     1 
ATOM   339  C  CA    . VAL A 1 69  ? 0.628   11.679  9.566   1.00 12.02 ? 49  VAL A CA    1 
ATOM   340  C  C     . VAL A 1 69  ? 1.162   10.447  10.266  1.00 15.47 ? 49  VAL A C     1 
ATOM   341  O  O     . VAL A 1 69  ? 2.024   9.728   9.729   1.00 14.47 ? 49  VAL A O     1 
ATOM   342  C  CB    . VAL A 1 69  ? -0.704  11.330  8.892   1.00 13.31 ? 49  VAL A CB    1 
ATOM   343  C  CG1   . VAL A 1 69  ? -1.250  12.582  8.252   1.00 12.98 ? 49  VAL A CG1   1 
ATOM   344  C  CG2   . VAL A 1 69  ? -0.544  10.178  7.831   1.00 13.60 ? 49  VAL A CG2   1 
ATOM   345  N  N     . ALA A 1 70  ? 0.575   10.211  11.445  1.00 14.06 ? 50  ALA A N     1 
ATOM   346  C  CA    . ALA A 1 70  ? 0.709   8.922   12.124  1.00 13.46 ? 50  ALA A CA    1 
ATOM   347  C  C     . ALA A 1 70  ? -0.689  8.471   12.400  1.00 14.40 ? 50  ALA A C     1 
ATOM   348  O  O     . ALA A 1 70  ? -1.561  9.290   12.738  1.00 13.54 ? 50  ALA A O     1 
ATOM   349  C  CB    . ALA A 1 70  ? 1.446   9.040   13.472  1.00 14.30 ? 50  ALA A CB    1 
ATOM   350  N  N     . VAL A 1 71  ? -0.925  7.165   12.354  1.00 15.02 ? 51  VAL A N     1 
ATOM   351  C  CA    . VAL A 1 71  ? -2.257  6.650   12.641  1.00 12.39 ? 51  VAL A CA    1 
ATOM   352  C  C     . VAL A 1 71  ? -2.221  5.468   13.584  1.00 15.65 ? 51  VAL A C     1 
ATOM   353  O  O     . VAL A 1 71  ? -1.139  4.879   13.766  1.00 16.74 ? 51  VAL A O     1 
ATOM   354  C  CB    . VAL A 1 71  ? -2.944  6.147   11.366  1.00 14.35 ? 51  VAL A CB    1 
ATOM   355  C  CG1   . VAL A 1 71  ? -3.096  7.303   10.365  1.00 16.30 ? 51  VAL A CG1   1 
ATOM   356  C  CG2   . VAL A 1 71  ? -2.125  4.971   10.708  1.00 16.05 ? 51  VAL A CG2   1 
ATOM   357  N  N     . ALA A 1 72  ? -3.379  5.139   14.160  1.00 13.96 ? 52  ALA A N     1 
ATOM   358  C  CA    . ALA A 1 72  ? -3.430  3.949   15.014  1.00 16.99 ? 52  ALA A CA    1 
ATOM   359  C  C     . ALA A 1 72  ? -4.398  2.969   14.359  1.00 14.49 ? 52  ALA A C     1 
ATOM   360  O  O     . ALA A 1 72  ? -5.586  3.005   14.597  1.00 16.71 ? 52  ALA A O     1 
ATOM   361  C  CB    . ALA A 1 72  ? -3.917  4.331   16.443  1.00 15.47 ? 52  ALA A CB    1 
ATOM   362  N  N     . VAL A 1 73  ? -3.905  2.138   13.455  1.00 15.13 ? 53  VAL A N     1 
ATOM   363  C  CA    . VAL A 1 73  ? -4.777  1.122   12.844  1.00 13.04 ? 53  VAL A CA    1 
ATOM   364  C  C     . VAL A 1 73  ? -5.301  0.227   13.969  1.00 15.03 ? 53  VAL A C     1 
ATOM   365  O  O     . VAL A 1 73  ? -4.480  -0.238  14.778  1.00 16.40 ? 53  VAL A O     1 
ATOM   366  C  CB    . VAL A 1 73  ? -3.954  0.298   11.807  1.00 14.72 ? 53  VAL A CB    1 
ATOM   367  C  CG1   . VAL A 1 73  ? -4.739  -0.921  11.336  1.00 14.11 ? 53  VAL A CG1   1 
ATOM   368  C  CG2   . VAL A 1 73  ? -3.582  1.204   10.663  1.00 17.51 ? 53  VAL A CG2   1 
ATOM   369  N  N     . PRO A 1 74  ? -6.610  -0.004  14.015  1.00 16.14 ? 54  PRO A N     1 
ATOM   370  C  CA    . PRO A 1 74  ? -7.142  -0.852  15.121  1.00 16.22 ? 54  PRO A CA    1 
ATOM   371  C  C     . PRO A 1 74  ? -6.556  -2.252  15.123  1.00 16.29 ? 54  PRO A C     1 
ATOM   372  O  O     . PRO A 1 74  ? -6.281  -2.833  14.065  1.00 15.31 ? 54  PRO A O     1 
ATOM   373  C  CB    . PRO A 1 74  ? -8.673  -0.920  14.843  1.00 17.18 ? 54  PRO A CB    1 
ATOM   374  C  CG    . PRO A 1 74  ? -8.973  0.387   14.083  1.00 19.80 ? 54  PRO A CG    1 
ATOM   375  C  CD    . PRO A 1 74  ? -7.685  0.584   13.193  1.00 18.57 ? 54  PRO A CD    1 
ATOM   376  N  N     . PHE A 1 75  ? -6.437  -2.827  16.323  1.00 16.14 ? 55  PHE A N     1 
ATOM   377  C  CA    . PHE A 1 75  ? -6.038  -4.228  16.398  1.00 16.63 ? 55  PHE A CA    1 
ATOM   378  C  C     . PHE A 1 75  ? -7.004  -5.066  15.594  1.00 19.19 ? 55  PHE A C     1 
ATOM   379  O  O     . PHE A 1 75  ? -8.229  -4.891  15.676  1.00 20.22 ? 55  PHE A O     1 
ATOM   380  C  CB    . PHE A 1 75  ? -5.998  -4.669  17.881  1.00 19.41 ? 55  PHE A CB    1 
ATOM   381  C  CG    . PHE A 1 75  ? -5.507  -6.068  18.093  1.00 26.29 ? 55  PHE A CG    1 
ATOM   382  C  CD1   . PHE A 1 75  ? -4.125  -6.327  18.116  1.00 26.47 ? 55  PHE A CD1   1 
ATOM   383  C  CD2   . PHE A 1 75  ? -6.418  -7.134  18.247  1.00 38.30 ? 55  PHE A CD2   1 
ATOM   384  C  CE1   . PHE A 1 75  ? -3.644  -7.653  18.313  1.00 29.44 ? 55  PHE A CE1   1 
ATOM   385  C  CE2   . PHE A 1 75  ? -5.958  -8.455  18.433  1.00 29.34 ? 55  PHE A CE2   1 
ATOM   386  C  CZ    . PHE A 1 75  ? -4.564  -8.705  18.451  1.00 28.82 ? 55  PHE A CZ    1 
ATOM   387  N  N     . GLY A 1 76  ? -6.479  -6.042  14.862  1.00 16.33 ? 56  GLY A N     1 
ATOM   388  C  CA    . GLY A 1 76  ? -7.359  -6.830  14.000  1.00 15.52 ? 56  GLY A CA    1 
ATOM   389  C  C     . GLY A 1 76  ? -7.484  -6.243  12.594  1.00 14.06 ? 56  GLY A C     1 
ATOM   390  O  O     . GLY A 1 76  ? -8.150  -6.840  11.728  1.00 15.00 ? 56  GLY A O     1 
ATOM   391  N  N     . MET A 1 77  ? -6.820  -5.124  12.379  1.00 15.04 ? 57  MET A N     1 
ATOM   392  C  CA    . MET A 1 77  ? -6.885  -4.512  11.049  1.00 15.24 ? 57  MET A CA    1 
ATOM   393  C  C     . MET A 1 77  ? -5.493  -4.225  10.547  1.00 14.65 ? 57  MET A C     1 
ATOM   394  O  O     . MET A 1 77  ? -4.523  -4.438  11.255  1.00 15.43 ? 57  MET A O     1 
ATOM   395  C  CB    . MET A 1 77  ? -7.667  -3.200  11.103  1.00 14.14 ? 57  MET A CB    1 
ATOM   396  C  CG    . MET A 1 77  ? -9.119  -3.453  11.482  1.00 15.25 ? 57  MET A CG    1 
ATOM   397  S  SD    . MET A 1 77  ? -10.136 -2.017  11.367  1.00 16.63 ? 57  MET A SD    1 
ATOM   398  C  CE    . MET A 1 77  ? -11.732 -2.683  11.921  1.00 20.51 ? 57  MET A CE    1 
ATOM   399  N  N     . VAL A 1 78  ? -5.415  -3.723  9.310   1.00 12.72 ? 58  VAL A N     1 
ATOM   400  C  CA    . VAL A 1 78  ? -4.134  -3.357  8.726   1.00 14.12 ? 58  VAL A CA    1 
ATOM   401  C  C     . VAL A 1 78  ? -4.390  -2.094  7.909   1.00 16.02 ? 58  VAL A C     1 
ATOM   402  O  O     . VAL A 1 78  ? -5.508  -1.940  7.340   1.00 14.13 ? 58  VAL A O     1 
ATOM   403  C  CB    . VAL A 1 78  ? -3.606  -4.504  7.800   1.00 14.58 ? 58  VAL A CB    1 
ATOM   404  C  CG1   . VAL A 1 78  ? -4.653  -4.795  6.691   1.00 14.10 ? 58  VAL A CG1   1 
ATOM   405  C  CG2   . VAL A 1 78  ? -2.233  -4.151  7.207   1.00 14.65 ? 58  VAL A CG2   1 
ATOM   406  N  N     . GLY A 1 79  ? -3.382  -1.216  7.855   1.00 14.93 ? 59  GLY A N     1 
ATOM   407  C  CA    . GLY A 1 79  ? -3.471  -0.058  6.926   1.00 11.94 ? 59  GLY A CA    1 
ATOM   408  C  C     . GLY A 1 79  ? -2.680  -0.450  5.692   1.00 13.89 ? 59  GLY A C     1 
ATOM   409  O  O     . GLY A 1 79  ? -1.615  -1.088  5.814   1.00 14.80 ? 59  GLY A O     1 
ATOM   410  N  N     . LEU A 1 80  ? -3.138  -0.047  4.531   1.00 13.02 ? 60  LEU A N     1 
ATOM   411  C  CA    . LEU A 1 80  ? -2.453  -0.437  3.348   1.00 11.83 ? 60  LEU A CA    1 
ATOM   412  C  C     . LEU A 1 80  ? -2.217  0.799   2.457   1.00 15.56 ? 60  LEU A C     1 
ATOM   413  O  O     . LEU A 1 80  ? -3.176  1.561   2.183   1.00 15.87 ? 60  LEU A O     1 
ATOM   414  C  CB    . LEU A 1 80  ? -3.322  -1.431  2.563   1.00 14.48 ? 60  LEU A CB    1 
ATOM   415  C  CG    . LEU A 1 80  ? -3.462  -2.745  3.330   1.00 15.36 ? 60  LEU A CG    1 
ATOM   416  C  CD1   . LEU A 1 80  ? -4.743  -3.510  2.871   1.00 18.62 ? 60  LEU A CD1   1 
ATOM   417  C  CD2   . LEU A 1 80  ? -2.180  -3.632  3.086   1.00 16.87 ? 60  LEU A CD2   1 
ATOM   418  N  N     . VAL A 1 81  ? -0.949  1.016   2.047   1.00 13.18 ? 61  VAL A N     1 
ATOM   419  C  CA    . VAL A 1 81  ? -0.600  2.198   1.276   1.00 11.76 ? 61  VAL A CA    1 
ATOM   420  C  C     . VAL A 1 81  ? -0.509  1.749   -0.174  1.00 12.79 ? 61  VAL A C     1 
ATOM   421  O  O     . VAL A 1 81  ? 0.329   0.942   -0.525  1.00 14.15 ? 61  VAL A O     1 
ATOM   422  C  CB    . VAL A 1 81  ? 0.756   2.727   1.752   1.00 12.98 ? 61  VAL A CB    1 
ATOM   423  C  CG1   . VAL A 1 81  ? 1.224   3.895   0.871   1.00 16.24 ? 61  VAL A CG1   1 
ATOM   424  C  CG2   . VAL A 1 81  ? 0.649   3.174   3.237   1.00 12.91 ? 61  VAL A CG2   1 
ATOM   425  N  N     . HIS A 1 82  ? -1.377  2.327   -0.989  1.00 13.38 ? 62  HIS A N     1 
ATOM   426  C  CA    . HIS A 1 82  ? -1.463  1.956   -2.413  1.00 13.34 ? 62  HIS A CA    1 
ATOM   427  C  C     . HIS A 1 82  ? -1.112  3.174   -3.287  1.00 14.64 ? 62  HIS A C     1 
ATOM   428  O  O     . HIS A 1 82  ? -1.336  4.307   -2.920  1.00 14.06 ? 62  HIS A O     1 
ATOM   429  C  CB    . HIS A 1 82  ? -2.892  1.588   -2.760  1.00 16.41 ? 62  HIS A CB    1 
ATOM   430  C  CG    . HIS A 1 82  ? -3.387  0.315   -2.143  1.00 15.97 ? 62  HIS A CG    1 
ATOM   431  N  ND1   . HIS A 1 82  ? -4.589  -0.274  -2.517  1.00 15.30 ? 62  HIS A ND1   1 
ATOM   432  C  CD2   . HIS A 1 82  ? -2.834  -0.502  -1.216  1.00 12.57 ? 62  HIS A CD2   1 
ATOM   433  C  CE1   . HIS A 1 82  ? -4.775  -1.370  -1.779  1.00 15.46 ? 62  HIS A CE1   1 
ATOM   434  N  NE2   . HIS A 1 82  ? -3.730  -1.541  -0.987  1.00 13.92 ? 62  HIS A NE2   1 
ATOM   435  N  N     . PRO A 1 83  ? -0.536  2.911   -4.473  1.00 13.88 ? 63  PRO A N     1 
ATOM   436  C  CA    . PRO A 1 83  ? -0.285  4.011   -5.427  1.00 13.54 ? 63  PRO A CA    1 
ATOM   437  C  C     . PRO A 1 83  ? -1.571  4.547   -5.954  1.00 14.69 ? 63  PRO A C     1 
ATOM   438  O  O     . PRO A 1 83  ? -2.555  3.818   -6.016  1.00 14.33 ? 63  PRO A O     1 
ATOM   439  C  CB    . PRO A 1 83  ? 0.542   3.358   -6.544  1.00 14.51 ? 63  PRO A CB    1 
ATOM   440  C  CG    . PRO A 1 83  ? 1.011   2.048   -5.979  1.00 13.02 ? 63  PRO A CG    1 
ATOM   441  C  CD    . PRO A 1 83  ? -0.030  1.598   -4.963  1.00 13.19 ? 63  PRO A CD    1 
ATOM   442  N  N     . ARG A 1 84  ? -1.528  5.799   -6.395  1.00 13.40 ? 64  ARG A N     1 
ATOM   443  C  CA    . ARG A 1 84  ? -2.667  6.331   -7.122  1.00 11.96 ? 64  ARG A CA    1 
ATOM   444  C  C     . ARG A 1 84  ? -2.507  5.976   -8.618  1.00 14.15 ? 64  ARG A C     1 
ATOM   445  O  O     . ARG A 1 84  ? -1.372  5.938   -9.173  1.00 14.27 ? 64  ARG A O     1 
ATOM   446  C  CB    . ARG A 1 84  ? -2.710  7.856   -6.950  1.00 12.96 ? 64  ARG A CB    1 
ATOM   447  C  CG    . ARG A 1 84  ? -2.926  8.250   -5.515  1.00 12.52 ? 64  ARG A CG    1 
ATOM   448  C  CD    . ARG A 1 84  ? -3.036  9.794   -5.420  1.00 13.94 ? 64  ARG A CD    1 
ATOM   449  N  NE    . ARG A 1 84  ? -4.236  10.220  -6.177  1.00 14.91 ? 64  ARG A NE    1 
ATOM   450  C  CZ    . ARG A 1 84  ? -4.389  11.420  -6.723  1.00 16.73 ? 64  ARG A CZ    1 
ATOM   451  N  NH1   . ARG A 1 84  ? -3.474  12.371  -6.560  1.00 15.14 ? 64  ARG A NH1   1 
ATOM   452  N  NH2   . ARG A 1 84  ? -5.485  11.734  -7.413  1.00 15.73 ? 64  ARG A NH2   1 
ATOM   453  N  N     . SER A 1 85  ? -3.631  5.747   -9.296  1.00 12.68 ? 65  SER A N     1 
ATOM   454  C  CA    . SER A 1 85  ? -3.546  5.264   -10.660 1.00 11.15 ? 65  SER A CA    1 
ATOM   455  C  C     . SER A 1 85  ? -3.164  6.356   -11.624 1.00 14.01 ? 65  SER A C     1 
ATOM   456  O  O     . SER A 1 85  ? -2.540  6.110   -12.682 1.00 13.87 ? 65  SER A O     1 
ATOM   457  C  CB    . SER A 1 85  ? -4.898  4.598   -11.057 1.00 13.88 ? 65  SER A CB    1 
ATOM   458  O  OG    . SER A 1 85  ? -5.903  5.585   -11.206 1.00 15.18 ? 65  SER A OG    1 
ATOM   459  N  N     . GLY A 1 86  ? -3.604  7.589   -11.363 1.00 11.74 ? 66  GLY A N     1 
ATOM   460  C  CA    . GLY A 1 86  ? -3.335  8.631   -12.377 1.00 15.14 ? 66  GLY A CA    1 
ATOM   461  C  C     . GLY A 1 86  ? -1.823  8.862   -12.523 1.00 13.22 ? 66  GLY A C     1 
ATOM   462  O  O     . GLY A 1 86  ? -1.246  8.898   -13.617 1.00 15.55 ? 66  GLY A O     1 
ATOM   463  N  N     . LEU A 1 87  ? -1.166  9.084   -11.404 1.00 13.21 ? 67  LEU A N     1 
ATOM   464  C  CA    . LEU A 1 87  ? 0.301   9.268   -11.414 1.00 13.62 ? 67  LEU A CA    1 
ATOM   465  C  C     . LEU A 1 87  ? 1.007   8.036   -11.937 1.00 12.68 ? 67  LEU A C     1 
ATOM   466  O  O     . LEU A 1 87  ? 2.044   8.158   -12.611 1.00 13.81 ? 67  LEU A O     1 
ATOM   467  C  CB    . LEU A 1 87  ? 0.798   9.584   -10.003 1.00 14.48 ? 67  LEU A CB    1 
ATOM   468  C  CG    . LEU A 1 87  ? 0.381   11.010  -9.572  1.00 15.05 ? 67  LEU A CG    1 
ATOM   469  C  CD1   . LEU A 1 87  ? 0.555   11.223  -8.039  1.00 18.27 ? 67  LEU A CD1   1 
ATOM   470  C  CD2   . LEU A 1 87  ? 1.136   12.035  -10.340 1.00 23.81 ? 67  LEU A CD2   1 
ATOM   471  N  N     . ALA A 1 88  ? 0.447   6.860   -11.638 1.00 12.96 ? 68  ALA A N     1 
ATOM   472  C  CA    . ALA A 1 88  ? 1.089   5.637   -12.102 1.00 12.08 ? 68  ALA A CA    1 
ATOM   473  C  C     . ALA A 1 88  ? 1.179   5.653   -13.648 1.00 14.54 ? 68  ALA A C     1 
ATOM   474  O  O     . ALA A 1 88  ? 2.236   5.417   -14.251 1.00 14.54 ? 68  ALA A O     1 
ATOM   475  C  CB    . ALA A 1 88  ? 0.336   4.419   -11.641 1.00 14.27 ? 68  ALA A CB    1 
ATOM   476  N  N     . THR A 1 89  ? 0.055   5.984   -14.268 1.00 13.61 ? 69  THR A N     1 
ATOM   477  C  CA    . THR A 1 89  ? 0.034   5.996   -15.731 1.00 12.96 ? 69  THR A CA    1 
ATOM   478  C  C     . THR A 1 89  ? 0.671   7.216   -16.291 1.00 15.15 ? 69  THR A C     1 
ATOM   479  O  O     . THR A 1 89  ? 1.453   7.122   -17.228 1.00 16.15 ? 69  THR A O     1 
ATOM   480  C  CB    . THR A 1 89  ? -1.428  5.822   -16.264 1.00 16.48 ? 69  THR A CB    1 
ATOM   481  O  OG1   . THR A 1 89  ? -1.696  4.441   -16.140 1.00 23.74 ? 69  THR A OG1   1 
ATOM   482  C  CG2   . THR A 1 89  ? -1.471  6.147   -17.781 1.00 19.79 ? 69  THR A CG2   1 
ATOM   483  N  N     . ARG A 1 90  ? 0.349   8.377   -15.749 1.00 13.29 ? 70  ARG A N     1 
ATOM   484  C  CA    . ARG A 1 90  ? 0.818   9.603   -16.384 1.00 14.48 ? 70  ARG A CA    1 
ATOM   485  C  C     . ARG A 1 90  ? 2.306   9.761   -16.285 1.00 15.44 ? 70  ARG A C     1 
ATOM   486  O  O     . ARG A 1 90  ? 2.937   10.189  -17.266 1.00 16.94 ? 70  ARG A O     1 
ATOM   487  C  CB    . ARG A 1 90  ? 0.116   10.832  -15.756 1.00 17.76 ? 70  ARG A CB    1 
ATOM   488  C  CG    . ARG A 1 90  ? -1.339  10.897  -16.299 1.00 27.35 ? 70  ARG A CG    1 
ATOM   489  N  N     . VAL A 1 91  ? 2.885   9.449   -15.119 1.00 13.35 ? 71  VAL A N     1 
ATOM   490  C  CA    . VAL A 1 91  ? 4.329   9.720   -15.004 1.00 13.05 ? 71  VAL A CA    1 
ATOM   491  C  C     . VAL A 1 91  ? 5.122   8.502   -14.533 1.00 13.45 ? 71  VAL A C     1 
ATOM   492  O  O     . VAL A 1 91  ? 6.325   8.629   -14.300 1.00 13.84 ? 71  VAL A O     1 
ATOM   493  C  CB    . VAL A 1 91  ? 4.649   10.934  -14.095 1.00 14.83 ? 71  VAL A CB    1 
ATOM   494  C  CG1   . VAL A 1 91  ? 3.972   12.184  -14.669 1.00 16.80 ? 71  VAL A CG1   1 
ATOM   495  C  CG2   . VAL A 1 91  ? 4.223   10.692  -12.629 1.00 15.53 ? 71  VAL A CG2   1 
ATOM   496  N  N     . GLY A 1 92  ? 4.475   7.351   -14.333 1.00 11.78 ? 72  GLY A N     1 
ATOM   497  C  CA    . GLY A 1 92  ? 5.226   6.142   -13.941 1.00 12.25 ? 72  GLY A CA    1 
ATOM   498  C  C     . GLY A 1 92  ? 5.562   6.086   -12.468 1.00 13.98 ? 72  GLY A C     1 
ATOM   499  O  O     . GLY A 1 92  ? 6.468   5.361   -12.048 1.00 14.37 ? 72  GLY A O     1 
ATOM   500  N  N     . LEU A 1 93  ? 4.848   6.842   -11.656 1.00 12.54 ? 73  LEU A N     1 
ATOM   501  C  CA    . LEU A 1 93  ? 5.108   6.833   -10.223 1.00 14.30 ? 73  LEU A CA    1 
ATOM   502  C  C     . LEU A 1 93  ? 4.579   5.541   -9.614  1.00 12.89 ? 73  LEU A C     1 
ATOM   503  O  O     . LEU A 1 93  ? 3.403   5.131   -9.830  1.00 13.06 ? 73  LEU A O     1 
ATOM   504  C  CB    . LEU A 1 93  ? 4.374   8.036   -9.546  1.00 13.58 ? 73  LEU A CB    1 
ATOM   505  C  CG    . LEU A 1 93  ? 4.638   8.194   -8.040  1.00 16.16 ? 73  LEU A CG    1 
ATOM   506  C  CD1   . LEU A 1 93  ? 6.145   8.560   -7.839  1.00 16.48 ? 73  LEU A CD1   1 
ATOM   507  C  CD2   . LEU A 1 93  ? 3.793   9.354   -7.482  1.00 15.43 ? 73  LEU A CD2   1 
ATOM   508  N  N     . SER A 1 94  ? 5.434   4.927   -8.774  1.00 12.70 ? 74  SER A N     1 
ATOM   509  C  CA    . SER A 1 94  ? 4.981   3.752   -8.049  1.00 13.36 ? 74  SER A CA    1 
ATOM   510  C  C     . SER A 1 94  ? 5.487   3.771   -6.623  1.00 11.74 ? 74  SER A C     1 
ATOM   511  O  O     . SER A 1 94  ? 6.012   4.734   -6.162  1.00 11.88 ? 74  SER A O     1 
ATOM   512  C  CB    . SER A 1 94  ? 5.431   2.514   -8.821  1.00 11.68 ? 74  SER A CB    1 
ATOM   513  O  OG    . SER A 1 94  ? 4.904   1.324   -8.333  1.00 13.28 ? 74  SER A OG    1 
ATOM   514  N  N     . ILE A 1 95  ? 5.337   2.631   -5.958  1.00 12.95 ? 75  ILE A N     1 
ATOM   515  C  CA    . ILE A 1 95  ? 5.731   2.521   -4.524  1.00 13.60 ? 75  ILE A CA    1 
ATOM   516  C  C     . ILE A 1 95  ? 6.464   1.223   -4.392  1.00 14.05 ? 75  ILE A C     1 
ATOM   517  O  O     . ILE A 1 95  ? 5.942   0.150   -4.795  1.00 11.75 ? 75  ILE A O     1 
ATOM   518  C  CB    . ILE A 1 95  ? 4.503   2.600   -3.548  1.00 14.10 ? 75  ILE A CB    1 
ATOM   519  C  CG1   . ILE A 1 95  ? 3.896   4.021   -3.680  1.00 14.10 ? 75  ILE A CG1   1 
ATOM   520  C  CG2   . ILE A 1 95  ? 4.928   2.296   -2.110  1.00 13.53 ? 75  ILE A CG2   1 
ATOM   521  C  CD1   . ILE A 1 95  ? 2.597   4.174   -2.865  1.00 15.48 ? 75  ILE A CD1   1 
ATOM   522  N  N     . VAL A 1 96  ? 7.700   1.283   -3.875  1.00 13.50 ? 76  VAL A N     1 
ATOM   523  C  CA    . VAL A 1 96  ? 8.537   0.093   -3.996  1.00 12.90 ? 76  VAL A CA    1 
ATOM   524  C  C     . VAL A 1 96  ? 7.918   -1.091  -3.232  1.00 12.92 ? 76  VAL A C     1 
ATOM   525  O  O     . VAL A 1 96  ? 7.884   -2.268  -3.740  1.00 14.11 ? 76  VAL A O     1 
ATOM   526  C  CB    . VAL A 1 96  ? 9.922   0.397   -3.399  1.00 13.55 ? 76  VAL A CB    1 
ATOM   527  C  CG1   . VAL A 1 96  ? 10.859  -0.856  -3.608  1.00 13.65 ? 76  VAL A CG1   1 
ATOM   528  C  CG2   . VAL A 1 96  ? 10.564  1.587   -4.174  1.00 13.60 ? 76  VAL A CG2   1 
ATOM   529  N  N     . ASN A 1 97  ? 7.388   -0.792  -2.022  1.00 12.36 ? 77  ASN A N     1 
ATOM   530  C  CA    . ASN A 1 97  ? 6.861   -1.862  -1.216  1.00 13.31 ? 77  ASN A CA    1 
ATOM   531  C  C     . ASN A 1 97  ? 5.351   -1.991  -1.340  1.00 12.66 ? 77  ASN A C     1 
ATOM   532  O  O     . ASN A 1 97  ? 4.725   -2.541  -0.464  1.00 12.88 ? 77  ASN A O     1 
ATOM   533  C  CB    . ASN A 1 97  ? 7.230   -1.675  0.253   1.00 14.52 ? 77  ASN A CB    1 
ATOM   534  C  CG    . ASN A 1 97  ? 6.678   -0.404  0.807   1.00 14.59 ? 77  ASN A CG    1 
ATOM   535  O  OD1   . ASN A 1 97  ? 6.548   0.639   0.079   1.00 14.29 ? 77  ASN A OD1   1 
ATOM   536  N  ND2   . ASN A 1 97  ? 6.333   -0.433  2.121   1.00 15.87 ? 77  ASN A ND2   1 
ATOM   537  N  N     . SER A 1 98  ? 4.767   -1.538  -2.447  1.00 12.49 ? 78  SER A N     1 
ATOM   538  C  CA    . SER A 1 98  ? 3.334   -1.584  -2.531  1.00 13.45 ? 78  SER A CA    1 
ATOM   539  C  C     . SER A 1 98  ? 2.834   -2.987  -2.485  1.00 14.15 ? 78  SER A C     1 
ATOM   540  O  O     . SER A 1 98  ? 3.399   -3.879  -3.120  1.00 14.54 ? 78  SER A O     1 
ATOM   541  C  CB    . SER A 1 98  ? 2.886   -0.966  -3.866  1.00 15.26 ? 78  SER A CB    1 
ATOM   542  O  OG    . SER A 1 98  ? 1.449   -0.875  -3.835  1.00 14.05 ? 78  SER A OG    1 
ATOM   543  N  N     . PRO A 1 99  ? 1.741   -3.195  -1.760  1.00 13.15 ? 79  PRO A N     1 
ATOM   544  C  CA    . PRO A 1 99  ? 0.930   -2.265  -0.931  1.00 13.55 ? 79  PRO A CA    1 
ATOM   545  C  C     . PRO A 1 99  ? 1.678   -2.164  0.411   1.00 13.34 ? 79  PRO A C     1 
ATOM   546  O  O     . PRO A 1 99  ? 2.085   -3.193  0.975   1.00 13.84 ? 79  PRO A O     1 
ATOM   547  C  CB    . PRO A 1 99  ? -0.369  -3.033  -0.711  1.00 14.78 ? 79  PRO A CB    1 
ATOM   548  C  CG    . PRO A 1 99  ? 0.028   -4.499  -0.741  1.00 14.60 ? 79  PRO A CG    1 
ATOM   549  C  CD    . PRO A 1 99  ? 1.173   -4.558  -1.769  1.00 12.29 ? 79  PRO A CD    1 
ATOM   550  N  N     . GLY A 1 100 ? 2.000   -0.924  0.843   1.00 13.09 ? 80  GLY A N     1 
ATOM   551  C  CA    . GLY A 1 100 ? 2.689   -0.723  2.100   1.00 14.76 ? 80  GLY A CA    1 
ATOM   552  C  C     . GLY A 1 100 ? 1.814   -1.267  3.219   1.00 13.45 ? 80  GLY A C     1 
ATOM   553  O  O     . GLY A 1 100 ? 0.586   -1.082  3.186   1.00 14.56 ? 80  GLY A O     1 
ATOM   554  N  N     . THR A 1 101 ? 2.449   -1.963  4.190   1.00 13.27 ? 81  THR A N     1 
ATOM   555  C  CA    . THR A 1 101 ? 1.666   -2.656  5.217   1.00 14.04 ? 81  THR A CA    1 
ATOM   556  C  C     . THR A 1 101 ? 1.899   -1.974  6.544   1.00 16.58 ? 81  THR A C     1 
ATOM   557  O  O     . THR A 1 101 ? 2.972   -2.096  7.176   1.00 18.00 ? 81  THR A O     1 
ATOM   558  C  CB    . THR A 1 101 ? 2.109   -4.130  5.260   1.00 14.79 ? 81  THR A CB    1 
ATOM   559  O  OG1   . THR A 1 101 ? 2.041   -4.685  3.937   1.00 17.74 ? 81  THR A OG1   1 
ATOM   560  C  CG2   . THR A 1 101 ? 1.235   -4.905  6.223   1.00 16.59 ? 81  THR A CG2   1 
ATOM   561  N  N     . ILE A 1 102 ? 0.884   -1.218  6.968   1.00 12.85 ? 82  ILE A N     1 
ATOM   562  C  CA    . ILE A 1 102 ? 0.955   -0.455  8.228   1.00 12.30 ? 82  ILE A CA    1 
ATOM   563  C  C     . ILE A 1 102 ? 0.307   -1.314  9.326   1.00 13.68 ? 82  ILE A C     1 
ATOM   564  O  O     . ILE A 1 102 ? -0.918  -1.615  9.311   1.00 13.66 ? 82  ILE A O     1 
ATOM   565  C  CB    . ILE A 1 102 ? 0.160   0.859   8.112   1.00 14.73 ? 82  ILE A CB    1 
ATOM   566  C  CG1   . ILE A 1 102 ? 0.531   1.610   6.845   1.00 13.73 ? 82  ILE A CG1   1 
ATOM   567  C  CG2   . ILE A 1 102 ? 0.287   1.726   9.360   1.00 16.14 ? 82  ILE A CG2   1 
ATOM   568  C  CD1   . ILE A 1 102 ? 1.999   1.949   6.685   1.00 16.65 ? 82  ILE A CD1   1 
ATOM   569  N  N     . ASP A 1 103 ? 1.133   -1.721  10.275  1.00 14.52 ? 83  ASP A N     1 
ATOM   570  C  CA    . ASP A 1 103 ? 0.663   -2.622  11.318  1.00 15.64 ? 83  ASP A CA    1 
ATOM   571  C  C     . ASP A 1 103 ? -0.108  -1.911  12.378  1.00 11.67 ? 83  ASP A C     1 
ATOM   572  O  O     . ASP A 1 103 ? 0.089   -0.715  12.627  1.00 13.25 ? 83  ASP A O     1 
ATOM   573  C  CB    . ASP A 1 103 ? 1.858   -3.207  12.005  1.00 13.04 ? 83  ASP A CB    1 
ATOM   574  C  CG    . ASP A 1 103 ? 2.667   -4.054  11.055  1.00 17.07 ? 83  ASP A CG    1 
ATOM   575  O  OD1   . ASP A 1 103 ? 2.111   -5.037  10.516  1.00 15.84 ? 83  ASP A OD1   1 
ATOM   576  O  OD2   . ASP A 1 103 ? 3.810   -3.715  10.777  1.00 14.99 ? 83  ASP A OD2   1 
ATOM   577  N  N     . ALA A 1 104 ? -1.014  -2.646  13.040  1.00 13.27 ? 84  ALA A N     1 
ATOM   578  C  CA    . ALA A 1 104 ? -1.865  -2.045  14.051  1.00 13.89 ? 84  ALA A CA    1 
ATOM   579  C  C     . ALA A 1 104 ? -1.067  -1.412  15.184  1.00 15.79 ? 84  ALA A C     1 
ATOM   580  O  O     . ALA A 1 104 ? -1.556  -0.488  15.848  1.00 16.57 ? 84  ALA A O     1 
ATOM   581  C  CB    . ALA A 1 104 ? -2.778  -3.143  14.609  1.00 16.86 ? 84  ALA A CB    1 
ATOM   582  N  N     . GLY A 1 105 ? 0.126   -1.937  15.479  1.00 15.21 ? 85  GLY A N     1 
ATOM   583  C  CA    . GLY A 1 105 ? 0.878   -1.375  16.615  1.00 15.66 ? 85  GLY A CA    1 
ATOM   584  C  C     . GLY A 1 105 ? 1.735   -0.205  16.247  1.00 16.36 ? 85  GLY A C     1 
ATOM   585  O  O     . GLY A 1 105 ? 2.395   0.397   17.092  1.00 14.59 ? 85  GLY A O     1 
ATOM   586  N  N     . TYR A 1 106 ? 1.814   0.109   14.958  1.00 14.68 ? 86  TYR A N     1 
ATOM   587  C  CA    . TYR A 1 106 ? 2.735   1.166   14.549  1.00 13.23 ? 86  TYR A CA    1 
ATOM   588  C  C     . TYR A 1 106 ? 2.209   2.521   14.935  1.00 17.55 ? 86  TYR A C     1 
ATOM   589  O  O     . TYR A 1 106 ? 1.057   2.909   14.639  1.00 16.03 ? 86  TYR A O     1 
ATOM   590  C  CB    . TYR A 1 106 ? 2.825   1.189   13.045  1.00 12.57 ? 86  TYR A CB    1 
ATOM   591  C  CG    . TYR A 1 106 ? 3.835   2.169   12.504  1.00 14.35 ? 86  TYR A CG    1 
ATOM   592  C  CD1   . TYR A 1 106 ? 5.218   2.035   12.799  1.00 14.67 ? 86  TYR A CD1   1 
ATOM   593  C  CD2   . TYR A 1 106 ? 3.430   3.180   11.617  1.00 14.99 ? 86  TYR A CD2   1 
ATOM   594  C  CE1   . TYR A 1 106 ? 6.159   2.909   12.215  1.00 14.36 ? 86  TYR A CE1   1 
ATOM   595  C  CE2   . TYR A 1 106 ? 4.344   4.066   11.069  1.00 15.58 ? 86  TYR A CE2   1 
ATOM   596  C  CZ    . TYR A 1 106 ? 5.731   3.920   11.356  1.00 16.44 ? 86  TYR A CZ    1 
ATOM   597  O  OH    . TYR A 1 106 ? 6.710   4.751   10.806  1.00 16.55 ? 86  TYR A OH    1 
ATOM   598  N  N     . ARG A 1 107 ? 3.067   3.306   15.586  1.00 14.09 ? 87  ARG A N     1 
ATOM   599  C  CA    . ARG A 1 107 ? 2.642   4.668   15.960  1.00 12.23 ? 87  ARG A CA    1 
ATOM   600  C  C     . ARG A 1 107 ? 3.593   5.711   15.394  1.00 15.12 ? 87  ARG A C     1 
ATOM   601  O  O     . ARG A 1 107 ? 3.559   6.878   15.786  1.00 17.22 ? 87  ARG A O     1 
ATOM   602  C  CB    . ARG A 1 107 ? 2.764   4.766   17.493  1.00 13.39 ? 87  ARG A CB    1 
ATOM   603  C  CG    . ARG A 1 107 ? 1.712   3.891   18.201  1.00 18.65 ? 87  ARG A CG    1 
ATOM   604  C  CD    . ARG A 1 107 ? 0.240   4.301   17.898  1.00 15.66 ? 87  ARG A CD    1 
ATOM   605  N  NE    . ARG A 1 107 ? -0.709  3.349   18.523  1.00 18.41 ? 87  ARG A NE    1 
ATOM   606  C  CZ    . ARG A 1 107 ? -1.221  2.304   17.885  1.00 19.38 ? 87  ARG A CZ    1 
ATOM   607  N  NH1   . ARG A 1 107 ? -0.905  2.093   16.603  1.00 16.94 ? 87  ARG A NH1   1 
ATOM   608  N  NH2   . ARG A 1 107 ? -2.062  1.475   18.524  1.00 17.62 ? 87  ARG A NH2   1 
ATOM   609  N  N     . GLY A 1 108 ? 4.452   5.311   14.488  1.00 14.46 ? 88  GLY A N     1 
ATOM   610  C  CA    . GLY A 1 108 ? 5.349   6.252   13.836  1.00 13.98 ? 88  GLY A CA    1 
ATOM   611  C  C     . GLY A 1 108 ? 4.669   6.984   12.658  1.00 14.00 ? 88  GLY A C     1 
ATOM   612  O  O     . GLY A 1 108 ? 3.482   6.794   12.392  1.00 16.66 ? 88  GLY A O     1 
ATOM   613  N  N     . GLU A 1 109 ? 5.490   7.784   11.948  1.00 12.89 ? 89  GLU A N     1 
ATOM   614  C  CA    . GLU A 1 109 ? 4.982   8.485   10.783  1.00 14.19 ? 89  GLU A CA    1 
ATOM   615  C  C     . GLU A 1 109 ? 4.846   7.522   9.629   1.00 16.09 ? 89  GLU A C     1 
ATOM   616  O  O     . GLU A 1 109 ? 5.771   6.699   9.366   1.00 14.38 ? 89  GLU A O     1 
ATOM   617  C  CB    . GLU A 1 109 ? 6.019   9.536   10.401  1.00 14.74 ? 89  GLU A CB    1 
ATOM   618  C  CG    . GLU A 1 109 ? 5.510   10.382  9.207   1.00 13.16 ? 89  GLU A CG    1 
ATOM   619  C  CD    . GLU A 1 109 ? 6.239   11.721  9.117   1.00 17.66 ? 89  GLU A CD    1 
ATOM   620  O  OE1   . GLU A 1 109 ? 7.297   11.887  9.796   1.00 18.55 ? 89  GLU A OE1   1 
ATOM   621  O  OE2   . GLU A 1 109 ? 5.747   12.610  8.382   1.00 16.00 ? 89  GLU A OE2   1 
ATOM   622  N  N     . ILE A 1 110 ? 3.726   7.625   8.904   1.00 13.40 ? 90  ILE A N     1 
ATOM   623  C  CA    . ILE A 1 110 ? 3.608   6.830   7.648   1.00 12.63 ? 90  ILE A CA    1 
ATOM   624  C  C     . ILE A 1 110 ? 4.523   7.435   6.625   1.00 14.22 ? 90  ILE A C     1 
ATOM   625  O  O     . ILE A 1 110 ? 4.493   8.646   6.354   1.00 12.76 ? 90  ILE A O     1 
ATOM   626  C  CB    . ILE A 1 110 ? 2.167   6.848   7.132   1.00 13.33 ? 90  ILE A CB    1 
ATOM   627  C  CG1   . ILE A 1 110 ? 1.227   6.104   8.125   1.00 15.73 ? 90  ILE A CG1   1 
ATOM   628  C  CG2   . ILE A 1 110 ? 2.098   6.205   5.724   1.00 13.91 ? 90  ILE A CG2   1 
ATOM   629  C  CD1   . ILE A 1 110 ? -0.217  6.032   7.568   1.00 20.35 ? 90  ILE A CD1   1 
ATOM   630  N  N     . LYS A 1 111 ? 5.336   6.597   6.014   1.00 14.75 ? 91  LYS A N     1 
ATOM   631  C  CA    . LYS A 1 111 ? 6.316   7.085   5.003   1.00 13.79 ? 91  LYS A CA    1 
ATOM   632  C  C     . LYS A 1 111 ? 5.998   6.264   3.740   1.00 15.00 ? 91  LYS A C     1 
ATOM   633  O  O     . LYS A 1 111 ? 5.614   5.064   3.767   1.00 16.40 ? 91  LYS A O     1 
ATOM   634  C  CB    . LYS A 1 111 ? 7.780   6.886   5.402   1.00 16.50 ? 91  LYS A CB    1 
ATOM   635  C  CG    . LYS A 1 111 ? 8.051   7.646   6.759   1.00 16.58 ? 91  LYS A CG    1 
ATOM   636  C  CD    . LYS A 1 111 ? 9.485   7.542   7.213   1.00 22.69 ? 91  LYS A CD    1 
ATOM   637  C  CE    . LYS A 1 111 ? 9.654   8.163   8.613   1.00 33.27 ? 91  LYS A CE    1 
ATOM   638  N  NZ    . LYS A 1 111 ? 11.120  8.206   8.890   1.00 30.37 ? 91  LYS A NZ    1 
ATOM   639  N  N     . VAL A 1 112 ? 6.230   6.900   2.594   1.00 14.00 ? 92  VAL A N     1 
ATOM   640  C  CA    . VAL A 1 112 ? 5.859   6.258   1.325   1.00 14.45 ? 92  VAL A CA    1 
ATOM   641  C  C     . VAL A 1 112 ? 7.127   6.110   0.486   1.00 14.73 ? 92  VAL A C     1 
ATOM   642  O  O     . VAL A 1 112 ? 7.837   7.110   0.174   1.00 14.51 ? 92  VAL A O     1 
ATOM   643  C  CB    . VAL A 1 112 ? 4.843   7.099   0.561   1.00 14.25 ? 92  VAL A CB    1 
ATOM   644  C  CG1   . VAL A 1 112 ? 4.505   6.465   -0.815  1.00 15.01 ? 92  VAL A CG1   1 
ATOM   645  C  CG2   . VAL A 1 112 ? 3.568   7.237   1.354   1.00 15.62 ? 92  VAL A CG2   1 
ATOM   646  N  N     . ALA A 1 113 ? 7.380   4.887   0.034   1.00 12.83 ? 93  ALA A N     1 
ATOM   647  C  CA    . ALA A 1 113 ? 8.621   4.629   -0.691  1.00 13.55 ? 93  ALA A CA    1 
ATOM   648  C  C     . ALA A 1 113 ? 8.313   4.851   -2.179  1.00 14.89 ? 93  ALA A C     1 
ATOM   649  O  O     . ALA A 1 113 ? 8.140   3.885   -2.979  1.00 15.05 ? 93  ALA A O     1 
ATOM   650  C  CB    . ALA A 1 113 ? 9.077   3.224   -0.447  1.00 15.67 ? 93  ALA A CB    1 
ATOM   651  N  N     . LEU A 1 114 ? 8.289   6.107   -2.590  1.00 13.05 ? 94  LEU A N     1 
ATOM   652  C  CA    . LEU A 1 114 ? 7.979   6.403   -4.025  1.00 12.35 ? 94  LEU A CA    1 
ATOM   653  C  C     . LEU A 1 114 ? 9.158   5.979   -4.922  1.00 13.07 ? 94  LEU A C     1 
ATOM   654  O  O     . LEU A 1 114 ? 10.318  6.029   -4.488  1.00 14.35 ? 94  LEU A O     1 
ATOM   655  C  CB    . LEU A 1 114 ? 7.820   7.904   -4.179  1.00 12.97 ? 94  LEU A CB    1 
ATOM   656  C  CG    . LEU A 1 114 ? 6.542   8.465   -3.556  1.00 14.32 ? 94  LEU A CG    1 
ATOM   657  C  CD1   . LEU A 1 114 ? 6.480   10.010  -3.835  1.00 17.49 ? 94  LEU A CD1   1 
ATOM   658  C  CD2   . LEU A 1 114 ? 5.264   7.752   -4.040  1.00 13.94 ? 94  LEU A CD2   1 
ATOM   659  N  N     . ILE A 1 115 ? 8.835   5.596   -6.162  1.00 13.16 ? 95  ILE A N     1 
ATOM   660  C  CA    . ILE A 1 115 ? 9.850   5.272   -7.115  1.00 12.52 ? 95  ILE A CA    1 
ATOM   661  C  C     . ILE A 1 115 ? 9.416   5.698   -8.491  1.00 11.60 ? 95  ILE A C     1 
ATOM   662  O  O     . ILE A 1 115 ? 8.199   5.619   -8.805  1.00 14.43 ? 95  ILE A O     1 
ATOM   663  C  CB    . ILE A 1 115 ? 10.200  3.758   -7.143  1.00 14.60 ? 95  ILE A CB    1 
ATOM   664  C  CG1   . ILE A 1 115 ? 11.370  3.477   -8.089  1.00 13.20 ? 95  ILE A CG1   1 
ATOM   665  C  CG2   . ILE A 1 115 ? 8.957   2.826   -7.395  1.00 14.48 ? 95  ILE A CG2   1 
ATOM   666  C  CD1   . ILE A 1 115 ? 11.938  2.080   -7.910  1.00 14.24 ? 95  ILE A CD1   1 
ATOM   667  N  N     . ASN A 1 116 ? 10.368  6.189   -9.281  1.00 12.59 ? 96  ASN A N     1 
ATOM   668  C  CA    . ASN A 1 116 ? 10.012  6.615   -10.617 1.00 12.73 ? 96  ASN A CA    1 
ATOM   669  C  C     . ASN A 1 116 ? 10.291  5.488   -11.593 1.00 13.03 ? 96  ASN A C     1 
ATOM   670  O  O     . ASN A 1 116 ? 11.439  5.202   -11.857 1.00 14.63 ? 96  ASN A O     1 
ATOM   671  C  CB    . ASN A 1 116 ? 10.847  7.828   -10.946 1.00 12.86 ? 96  ASN A CB    1 
ATOM   672  C  CG    . ASN A 1 116 ? 10.571  8.339   -12.334 1.00 13.88 ? 96  ASN A CG    1 
ATOM   673  O  OD1   . ASN A 1 116 ? 9.797   7.743   -13.107 1.00 15.41 ? 96  ASN A OD1   1 
ATOM   674  N  ND2   . ASN A 1 116 ? 11.244  9.456   -12.680 1.00 14.38 ? 96  ASN A ND2   1 
ATOM   675  N  N     . LEU A 1 117 ? 9.248   4.826   -12.088 1.00 13.13 ? 97  LEU A N     1 
ATOM   676  C  CA    . LEU A 1 117 ? 9.471   3.713   -13.039 1.00 11.70 ? 97  LEU A CA    1 
ATOM   677  C  C     . LEU A 1 117 ? 9.443   4.200   -14.497 1.00 14.29 ? 97  LEU A C     1 
ATOM   678  O  O     . LEU A 1 117 ? 9.428   3.346   -15.440 1.00 13.80 ? 97  LEU A O     1 
ATOM   679  C  CB    . LEU A 1 117 ? 8.376   2.660   -12.846 1.00 12.67 ? 97  LEU A CB    1 
ATOM   680  C  CG    . LEU A 1 117 ? 8.391   1.983   -11.448 1.00 11.41 ? 97  LEU A CG    1 
ATOM   681  C  CD1   . LEU A 1 117 ? 7.327   0.835   -11.451 1.00 15.27 ? 97  LEU A CD1   1 
ATOM   682  C  CD2   . LEU A 1 117 ? 9.770   1.460   -11.094 1.00 17.00 ? 97  LEU A CD2   1 
ATOM   683  N  N     . ASP A 1 118 ? 9.415   5.513   -14.725 1.00 13.09 ? 98  ASP A N     1 
ATOM   684  C  CA    . ASP A 1 118 ? 9.568   5.981   -16.107 1.00 15.43 ? 98  ASP A CA    1 
ATOM   685  C  C     . ASP A 1 118 ? 11.038  5.866   -16.443 1.00 13.46 ? 98  ASP A C     1 
ATOM   686  O  O     . ASP A 1 118 ? 11.922  6.049   -15.599 1.00 15.34 ? 98  ASP A O     1 
ATOM   687  C  CB    . ASP A 1 118 ? 9.176   7.438   -16.237 1.00 12.50 ? 98  ASP A CB    1 
ATOM   688  C  CG    . ASP A 1 118 ? 8.995   7.799   -17.734 1.00 17.54 ? 98  ASP A CG    1 
ATOM   689  O  OD1   . ASP A 1 118 ? 8.024   7.312   -18.352 1.00 17.80 ? 98  ASP A OD1   1 
ATOM   690  O  OD2   . ASP A 1 118 ? 9.872   8.510   -18.281 1.00 16.64 ? 98  ASP A OD2   1 
ATOM   691  N  N     . PRO A 1 119 ? 11.336  5.581   -17.740 1.00 14.19 ? 99  PRO A N     1 
ATOM   692  C  CA    . PRO A 1 119 ? 12.741  5.468   -18.126 1.00 13.31 ? 99  PRO A CA    1 
ATOM   693  C  C     . PRO A 1 119 ? 13.451  6.764   -18.349 1.00 15.85 ? 99  PRO A C     1 
ATOM   694  O  O     . PRO A 1 119 ? 14.691  6.739   -18.485 1.00 17.92 ? 99  PRO A O     1 
ATOM   695  C  CB    . PRO A 1 119 ? 12.688  4.731   -19.462 1.00 17.05 ? 99  PRO A CB    1 
ATOM   696  C  CG    . PRO A 1 119 ? 11.239  4.473   -19.793 1.00 27.29 ? 99  PRO A CG    1 
ATOM   697  C  CD    . PRO A 1 119 ? 10.379  5.177   -18.788 1.00 15.71 ? 99  PRO A CD    1 
ATOM   698  N  N     . ALA A 1 120 ? 12.730  7.858   -18.489 1.00 13.67 ? 100 ALA A N     1 
ATOM   699  C  CA    . ALA A 1 120 ? 13.393  9.057   -19.054 1.00 17.11 ? 100 ALA A CA    1 
ATOM   700  C  C     . ALA A 1 120 ? 12.999  10.381  -18.400 1.00 15.15 ? 100 ALA A C     1 
ATOM   701  O  O     . ALA A 1 120 ? 13.802  11.334  -18.377 1.00 15.89 ? 100 ALA A O     1 
ATOM   702  C  CB    . ALA A 1 120 ? 13.095  9.126   -20.537 1.00 18.24 ? 100 ALA A CB    1 
ATOM   703  N  N     . ALA A 1 121 ? 11.773  10.468  -17.850 1.00 14.97 ? 101 ALA A N     1 
ATOM   704  C  CA    . ALA A 1 121 ? 11.277  11.760  -17.349 1.00 13.59 ? 101 ALA A CA    1 
ATOM   705  C  C     . ALA A 1 121 ? 11.290  11.789  -15.818 1.00 14.89 ? 101 ALA A C     1 
ATOM   706  O  O     . ALA A 1 121 ? 10.699  10.942  -15.192 1.00 15.41 ? 101 ALA A O     1 
ATOM   707  C  CB    . ALA A 1 121 ? 9.822   12.032  -17.854 1.00 16.22 ? 101 ALA A CB    1 
ATOM   708  N  N     . PRO A 1 122 ? 11.937  12.772  -15.193 1.00 16.70 ? 102 PRO A N     1 
ATOM   709  C  CA    . PRO A 1 122 ? 11.931  12.814  -13.759 1.00 14.86 ? 102 PRO A CA    1 
ATOM   710  C  C     . PRO A 1 122 ? 10.516  13.157  -13.258 1.00 15.00 ? 102 PRO A C     1 
ATOM   711  O  O     . PRO A 1 122 ? 9.746   13.791  -13.988 1.00 15.89 ? 102 PRO A O     1 
ATOM   712  C  CB    . PRO A 1 122 ? 12.866  13.975  -13.401 1.00 18.56 ? 102 PRO A CB    1 
ATOM   713  C  CG    . PRO A 1 122 ? 12.818  14.863  -14.634 1.00 32.53 ? 102 PRO A CG    1 
ATOM   714  C  CD    . PRO A 1 122 ? 12.726  13.873  -15.787 1.00 18.62 ? 102 PRO A CD    1 
ATOM   715  N  N     . ILE A 1 123 ? 10.213  12.755  -12.026 1.00 16.27 ? 103 ILE A N     1 
ATOM   716  C  CA    . ILE A 1 123 ? 8.949   13.110  -11.404 1.00 15.17 ? 103 ILE A CA    1 
ATOM   717  C  C     . ILE A 1 123 ? 9.226   14.105  -10.319 1.00 19.95 ? 103 ILE A C     1 
ATOM   718  O  O     . ILE A 1 123 ? 10.075  13.881  -9.467  1.00 16.93 ? 103 ILE A O     1 
ATOM   719  C  CB    . ILE A 1 123 ? 8.344   11.900  -10.729 1.00 15.31 ? 103 ILE A CB    1 
ATOM   720  C  CG1   . ILE A 1 123 ? 7.977   10.829  -11.794 1.00 15.60 ? 103 ILE A CG1   1 
ATOM   721  C  CG2   . ILE A 1 123 ? 7.118   12.287  -9.915  1.00 17.26 ? 103 ILE A CG2   1 
ATOM   722  C  CD1   . ILE A 1 123 ? 7.516   9.435   -11.270 1.00 13.85 ? 103 ILE A CD1   1 
ATOM   723  N  N     . VAL A 1 124 ? 8.489   15.211  -10.329 1.00 17.78 ? 104 VAL A N     1 
ATOM   724  C  CA    . VAL A 1 124 ? 8.639   16.224  -9.324  1.00 16.39 ? 104 VAL A CA    1 
ATOM   725  C  C     . VAL A 1 124 ? 7.382   16.158  -8.458  1.00 17.54 ? 104 VAL A C     1 
ATOM   726  O  O     . VAL A 1 124 ? 6.251   16.283  -8.960  1.00 18.43 ? 104 VAL A O     1 
ATOM   727  C  CB    . VAL A 1 124 ? 8.667   17.610  -9.986  1.00 19.40 ? 104 VAL A CB    1 
ATOM   728  C  CG1   . VAL A 1 124 ? 8.539   18.689  -8.940  1.00 20.60 ? 104 VAL A CG1   1 
ATOM   729  C  CG2   . VAL A 1 124 ? 10.004  17.801  -10.733 1.00 20.91 ? 104 VAL A CG2   1 
ATOM   730  N  N     . VAL A 1 125 ? 7.606   15.929  -7.166  1.00 19.37 ? 105 VAL A N     1 
ATOM   731  C  CA    . VAL A 1 125 ? 6.560   15.958  -6.163  1.00 18.58 ? 105 VAL A CA    1 
ATOM   732  C  C     . VAL A 1 125 ? 6.717   17.224  -5.355  1.00 17.96 ? 105 VAL A C     1 
ATOM   733  O  O     . VAL A 1 125 ? 7.815   17.535  -4.883  1.00 17.02 ? 105 VAL A O     1 
ATOM   734  C  CB    . VAL A 1 125 ? 6.676   14.750  -5.233  1.00 18.64 ? 105 VAL A CB    1 
ATOM   735  C  CG1   . VAL A 1 125 ? 5.733   14.886  -4.031  1.00 18.65 ? 105 VAL A CG1   1 
ATOM   736  C  CG2   . VAL A 1 125 ? 6.243   13.511  -6.054  1.00 17.61 ? 105 VAL A CG2   1 
ATOM   737  N  N     . HIS A 1 126 ? 5.615   17.951  -5.189  1.00 17.99 ? 106 HIS A N     1 
ATOM   738  C  CA    . HIS A 1 126 ? 5.597   19.106  -4.277  1.00 18.80 ? 106 HIS A CA    1 
ATOM   739  C  C     . HIS A 1 126 ? 4.909   18.775  -2.979  1.00 19.15 ? 106 HIS A C     1 
ATOM   740  O  O     . HIS A 1 126 ? 3.929   18.029  -2.952  1.00 18.99 ? 106 HIS A O     1 
ATOM   741  C  CB    . HIS A 1 126 ? 4.829   20.261  -4.894  1.00 19.19 ? 106 HIS A CB    1 
ATOM   742  C  CG    . HIS A 1 126 ? 5.538   20.862  -6.074  1.00 22.92 ? 106 HIS A CG    1 
ATOM   743  N  ND1   . HIS A 1 126 ? 6.636   21.677  -5.933  1.00 37.00 ? 106 HIS A ND1   1 
ATOM   744  C  CD2   . HIS A 1 126 ? 5.318   20.746  -7.404  1.00 27.37 ? 106 HIS A CD2   1 
ATOM   745  C  CE1   . HIS A 1 126 ? 7.065   22.048  -7.128  1.00 37.47 ? 106 HIS A CE1   1 
ATOM   746  N  NE2   . HIS A 1 126 ? 6.280   21.502  -8.040  1.00 27.15 ? 106 HIS A NE2   1 
ATOM   747  N  N     . ARG A 1 127 ? 5.415   19.364  -1.902  1.00 15.43 ? 107 ARG A N     1 
ATOM   748  C  CA    . ARG A 1 127 ? 4.716   19.308  -0.650  1.00 16.02 ? 107 ARG A CA    1 
ATOM   749  C  C     . ARG A 1 127 ? 3.233   19.651  -0.903  1.00 14.68 ? 107 ARG A C     1 
ATOM   750  O  O     . ARG A 1 127 ? 2.940   20.656  -1.598  1.00 17.65 ? 107 ARG A O     1 
ATOM   751  C  CB    . ARG A 1 127 ? 5.324   20.347  0.307   1.00 16.35 ? 107 ARG A CB    1 
ATOM   752  C  CG    . ARG A 1 127 ? 4.496   20.475  1.560   1.00 22.28 ? 107 ARG A CG    1 
ATOM   753  C  CD    . ARG A 1 127 ? 5.179   21.553  2.407   1.00 18.95 ? 107 ARG A CD    1 
ATOM   754  N  NE    . ARG A 1 127 ? 4.272   21.988  3.468   1.00 28.21 ? 107 ARG A NE    1 
ATOM   755  C  CZ    . ARG A 1 127 ? 4.140   21.274  4.576   1.00 18.33 ? 107 ARG A CZ    1 
ATOM   756  N  NH1   . ARG A 1 127 ? 4.857   20.134  4.725   1.00 20.43 ? 107 ARG A NH1   1 
ATOM   757  N  NH2   . ARG A 1 127 ? 3.314   21.716  5.555   1.00 18.99 ? 107 ARG A NH2   1 
ATOM   758  N  N     . GLY A 1 128 ? 2.334   18.807  -0.351  1.00 15.62 ? 108 GLY A N     1 
ATOM   759  C  CA    . GLY A 1 128 ? 0.905   19.040  -0.484  1.00 14.02 ? 108 GLY A CA    1 
ATOM   760  C  C     . GLY A 1 128 ? 0.275   18.285  -1.649  1.00 15.94 ? 108 GLY A C     1 
ATOM   761  O  O     . GLY A 1 128 ? -0.957  18.280  -1.794  1.00 16.23 ? 108 GLY A O     1 
ATOM   762  N  N     . ASP A 1 129 ? 1.103   17.624  -2.483  1.00 14.49 ? 109 ASP A N     1 
ATOM   763  C  CA    . ASP A 1 129 ? 0.522   16.770  -3.553  1.00 14.75 ? 109 ASP A CA    1 
ATOM   764  C  C     . ASP A 1 129 ? 0.002   15.514  -2.898  1.00 14.92 ? 109 ASP A C     1 
ATOM   765  O  O     . ASP A 1 129 ? 0.542   15.091  -1.883  1.00 14.75 ? 109 ASP A O     1 
ATOM   766  C  CB    . ASP A 1 129 ? 1.632   16.349  -4.535  1.00 15.19 ? 109 ASP A CB    1 
ATOM   767  C  CG    . ASP A 1 129 ? 2.062   17.481  -5.455  1.00 17.97 ? 109 ASP A CG    1 
ATOM   768  O  OD1   . ASP A 1 129 ? 1.404   18.546  -5.513  1.00 18.72 ? 109 ASP A OD1   1 
ATOM   769  O  OD2   . ASP A 1 129 ? 3.046   17.274  -6.176  1.00 18.38 ? 109 ASP A OD2   1 
ATOM   770  N  N     . ARG A 1 130 ? -0.994  14.893  -3.514  1.00 14.52 ? 110 ARG A N     1 
ATOM   771  C  CA    . ARG A 1 130 ? -1.509  13.623  -3.033  1.00 13.22 ? 110 ARG A CA    1 
ATOM   772  C  C     . ARG A 1 130 ? -0.799  12.489  -3.738  1.00 14.79 ? 110 ARG A C     1 
ATOM   773  O  O     . ARG A 1 130 ? -0.957  12.324  -4.969  1.00 15.29 ? 110 ARG A O     1 
ATOM   774  C  CB    . ARG A 1 130 ? -3.024  13.553  -3.228  1.00 15.88 ? 110 ARG A CB    1 
ATOM   775  C  CG    . ARG A 1 130 ? -3.698  14.367  -2.101  1.00 16.14 ? 110 ARG A CG    1 
ATOM   776  C  CD    . ARG A 1 130 ? -5.216  14.454  -2.325  1.00 17.39 ? 110 ARG A CD    1 
ATOM   777  N  NE    . ARG A 1 130 ? -5.562  15.395  -3.422  1.00 17.46 ? 110 ARG A NE    1 
ATOM   778  C  CZ    . ARG A 1 130 ? -6.290  15.080  -4.505  1.00 17.28 ? 110 ARG A CZ    1 
ATOM   779  N  NH1   . ARG A 1 130 ? -6.741  13.828  -4.748  1.00 16.67 ? 110 ARG A NH1   1 
ATOM   780  N  NH2   . ARG A 1 130 ? -6.598  16.032  -5.373  1.00 21.02 ? 110 ARG A NH2   1 
ATOM   781  N  N     . ILE A 1 131 ? -0.014  11.725  -2.966  1.00 13.06 ? 111 ILE A N     1 
ATOM   782  C  CA    . ILE A 1 131 ? 0.993   10.841  -3.589  1.00 12.74 ? 111 ILE A CA    1 
ATOM   783  C  C     . ILE A 1 131 ? 0.699   9.389   -3.348  1.00 15.27 ? 111 ILE A C     1 
ATOM   784  O  O     . ILE A 1 131 ? 1.466   8.545   -3.866  1.00 16.15 ? 111 ILE A O     1 
ATOM   785  C  CB    . ILE A 1 131 ? 2.442   11.085  -3.060  1.00 15.47 ? 111 ILE A CB    1 
ATOM   786  C  CG1   . ILE A 1 131 ? 2.485   10.989  -1.505  1.00 17.62 ? 111 ILE A CG1   1 
ATOM   787  C  CG2   . ILE A 1 131 ? 2.889   12.447  -3.489  1.00 19.61 ? 111 ILE A CG2   1 
ATOM   788  C  CD1   . ILE A 1 131 ? 3.820   10.843  -0.914  1.00 20.07 ? 111 ILE A CD1   1 
ATOM   789  N  N     . ALA A 1 132 ? -0.369  9.044   -2.612  1.00 14.14 ? 112 ALA A N     1 
ATOM   790  C  CA    . ALA A 1 132 ? -0.677  7.652   -2.378  1.00 12.49 ? 112 ALA A CA    1 
ATOM   791  C  C     . ALA A 1 132 ? -2.036  7.644   -1.707  1.00 13.04 ? 112 ALA A C     1 
ATOM   792  O  O     . ALA A 1 132 ? -2.598  8.687   -1.460  1.00 13.14 ? 112 ALA A O     1 
ATOM   793  C  CB    . ALA A 1 132 ? 0.385   7.031   -1.421  1.00 15.00 ? 112 ALA A CB    1 
ATOM   794  N  N     . GLN A 1 133 ? -2.571  6.451   -1.437  1.00 13.02 ? 113 GLN A N     1 
ATOM   795  C  CA    . GLN A 1 133 ? -3.829  6.393   -0.708  1.00 13.10 ? 113 GLN A CA    1 
ATOM   796  C  C     . GLN A 1 133 ? -3.751  5.336   0.347   1.00 16.28 ? 113 GLN A C     1 
ATOM   797  O  O     . GLN A 1 133 ? -3.011  4.340   0.207   1.00 15.15 ? 113 GLN A O     1 
ATOM   798  C  CB    . GLN A 1 133 ? -4.978  6.100   -1.706  1.00 13.80 ? 113 GLN A CB    1 
ATOM   799  C  CG    . GLN A 1 133 ? -4.856  4.781   -2.429  1.00 15.88 ? 113 GLN A CG    1 
ATOM   800  C  CD    . GLN A 1 133 ? -5.782  4.770   -3.631  1.00 19.77 ? 113 GLN A CD    1 
ATOM   801  O  OE1   . GLN A 1 133 ? -6.979  5.055   -3.478  1.00 16.32 ? 113 GLN A OE1   1 
ATOM   802  N  NE2   . GLN A 1 133 ? -5.233  4.446   -4.824  1.00 15.64 ? 113 GLN A NE2   1 
ATOM   803  N  N     . LEU A 1 134 ? -4.437  5.584   1.454   1.00 13.32 ? 114 LEU A N     1 
ATOM   804  C  CA    . LEU A 1 134 ? -4.404  4.613   2.563   1.00 14.39 ? 114 LEU A CA    1 
ATOM   805  C  C     . LEU A 1 134 ? -5.754  3.931   2.735   1.00 15.53 ? 114 LEU A C     1 
ATOM   806  O  O     . LEU A 1 134 ? -6.791  4.602   2.930   1.00 13.88 ? 114 LEU A O     1 
ATOM   807  C  CB    . LEU A 1 134 ? -4.105  5.406   3.863   1.00 14.77 ? 114 LEU A CB    1 
ATOM   808  C  CG    . LEU A 1 134 ? -4.110  4.560   5.168   1.00 16.20 ? 114 LEU A CG    1 
ATOM   809  C  CD1   . LEU A 1 134 ? -2.902  3.653   5.202   1.00 15.98 ? 114 LEU A CD1   1 
ATOM   810  C  CD2   . LEU A 1 134 ? -4.049  5.514   6.424   1.00 16.53 ? 114 LEU A CD2   1 
ATOM   811  N  N     . LEU A 1 135 ? -5.704  2.598   2.653   1.00 15.14 ? 115 LEU A N     1 
ATOM   812  C  CA    . LEU A 1 135 ? -6.909  1.831   2.950   1.00 13.19 ? 115 LEU A CA    1 
ATOM   813  C  C     . LEU A 1 135 ? -6.765  1.215   4.346   1.00 12.94 ? 115 LEU A C     1 
ATOM   814  O  O     . LEU A 1 135 ? -5.667  1.051   4.836   1.00 15.42 ? 115 LEU A O     1 
ATOM   815  C  CB    . LEU A 1 135 ? -7.112  0.656   1.973   1.00 14.42 ? 115 LEU A CB    1 
ATOM   816  C  CG    . LEU A 1 135 ? -7.562  0.996   0.536   1.00 14.69 ? 115 LEU A CG    1 
ATOM   817  C  CD1   . LEU A 1 135 ? -6.448  1.857   -0.210  1.00 15.28 ? 115 LEU A CD1   1 
ATOM   818  C  CD2   . LEU A 1 135 ? -7.817  -0.300  -0.212  1.00 14.18 ? 115 LEU A CD2   1 
ATOM   819  N  N     . VAL A 1 136 ? -7.907  0.860   4.963   1.00 13.34 ? 116 VAL A N     1 
ATOM   820  C  CA    . VAL A 1 136 ? -7.890  0.102   6.192   1.00 12.86 ? 116 VAL A CA    1 
ATOM   821  C  C     . VAL A 1 136 ? -8.785  -1.108  5.973   1.00 15.45 ? 116 VAL A C     1 
ATOM   822  O  O     . VAL A 1 136 ? -9.963  -0.961  5.498   1.00 14.49 ? 116 VAL A O     1 
ATOM   823  C  CB    . VAL A 1 136 ? -8.356  0.945   7.396   1.00 14.64 ? 116 VAL A CB    1 
ATOM   824  C  CG1   . VAL A 1 136 ? -8.470  0.140   8.695   1.00 16.11 ? 116 VAL A CG1   1 
ATOM   825  C  CG2   . VAL A 1 136 ? -7.473  2.101   7.610   1.00 13.74 ? 116 VAL A CG2   1 
ATOM   826  N  N     . GLN A 1 137 ? -8.274  -2.279  6.330   1.00 15.38 ? 117 GLN A N     1 
ATOM   827  C  CA    . GLN A 1 137 ? -9.055  -3.519  6.191   1.00 14.92 ? 117 GLN A CA    1 
ATOM   828  C  C     . GLN A 1 137 ? -8.867  -4.368  7.400   1.00 14.37 ? 117 GLN A C     1 
ATOM   829  O  O     . GLN A 1 137 ? -7.837  -4.291  8.091   1.00 14.84 ? 117 GLN A O     1 
ATOM   830  C  CB    . GLN A 1 137 ? -8.590  -4.356  4.992   1.00 15.41 ? 117 GLN A CB    1 
ATOM   831  C  CG    . GLN A 1 137 ? -9.027  -3.678  3.682   1.00 15.75 ? 117 GLN A CG    1 
ATOM   832  C  CD    . GLN A 1 137 ? -8.581  -4.540  2.505   1.00 15.29 ? 117 GLN A CD    1 
ATOM   833  O  OE1   . GLN A 1 137 ? -7.422  -4.936  2.452   1.00 15.09 ? 117 GLN A OE1   1 
ATOM   834  N  NE2   . GLN A 1 137 ? -9.514  -4.868  1.580   1.00 14.31 ? 117 GLN A NE2   1 
ATOM   835  N  N     . ARG A 1 138 ? -9.862  -5.198  7.678   1.00 14.70 ? 118 ARG A N     1 
ATOM   836  C  CA    . ARG A 1 138 ? -9.597  -6.292  8.615   1.00 14.91 ? 118 ARG A CA    1 
ATOM   837  C  C     . ARG A 1 138 ? -8.497  -7.200  8.091   1.00 12.98 ? 118 ARG A C     1 
ATOM   838  O  O     . ARG A 1 138 ? -8.322  -7.353  6.879   1.00 15.55 ? 118 ARG A O     1 
ATOM   839  C  CB    . ARG A 1 138 ? -10.916 -7.069  8.818   1.00 14.91 ? 118 ARG A CB    1 
ATOM   840  C  CG    . ARG A 1 138 ? -11.890 -6.223  9.638   1.00 17.65 ? 118 ARG A CG    1 
ATOM   841  C  CD    . ARG A 1 138 ? -13.146 -6.917  10.208  1.00 30.53 ? 118 ARG A CD    1 
ATOM   842  N  NE    . ARG A 1 138 ? -14.045 -5.927  10.851  1.00 42.06 ? 118 ARG A NE    1 
ATOM   843  N  N     . VAL A 1 139 ? -7.826  -7.854  9.015   1.00 14.15 ? 119 VAL A N     1 
ATOM   844  C  CA    . VAL A 1 139 ? -6.828  -8.832  8.648   1.00 14.23 ? 119 VAL A CA    1 
ATOM   845  C  C     . VAL A 1 139 ? -6.943  -10.017 9.617   1.00 19.78 ? 119 VAL A C     1 
ATOM   846  O  O     . VAL A 1 139 ? -7.374  -9.825  10.775  1.00 18.09 ? 119 VAL A O     1 
ATOM   847  C  CB    . VAL A 1 139 ? -5.382  -8.209  8.688   1.00 18.61 ? 119 VAL A CB    1 
ATOM   848  C  CG1   . VAL A 1 139 ? -4.925  -7.973  10.125  1.00 16.77 ? 119 VAL A CG1   1 
ATOM   849  C  CG2   . VAL A 1 139 ? -4.416  -9.109  7.968   1.00 22.20 ? 119 VAL A CG2   1 
ATOM   850  N  N     . GLU A 1 140 ? -6.663  -11.222 9.130   1.00 17.56 ? 120 GLU A N     1 
ATOM   851  C  CA    . GLU A 1 140 ? -6.794  -12.393 9.995   1.00 15.61 ? 120 GLU A CA    1 
ATOM   852  C  C     . GLU A 1 140 ? -5.464  -12.557 10.713  1.00 17.70 ? 120 GLU A C     1 
ATOM   853  O  O     . GLU A 1 140 ? -4.425  -12.762 10.094  1.00 18.74 ? 120 GLU A O     1 
ATOM   854  C  CB    . GLU A 1 140 ? -7.101  -13.659 9.171   1.00 16.26 ? 120 GLU A CB    1 
ATOM   855  C  CG    . GLU A 1 140 ? -8.404  -13.573 8.350   1.00 16.10 ? 120 GLU A CG    1 
ATOM   856  C  CD    . GLU A 1 140 ? -9.592  -13.459 9.253   1.00 28.09 ? 120 GLU A CD    1 
ATOM   857  O  OE1   . GLU A 1 140 ? -9.578  -14.135 10.301  1.00 22.84 ? 120 GLU A OE1   1 
ATOM   858  O  OE2   . GLU A 1 140 ? -10.507 -12.659 8.955   1.00 32.11 ? 120 GLU A OE2   1 
ATOM   859  N  N     . LEU A 1 141 ? -5.473  -12.434 12.016  1.00 18.69 ? 121 LEU A N     1 
ATOM   860  C  CA    . LEU A 1 141 ? -4.194  -12.637 12.695  1.00 18.89 ? 121 LEU A CA    1 
ATOM   861  C  C     . LEU A 1 141 ? -4.086  -14.135 12.864  1.00 19.39 ? 121 LEU A C     1 
ATOM   862  O  O     . LEU A 1 141 ? -4.636  -14.737 13.743  1.00 23.33 ? 121 LEU A O     1 
ATOM   863  C  CB    . LEU A 1 141 ? -4.128  -11.818 14.000  1.00 22.01 ? 121 LEU A CB    1 
ATOM   864  C  CG    . LEU A 1 141 ? -4.238  -10.266 13.786  1.00 24.12 ? 121 LEU A CG    1 
ATOM   865  C  CD1   . LEU A 1 141 ? -4.397  -9.566  15.157  1.00 21.91 ? 121 LEU A CD1   1 
ATOM   866  C  CD2   . LEU A 1 141 ? -3.035  -9.709  13.041  1.00 23.38 ? 121 LEU A CD2   1 
ATOM   867  N  N     . VAL A 1 142 ? -3.361  -14.764 11.969  1.00 20.58 ? 122 VAL A N     1 
ATOM   868  C  CA    . VAL A 1 142 ? -3.468  -16.222 11.918  1.00 23.77 ? 122 VAL A CA    1 
ATOM   869  C  C     . VAL A 1 142 ? -2.653  -16.919 12.965  1.00 19.05 ? 122 VAL A C     1 
ATOM   870  O  O     . VAL A 1 142 ? -1.608  -16.407 13.441  1.00 18.75 ? 122 VAL A O     1 
ATOM   871  C  CB    . VAL A 1 142 ? -3.106  -16.819 10.543  1.00 26.46 ? 122 VAL A CB    1 
ATOM   872  C  CG1   . VAL A 1 142 ? -4.056  -16.337 9.476   1.00 27.05 ? 122 VAL A CG1   1 
ATOM   873  C  CG2   . VAL A 1 142 ? -1.687  -16.531 10.238  1.00 27.05 ? 122 VAL A CG2   1 
ATOM   874  N  N     . GLU A 1 143 ? -3.148  -18.092 13.318  1.00 14.87 ? 123 GLU A N     1 
ATOM   875  C  CA    . GLU A 1 143 ? -2.434  -18.954 14.216  1.00 14.14 ? 123 GLU A CA    1 
ATOM   876  C  C     . GLU A 1 143 ? -1.954  -20.070 13.290  1.00 16.58 ? 123 GLU A C     1 
ATOM   877  O  O     . GLU A 1 143 ? -2.744  -20.848 12.759  1.00 14.98 ? 123 GLU A O     1 
ATOM   878  C  CB    . GLU A 1 143 ? -3.402  -19.521 15.229  1.00 15.36 ? 123 GLU A CB    1 
ATOM   879  C  CG    . GLU A 1 143 ? -2.719  -20.575 16.038  1.00 19.00 ? 123 GLU A CG    1 
ATOM   880  C  CD    . GLU A 1 143 ? -3.428  -20.911 17.354  1.00 20.58 ? 123 GLU A CD    1 
ATOM   881  O  OE1   . GLU A 1 143 ? -4.545  -20.404 17.606  1.00 23.29 ? 123 GLU A OE1   1 
ATOM   882  O  OE2   . GLU A 1 143 ? -2.802  -21.709 18.099  1.00 23.29 ? 123 GLU A OE2   1 
ATOM   883  N  N     . LEU A 1 144 ? -0.663  -20.227 13.175  1.00 15.28 ? 124 LEU A N     1 
ATOM   884  C  CA    . LEU A 1 144 ? -0.103  -21.290 12.326  1.00 16.43 ? 124 LEU A CA    1 
ATOM   885  C  C     . LEU A 1 144 ? -0.271  -22.626 13.010  1.00 16.49 ? 124 LEU A C     1 
ATOM   886  O  O     . LEU A 1 144 ? -0.090  -22.758 14.243  1.00 18.40 ? 124 LEU A O     1 
ATOM   887  C  CB    . LEU A 1 144 ? 1.394   -21.094 12.072  1.00 16.43 ? 124 LEU A CB    1 
ATOM   888  C  CG    . LEU A 1 144 ? 1.732   -19.855 11.246  1.00 25.12 ? 124 LEU A CG    1 
ATOM   889  C  CD1   . LEU A 1 144 ? 3.286   -19.691 11.042  1.00 19.36 ? 124 LEU A CD1   1 
ATOM   890  C  CD2   . LEU A 1 144 ? 1.063   -19.854 9.920   1.00 20.06 ? 124 LEU A CD2   1 
ATOM   891  N  N     . VAL A 1 145 ? -0.603  -23.641 12.227  1.00 18.48 ? 125 VAL A N     1 
ATOM   892  C  CA    . VAL A 1 145 ? -0.734  -24.974 12.718  1.00 17.80 ? 125 VAL A CA    1 
ATOM   893  C  C     . VAL A 1 145 ? 0.183   -25.805 11.825  1.00 17.62 ? 125 VAL A C     1 
ATOM   894  O  O     . VAL A 1 145 ? -0.145  -26.080 10.657  1.00 18.65 ? 125 VAL A O     1 
ATOM   895  C  CB    . VAL A 1 145 ? -2.210  -25.466 12.522  1.00 18.15 ? 125 VAL A CB    1 
ATOM   896  C  CG1   . VAL A 1 145 ? -2.322  -26.862 12.962  1.00 22.74 ? 125 VAL A CG1   1 
ATOM   897  C  CG2   . VAL A 1 145 ? -3.215  -24.560 13.327  1.00 20.13 ? 125 VAL A CG2   1 
ATOM   898  N  N     . GLU A 1 146 ? 1.327   -26.199 12.359  1.00 18.90 ? 126 GLU A N     1 
ATOM   899  C  CA    . GLU A 1 146 ? 2.244   -26.965 11.575  1.00 17.81 ? 126 GLU A CA    1 
ATOM   900  C  C     . GLU A 1 146 ? 1.789   -28.405 11.411  1.00 21.12 ? 126 GLU A C     1 
ATOM   901  O  O     . GLU A 1 146 ? 1.444   -29.060 12.413  1.00 20.58 ? 126 GLU A O     1 
ATOM   902  C  CB    . GLU A 1 146 ? 3.668   -26.901 12.136  1.00 17.81 ? 126 GLU A CB    1 
ATOM   903  C  CG    . GLU A 1 146 ? 4.612   -27.553 11.193  1.00 17.60 ? 126 GLU A CG    1 
ATOM   904  C  CD    . GLU A 1 146 ? 6.067   -27.350 11.566  1.00 20.19 ? 126 GLU A CD    1 
ATOM   905  O  OE1   . GLU A 1 146 ? 6.401   -26.840 12.667  1.00 22.33 ? 126 GLU A OE1   1 
ATOM   906  O  OE2   . GLU A 1 146 ? 6.882   -27.701 10.695  1.00 19.58 ? 126 GLU A OE2   1 
ATOM   907  N  N     . VAL A 1 147 ? 1.719   -28.875 10.162  1.00 16.67 ? 127 VAL A N     1 
ATOM   908  C  CA    . VAL A 1 147 ? 1.370   -30.266 9.917   1.00 16.87 ? 127 VAL A CA    1 
ATOM   909  C  C     . VAL A 1 147 ? 2.436   -30.904 9.076   1.00 17.73 ? 127 VAL A C     1 
ATOM   910  O  O     . VAL A 1 147 ? 3.258   -30.202 8.416   1.00 16.57 ? 127 VAL A O     1 
ATOM   911  C  CB    . VAL A 1 147 ? -0.024  -30.372 9.215   1.00 17.45 ? 127 VAL A CB    1 
ATOM   912  C  CG1   . VAL A 1 147 ? -1.091  -29.918 10.204  1.00 18.07 ? 127 VAL A CG1   1 
ATOM   913  C  CG2   . VAL A 1 147 ? -0.115  -29.539 7.902   1.00 20.18 ? 127 VAL A CG2   1 
ATOM   914  N  N     . SER A 1 148 ? 2.465   -32.240 9.061   1.00 20.29 ? 128 SER A N     1 
ATOM   915  C  CA    . SER A 1 148 ? 3.478   -32.899 8.261   1.00 19.62 ? 128 SER A CA    1 
ATOM   916  C  C     . SER A 1 148 ? 3.025   -33.021 6.803   1.00 23.45 ? 128 SER A C     1 
ATOM   917  O  O     . SER A 1 148 ? 3.853   -33.169 5.877   1.00 22.46 ? 128 SER A O     1 
ATOM   918  C  CB    . SER A 1 148 ? 3.798   -34.270 8.892   1.00 24.60 ? 128 SER A CB    1 
ATOM   919  O  OG    . SER A 1 148 ? 2.549   -34.974 9.016   1.00 41.15 ? 128 SER A OG    1 
ATOM   920  N  N     . SER A 1 149 ? 1.712   -32.939 6.582   1.00 20.05 ? 129 SER A N     1 
ATOM   921  C  CA    . SER A 1 149 ? 1.177   -32.939 5.216   1.00 20.35 ? 129 SER A CA    1 
ATOM   922  C  C     . SER A 1 149 ? -0.232  -32.441 5.325   1.00 19.54 ? 129 SER A C     1 
ATOM   923  O  O     . SER A 1 149 ? -0.824  -32.493 6.411   1.00 22.25 ? 129 SER A O     1 
ATOM   924  C  CB    . SER A 1 149 ? 1.147   -34.348 4.646   1.00 24.43 ? 129 SER A CB    1 
ATOM   925  O  OG    . SER A 1 149 ? 0.216   -35.086 5.390   1.00 29.77 ? 129 SER A OG    1 
ATOM   926  N  N     . PHE A 1 150 ? -0.763  -31.885 4.246   1.00 17.89 ? 130 PHE A N     1 
ATOM   927  C  CA    . PHE A 1 150 ? -2.123  -31.449 4.263   1.00 15.85 ? 130 PHE A CA    1 
ATOM   928  C  C     . PHE A 1 150 ? -3.104  -32.593 4.479   1.00 25.76 ? 130 PHE A C     1 
ATOM   929  O  O     . PHE A 1 150 ? -4.175  -32.379 5.049   1.00 24.92 ? 130 PHE A O     1 
ATOM   930  C  CB    . PHE A 1 150 ? -2.398  -30.655 2.999   1.00 17.95 ? 130 PHE A CB    1 
ATOM   931  C  CG    . PHE A 1 150 ? -1.622  -29.385 2.970   1.00 17.57 ? 130 PHE A CG    1 
ATOM   932  C  CD1   . PHE A 1 150 ? -1.808  -28.457 3.997   1.00 16.52 ? 130 PHE A CD1   1 
ATOM   933  C  CD2   . PHE A 1 150 ? -0.705  -29.134 1.955   1.00 20.34 ? 130 PHE A CD2   1 
ATOM   934  C  CE1   . PHE A 1 150 ? -1.059  -27.266 4.020   1.00 20.50 ? 130 PHE A CE1   1 
ATOM   935  C  CE2   . PHE A 1 150 ? 0.033   -27.931 1.966   1.00 19.47 ? 130 PHE A CE2   1 
ATOM   936  C  CZ    . PHE A 1 150 ? -0.145  -27.010 2.997   1.00 19.31 ? 130 PHE A CZ    1 
ATOM   937  N  N     . ASP A 1 151 ? -2.720  -33.791 4.045   1.00 27.83 ? 131 ASP A N     1 
ATOM   938  C  CA    . ASP A 1 151 ? -3.551  -34.968 4.352   1.00 31.78 ? 131 ASP A CA    1 
ATOM   939  C  C     . ASP A 1 151 ? -3.772  -35.101 5.864   1.00 39.63 ? 131 ASP A C     1 
ATOM   940  O  O     . ASP A 1 151 ? -4.924  -35.297 6.298   1.00 37.91 ? 131 ASP A O     1 
ATOM   941  C  CB    . ASP A 1 151 ? -2.935  -36.237 3.766   1.00 30.97 ? 131 ASP A CB    1 
ATOM   942  N  N     . GLU A 1 152 ? -2.704  -34.956 6.672   1.00 37.36 ? 132 GLU A N     1 
ATOM   943  C  CA    . GLU A 1 152 ? -2.847  -35.139 8.120   1.00 39.42 ? 132 GLU A CA    1 
ATOM   944  C  C     . GLU A 1 152 ? -3.868  -34.154 8.657   1.00 40.71 ? 132 GLU A C     1 
ATOM   945  O  O     . GLU A 1 152 ? -4.633  -34.466 9.562   1.00 41.97 ? 132 GLU A O     1 
ATOM   946  C  CB    . GLU A 1 152 ? -1.509  -34.997 8.873   1.00 40.40 ? 132 GLU A CB    1 
ATOM   947  N  N     . ALA A 1 153 ? -3.908  -32.961 8.090   1.00 40.40 ? 133 ALA A N     1 
ATOM   948  C  CA    . ALA A 1 153 ? -4.898  -31.989 8.523   1.00 42.76 ? 133 ALA A CA    1 
ATOM   949  C  C     . ALA A 1 153 ? -6.293  -32.379 8.017   1.00 41.21 ? 133 ALA A C     1 
ATOM   950  O  O     . ALA A 1 153 ? -7.257  -31.629 8.225   1.00 41.81 ? 133 ALA A O     1 
ATOM   951  C  CB    . ALA A 1 153 ? -4.516  -30.589 8.044   1.00 42.36 ? 133 ALA A CB    1 
ATOM   952  N  N     . GLY A 1 154 ? -6.393  -33.532 7.335   1.00 37.11 ? 134 GLY A N     1 
ATOM   953  C  CA    . GLY A 1 154 ? -7.689  -33.985 6.811   1.00 34.15 ? 134 GLY A CA    1 
ATOM   954  C  C     . GLY A 1 154 ? -8.241  -33.042 5.761   1.00 36.15 ? 134 GLY A C     1 
ATOM   955  O  O     . GLY A 1 154 ? -9.459  -32.948 5.574   1.00 37.33 ? 134 GLY A O     1 
ATOM   956  N  N     . LEU A 1 155 ? -7.362  -32.347 5.045   1.00 30.88 ? 135 LEU A N     1 
ATOM   957  C  CA    . LEU A 1 155 ? -7.821  -31.443 4.006   1.00 32.67 ? 135 LEU A CA    1 
ATOM   958  C  C     . LEU A 1 155 ? -8.117  -32.222 2.743   1.00 31.44 ? 135 LEU A C     1 
ATOM   959  O  O     . LEU A 1 155 ? -7.337  -33.096 2.374   1.00 33.50 ? 135 LEU A O     1 
ATOM   960  C  CB    . LEU A 1 155 ? -6.734  -30.406 3.702   1.00 35.08 ? 135 LEU A CB    1 
ATOM   961  C  CG    . LEU A 1 155 ? -6.453  -29.440 4.864   1.00 34.47 ? 135 LEU A CG    1 
ATOM   962  C  CD1   . LEU A 1 155 ? -5.387  -28.494 4.457   1.00 39.15 ? 135 LEU A CD1   1 
ATOM   963  C  CD2   . LEU A 1 155 ? -7.682  -28.643 5.242   1.00 32.39 ? 135 LEU A CD2   1 
ATOM   964  N  N     . ALA A 1 156 ? -9.224  -31.889 2.078   1.00 31.07 ? 136 ALA A N     1 
ATOM   965  C  CA    . ALA A 1 156 ? -9.584  -32.540 0.825   1.00 32.59 ? 136 ALA A CA    1 
ATOM   966  C  C     . ALA A 1 156 ? -8.605  -32.066 -0.236  1.00 35.13 ? 136 ALA A C     1 
ATOM   967  O  O     . ALA A 1 156 ? -8.088  -30.941 -0.125  1.00 28.68 ? 136 ALA A O     1 
ATOM   968  C  CB    . ALA A 1 156 ? -10.986 -32.148 0.440   1.00 35.29 ? 136 ALA A CB    1 
ATOM   969  N  N     . SER A 1 157 ? -8.331  -32.925 -1.230  1.00 33.20 ? 137 SER A N     1 
ATOM   970  C  CA    . SER A 1 157 ? -7.589  -32.536 -2.453  1.00 31.37 ? 137 SER A CA    1 
ATOM   971  C  C     . SER A 1 157 ? -8.316  -31.351 -3.067  1.00 29.87 ? 137 SER A C     1 
ATOM   972  O  O     . SER A 1 157 ? -9.540  -31.167 -2.838  1.00 32.32 ? 137 SER A O     1 
ATOM   973  C  CB    . SER A 1 157 ? -7.547  -33.680 -3.465  1.00 36.11 ? 137 SER A CB    1 
ATOM   974  N  N     . THR A 1 158 ? -7.573  -30.487 -3.779  1.00 23.56 ? 138 THR A N     1 
ATOM   975  C  CA    . THR A 1 158 ? -8.199  -29.310 -4.393  1.00 21.58 ? 138 THR A CA    1 
ATOM   976  C  C     . THR A 1 158 ? -7.981  -29.337 -5.898  1.00 20.43 ? 138 THR A C     1 
ATOM   977  O  O     . THR A 1 158 ? -7.071  -30.003 -6.391  1.00 20.52 ? 138 THR A O     1 
ATOM   978  C  CB    . THR A 1 158 ? -7.615  -27.994 -3.865  1.00 23.06 ? 138 THR A CB    1 
ATOM   979  O  OG1   . THR A 1 158 ? -6.249  -27.879 -4.300  1.00 19.53 ? 138 THR A OG1   1 
ATOM   980  C  CG2   . THR A 1 158 ? -7.681  -27.951 -2.325  1.00 23.95 ? 138 THR A CG2   1 
ATOM   981  N  N     . SER A 1 159 ? -8.820  -28.593 -6.599  1.00 23.19 ? 139 SER A N     1 
ATOM   982  C  CA    . SER A 1 159 ? -8.745  -28.427 -8.027  1.00 24.06 ? 139 SER A CA    1 
ATOM   983  C  C     . SER A 1 159 ? -7.372  -27.880 -8.397  1.00 26.15 ? 139 SER A C     1 
ATOM   984  O  O     . SER A 1 159 ? -6.690  -28.342 -9.319  1.00 23.41 ? 139 SER A O     1 
ATOM   985  C  CB    . SER A 1 159 ? -9.810  -27.389 -8.426  1.00 23.57 ? 139 SER A CB    1 
ATOM   986  O  OG    . SER A 1 159 ? -9.883  -27.310 -9.811  1.00 29.53 ? 139 SER A OG    1 
ATOM   987  N  N     . ARG A 1 160 ? -6.987  -26.838 -7.691  1.00 20.03 ? 140 ARG A N     1 
ATOM   988  C  CA    . ARG A 1 160 ? -5.747  -26.169 -8.038  1.00 19.94 ? 140 ARG A CA    1 
ATOM   989  C  C     . ARG A 1 160 ? -4.546  -27.027 -7.719  1.00 21.55 ? 140 ARG A C     1 
ATOM   990  O  O     . ARG A 1 160 ? -3.599  -27.034 -8.479  1.00 21.94 ? 140 ARG A O     1 
ATOM   991  C  CB    . ARG A 1 160 ? -5.623  -24.858 -7.259  1.00 18.74 ? 140 ARG A CB    1 
ATOM   992  C  CG    . ARG A 1 160 ? -4.300  -24.131 -7.463  1.00 19.76 ? 140 ARG A CG    1 
ATOM   993  C  CD    . ARG A 1 160 ? -4.425  -22.679 -7.004  1.00 19.45 ? 140 ARG A CD    1 
ATOM   994  N  NE    . ARG A 1 160 ? -5.134  -21.824 -7.964  1.00 16.83 ? 140 ARG A NE    1 
ATOM   995  C  CZ    . ARG A 1 160 ? -4.547  -21.355 -9.074  1.00 19.88 ? 140 ARG A CZ    1 
ATOM   996  N  NH1   . ARG A 1 160 ? -3.259  -21.660 -9.355  1.00 16.13 ? 140 ARG A NH1   1 
ATOM   997  N  NH2   . ARG A 1 160 ? -5.251  -20.573 -9.894  1.00 16.67 ? 140 ARG A NH2   1 
ATOM   998  N  N     . GLY A 1 161 ? -4.591  -27.796 -6.624  1.00 19.77 ? 141 GLY A N     1 
ATOM   999  C  CA    . GLY A 1 161 ? -3.434  -28.610 -6.228  1.00 19.74 ? 141 GLY A CA    1 
ATOM   1000 C  C     . GLY A 1 161 ? -2.179  -27.754 -6.104  1.00 23.07 ? 141 GLY A C     1 
ATOM   1001 O  O     . GLY A 1 161 ? -2.209  -26.679 -5.475  1.00 19.55 ? 141 GLY A O     1 
ATOM   1002 N  N     . ASP A 1 162 ? -1.071  -28.193 -6.700  1.00 22.60 ? 142 ASP A N     1 
ATOM   1003 C  CA    . ASP A 1 162 ? 0.121   -27.370 -6.558  1.00 18.89 ? 142 ASP A CA    1 
ATOM   1004 C  C     . ASP A 1 162 ? 0.356   -26.432 -7.709  1.00 18.64 ? 142 ASP A C     1 
ATOM   1005 O  O     . ASP A 1 162 ? 1.463   -25.939 -7.907  1.00 22.25 ? 142 ASP A O     1 
ATOM   1006 C  CB    . ASP A 1 162 ? 1.347   -28.223 -6.224  1.00 24.31 ? 142 ASP A CB    1 
ATOM   1007 C  CG    . ASP A 1 162 ? 1.746   -29.123 -7.337  1.00 41.01 ? 142 ASP A CG    1 
ATOM   1008 O  OD1   . ASP A 1 162 ? 1.186   -28.961 -8.464  1.00 41.36 ? 142 ASP A OD1   1 
ATOM   1009 O  OD2   . ASP A 1 162 ? 2.625   -29.990 -7.077  1.00 64.72 ? 142 ASP A OD2   1 
ATOM   1010 N  N     . GLY A 1 163 ? -0.709  -26.185 -8.469  1.00 18.26 ? 143 GLY A N     1 
ATOM   1011 C  CA    . GLY A 1 163 ? -0.571  -25.384 -9.666  1.00 22.95 ? 143 GLY A CA    1 
ATOM   1012 C  C     . GLY A 1 163 ? -0.489  -23.931 -9.310  1.00 20.56 ? 143 GLY A C     1 
ATOM   1013 O  O     . GLY A 1 163 ? -1.271  -23.377 -8.474  1.00 19.45 ? 143 GLY A O     1 
ATOM   1014 N  N     . GLY A 1 164 ? 0.474   -23.277 -9.943  1.00 21.37 ? 144 GLY A N     1 
ATOM   1015 C  CA    . GLY A 1 164 ? 0.565   -21.805 -9.804  1.00 20.29 ? 144 GLY A CA    1 
ATOM   1016 C  C     . GLY A 1 164 ? 1.440   -21.216 -10.882 1.00 21.17 ? 144 GLY A C     1 
ATOM   1017 O  O     . GLY A 1 164 ? 1.843   -21.923 -11.819 1.00 20.98 ? 144 GLY A O     1 
ATOM   1018 N  N     . HIS A 1 165 ? 1.838   -19.944 -10.721 1.00 20.70 ? 145 HIS A N     1 
ATOM   1019 C  CA    . HIS A 1 165 ? 2.805   -19.343 -11.646 1.00 20.50 ? 145 HIS A CA    1 
ATOM   1020 C  C     . HIS A 1 165 ? 2.464   -19.642 -13.081 1.00 19.92 ? 145 HIS A C     1 
ATOM   1021 O  O     . HIS A 1 165 ? 3.305   -19.952 -13.909 1.00 19.59 ? 145 HIS A O     1 
ATOM   1022 C  CB    . HIS A 1 165 ? 4.230   -19.697 -11.298 1.00 23.47 ? 145 HIS A CB    1 
ATOM   1023 C  CG    . HIS A 1 165 ? 4.560   -19.266 -9.924  1.00 21.15 ? 145 HIS A CG    1 
ATOM   1024 N  ND1   . HIS A 1 165 ? 4.379   -20.110 -8.842  1.00 19.50 ? 145 HIS A ND1   1 
ATOM   1025 C  CD2   . HIS A 1 165 ? 4.860   -18.044 -9.427  1.00 22.14 ? 145 HIS A CD2   1 
ATOM   1026 C  CE1   . HIS A 1 165 ? 4.649   -19.436 -7.731  1.00 23.23 ? 145 HIS A CE1   1 
ATOM   1027 N  NE2   . HIS A 1 165 ? 4.923   -18.180 -8.055  1.00 20.16 ? 145 HIS A NE2   1 
ATOM   1028 N  N     . GLY A 1 166 ? 1.191   -19.443 -13.372 1.00 19.21 ? 146 GLY A N     1 
ATOM   1029 C  CA    . GLY A 1 166 ? 0.739   -19.358 -14.782 1.00 16.51 ? 146 GLY A CA    1 
ATOM   1030 C  C     . GLY A 1 166 ? 0.152   -20.695 -15.226 1.00 18.76 ? 146 GLY A C     1 
ATOM   1031 O  O     . GLY A 1 166 ? -0.146  -20.895 -16.425 1.00 21.22 ? 146 GLY A O     1 
ATOM   1032 N  N     . SER A 1 167 ? -0.080  -21.599 -14.267 1.00 18.80 ? 147 SER A N     1 
ATOM   1033 C  CA    . SER A 1 167 ? -0.541  -22.963 -14.630 1.00 18.48 ? 147 SER A CA    1 
ATOM   1034 C  C     . SER A 1 167 ? -1.869  -22.957 -15.411 1.00 19.92 ? 147 SER A C     1 
ATOM   1035 O  O     . SER A 1 167 ? -2.204  -23.953 -16.099 1.00 23.61 ? 147 SER A O     1 
ATOM   1036 C  CB    . SER A 1 167 ? -0.709  -23.784 -13.376 1.00 21.07 ? 147 SER A CB    1 
ATOM   1037 O  OG    . SER A 1 167 ? -1.850  -23.371 -12.635 1.00 22.48 ? 147 SER A OG    1 
ATOM   1038 N  N     . SER A 1 168 ? -2.673  -21.896 -15.273 1.00 19.42 ? 148 SER A N     1 
ATOM   1039 C  CA    . SER A 1 168 ? -3.986  -21.874 -15.944 1.00 20.48 ? 148 SER A CA    1 
ATOM   1040 C  C     . SER A 1 168 ? -3.904  -21.295 -17.363 1.00 24.69 ? 148 SER A C     1 
ATOM   1041 O  O     . SER A 1 168 ? -4.914  -21.279 -18.093 1.00 23.84 ? 148 SER A O     1 
ATOM   1042 C  CB    . SER A 1 168 ? -5.069  -21.132 -15.156 1.00 21.13 ? 148 SER A CB    1 
ATOM   1043 O  OG    . SER A 1 168 ? -4.792  -19.698 -15.126 1.00 17.00 ? 148 SER A OG    1 
ATOM   1044 N  N     . GLY A 1 169 ? -2.704  -20.883 -17.759 1.00 19.59 ? 149 GLY A N     1 
ATOM   1045 C  CA    . GLY A 1 169 ? -2.463  -20.387 -19.130 1.00 21.60 ? 149 GLY A CA    1 
ATOM   1046 C  C     . GLY A 1 169 ? -2.921  -18.966 -19.319 1.00 19.88 ? 149 GLY A C     1 
ATOM   1047 O  O     . GLY A 1 169 ? -2.939  -18.152 -18.345 1.00 22.18 ? 149 GLY A O     1 
ATOM   1048 N  N     . GLY A 1 170 ? -3.311  -18.633 -20.553 1.00 19.45 ? 150 GLY A N     1 
ATOM   1049 C  CA    . GLY A 1 170 ? -3.863  -17.265 -20.794 1.00 21.91 ? 150 GLY A CA    1 
ATOM   1050 C  C     . GLY A 1 170 ? -2.908  -16.316 -21.434 1.00 19.65 ? 150 GLY A C     1 
ATOM   1051 O  O     . GLY A 1 170 ? -3.195  -15.130 -21.496 1.00 19.47 ? 150 GLY A O     1 
ATOM   1052 N  N     . HIS A 1 171 ? -1.725  -16.811 -21.820 1.00 21.24 ? 151 HIS A N     1 
ATOM   1053 C  CA    . HIS A 1 171 ? -0.723  -15.986 -22.524 1.00 20.68 ? 151 HIS A CA    1 
ATOM   1054 C  C     . HIS A 1 171 ? 0.306   -16.935 -23.158 1.00 22.99 ? 151 HIS A C     1 
ATOM   1055 O  O     . HIS A 1 171 ? 0.610   -17.995 -22.609 1.00 25.74 ? 151 HIS A O     1 
ATOM   1056 C  CB    . HIS A 1 171 ? -0.050  -15.004 -21.555 1.00 20.97 ? 151 HIS A CB    1 
ATOM   1057 C  CG    . HIS A 1 171 ? 0.985   -14.131 -22.199 1.00 21.18 ? 151 HIS A CG    1 
ATOM   1058 N  ND1   . HIS A 1 171 ? 0.727   -12.855 -22.664 1.00 23.21 ? 151 HIS A ND1   1 
ATOM   1059 C  CD2   . HIS A 1 171 ? 2.296   -14.367 -22.452 1.00 19.87 ? 151 HIS A CD2   1 
ATOM   1060 C  CE1   . HIS A 1 171 ? 1.855   -12.340 -23.158 1.00 22.11 ? 151 HIS A CE1   1 
ATOM   1061 N  NE2   . HIS A 1 171 ? 2.813   -13.245 -23.054 1.00 31.45 ? 151 HIS A NE2   1 
ATOM   1062 N  N     . ALA A 1 172 ? 0.858   -16.535 -24.294 1.00 23.30 ? 152 ALA A N     1 
ATOM   1063 C  CA    . ALA A 1 172 ? 1.741   -17.418 -25.066 1.00 24.37 ? 152 ALA A CA    1 
ATOM   1064 C  C     . ALA A 1 172 ? 3.000   -17.806 -24.314 1.00 27.48 ? 152 ALA A C     1 
ATOM   1065 O  O     . ALA A 1 172 ? 3.657   -18.792 -24.660 1.00 28.42 ? 152 ALA A O     1 
ATOM   1066 C  CB    . ALA A 1 172 ? 2.107   -16.755 -26.395 1.00 25.23 ? 152 ALA A CB    1 
ATOM   1067 N  N     . SER A 1 173 ? 3.362   -17.052 -23.281 1.00 26.14 ? 153 SER A N     1 
ATOM   1068 C  CA    . SER A 1 173 ? 4.655   -17.283 -22.607 1.00 27.07 ? 153 SER A CA    1 
ATOM   1069 C  C     . SER A 1 173 ? 4.454   -18.302 -21.505 1.00 30.62 ? 153 SER A C     1 
ATOM   1070 O  O     . SER A 1 173 ? 5.414   -18.711 -20.874 1.00 32.89 ? 153 SER A O     1 
ATOM   1071 C  CB    . SER A 1 173 ? 5.207   -15.981 -21.986 1.00 24.54 ? 153 SER A CB    1 
ATOM   1072 O  OG    . SER A 1 173 ? 4.407   -15.689 -20.845 1.00 26.80 ? 153 SER A OG    1 
ATOM   1073 N  N     . LEU A 1 174 ? 3.209   -18.700 -21.268 1.00 28.38 ? 154 LEU A N     1 
ATOM   1074 C  CA    . LEU A 1 174 ? 2.926   -19.590 -20.155 1.00 28.48 ? 154 LEU A CA    1 
ATOM   1075 C  C     . LEU A 1 174 ? 2.777   -21.029 -20.622 1.00 39.54 ? 154 LEU A C     1 
ATOM   1076 O  O     . LEU A 1 174 ? 2.462   -21.898 -19.802 1.00 44.66 ? 154 LEU A O     1 
ATOM   1077 C  CB    . LEU A 1 174 ? 1.630   -19.171 -19.435 1.00 26.66 ? 154 LEU A CB    1 
ATOM   1078 C  CG    . LEU A 1 174 ? 1.621   -17.688 -19.051 1.00 23.56 ? 154 LEU A CG    1 
ATOM   1079 C  CD1   . LEU A 1 174 ? 0.274   -17.224 -18.485 1.00 17.97 ? 154 LEU A CD1   1 
ATOM   1080 C  CD2   . LEU A 1 174 ? 2.749   -17.418 -17.975 1.00 22.91 ? 154 LEU A CD2   1 
ATOM   1081 O  OXT   . LEU A 1 174 ? 2.917   -21.347 -21.809 1.00 41.39 ? 154 LEU A OXT   1 
HETATM 1082 MG MG    . MG  B 2 .   ? 7.821   -6.190  9.206   1.00 15.34 ? 200 MG  A MG    1 
HETATM 1083 O  O4    . DUP C 3 .   ? 4.482   1.877   3.301   1.00 12.97 ? 777 DUP A O4    1 
HETATM 1084 C  C4    . DUP C 3 .   ? 4.817   1.682   4.481   1.00 13.57 ? 777 DUP A C4    1 
HETATM 1085 C  C5    . DUP C 3 .   ? 4.975   0.417   5.046   1.00 13.42 ? 777 DUP A C5    1 
HETATM 1086 C  C6    . DUP C 3 .   ? 5.395   0.337   6.394   1.00 14.63 ? 777 DUP A C6    1 
HETATM 1087 N  N3    . DUP C 3 .   ? 5.013   2.814   5.250   1.00 14.00 ? 777 DUP A N3    1 
HETATM 1088 C  C2    . DUP C 3 .   ? 5.358   2.732   6.594   1.00 14.39 ? 777 DUP A C2    1 
HETATM 1089 O  O2    . DUP C 3 .   ? 5.515   3.785   7.243   1.00 14.56 ? 777 DUP A O2    1 
HETATM 1090 N  N1    . DUP C 3 .   ? 5.558   1.493   7.131   1.00 12.96 ? 777 DUP A N1    1 
HETATM 1091 C  "C1'" . DUP C 3 .   ? 5.894   1.351   8.561   1.00 13.07 ? 777 DUP A "C1'" 1 
HETATM 1092 C  "C2'" . DUP C 3 .   ? 4.611   0.970   9.305   1.00 12.84 ? 777 DUP A "C2'" 1 
HETATM 1093 C  "C3'" . DUP C 3 .   ? 4.762   -0.555  9.443   1.00 11.36 ? 777 DUP A "C3'" 1 
HETATM 1094 O  "O3'" . DUP C 3 .   ? 4.060   -1.075  10.603  1.00 14.24 ? 777 DUP A "O3'" 1 
HETATM 1095 O  "O4'" . DUP C 3 .   ? 6.813   0.274   8.729   1.00 14.91 ? 777 DUP A "O4'" 1 
HETATM 1096 C  "C4'" . DUP C 3 .   ? 6.230   -0.703  9.595   1.00 11.94 ? 777 DUP A "C4'" 1 
HETATM 1097 C  "C5'" . DUP C 3 .   ? 6.822   -2.064  9.247   1.00 13.79 ? 777 DUP A "C5'" 1 
HETATM 1098 O  "O5'" . DUP C 3 .   ? 6.400   -2.354  7.908   1.00 13.59 ? 777 DUP A "O5'" 1 
HETATM 1099 P  PA    . DUP C 3 .   ? 6.894   -3.737  7.211   1.00 15.78 ? 777 DUP A PA    1 
HETATM 1100 O  O1A   . DUP C 3 .   ? 6.700   -4.845  8.245   1.00 15.93 ? 777 DUP A O1A   1 
HETATM 1101 O  O2A   . DUP C 3 .   ? 6.034   -3.850  5.963   1.00 16.42 ? 777 DUP A O2A   1 
HETATM 1102 N  N3A   . DUP C 3 .   ? 8.449   -3.507  6.845   1.00 17.47 ? 777 DUP A N3A   1 
HETATM 1103 P  PB    . DUP C 3 .   ? 9.693   -4.290  7.643   1.00 16.82 ? 777 DUP A PB    1 
HETATM 1104 O  O1B   . DUP C 3 .   ? 9.372   -5.708  8.004   1.00 13.91 ? 777 DUP A O1B   1 
HETATM 1105 O  O2B   . DUP C 3 .   ? 10.955  -4.051  6.816   1.00 16.72 ? 777 DUP A O2B   1 
HETATM 1106 O  O3B   . DUP C 3 .   ? 9.894   -3.543  9.032   1.00 17.85 ? 777 DUP A O3B   1 
HETATM 1107 P  PG    . DUP C 3 .   ? 9.812   -4.152  10.500  1.00 16.24 ? 777 DUP A PG    1 
HETATM 1108 O  O2G   . DUP C 3 .   ? 8.556   -4.968  10.600  1.00 13.51 ? 777 DUP A O2G   1 
HETATM 1109 O  O1G   . DUP C 3 .   ? 11.074  -4.948  10.583  1.00 17.71 ? 777 DUP A O1G   1 
HETATM 1110 O  O3G   . DUP C 3 .   ? 9.772   -2.953  11.433  1.00 16.77 ? 777 DUP A O3G   1 
HETATM 1111 C  C     . TRS D 4 .   ? 6.134   -2.619  -8.540  0.33 15.82 ? 201 TRS A C     1 
HETATM 1112 C  C1    . TRS D 4 .   ? 7.160   -3.762  -8.489  0.33 17.44 ? 201 TRS A C1    1 
HETATM 1113 C  C2    . TRS D 4 .   ? 6.738   -1.318  -7.986  0.33 15.99 ? 201 TRS A C2    1 
HETATM 1114 C  C3    . TRS D 4 .   ? 5.577   -2.419  -9.961  0.33 15.84 ? 201 TRS A C3    1 
HETATM 1115 N  N     . TRS D 4 .   ? 5.028   -3.006  -7.676  0.33 13.67 ? 201 TRS A N     1 
HETATM 1116 O  O1    . TRS D 4 .   ? 6.532   -4.945  -8.936  0.33 22.10 ? 201 TRS A O1    1 
HETATM 1117 O  O2    . TRS D 4 .   ? 7.109   -1.532  -6.641  0.33 25.18 ? 201 TRS A O2    1 
HETATM 1118 O  O3    . TRS D 4 .   ? 4.599   -1.396  -9.969  0.33 7.77  ? 201 TRS A O3    1 
HETATM 1119 O  O     . HOH E 5 .   ? -10.177 2.160   3.888   1.00 15.90 ? 778 HOH A O     1 
HETATM 1120 O  O     . HOH E 5 .   ? -0.612  15.918  8.243   1.00 15.12 ? 779 HOH A O     1 
HETATM 1121 O  O     . HOH E 5 .   ? 5.612   2.933   1.029   1.00 12.87 ? 780 HOH A O     1 
HETATM 1122 O  O     . HOH E 5 .   ? 1.317   6.347   -8.463  1.00 14.70 ? 781 HOH A O     1 
HETATM 1123 O  O     . HOH E 5 .   ? -3.992  -4.294  -0.468  1.00 15.51 ? 782 HOH A O     1 
HETATM 1124 O  O     . HOH E 5 .   ? 1.156   5.351   12.175  1.00 16.40 ? 783 HOH A O     1 
HETATM 1125 O  O     . HOH E 5 .   ? -0.865  12.996  4.517   1.00 14.64 ? 784 HOH A O     1 
HETATM 1126 O  O     . HOH E 5 .   ? -14.225 1.429   -2.667  1.00 16.29 ? 785 HOH A O     1 
HETATM 1127 O  O     . HOH E 5 .   ? 7.385   3.149   -17.365 1.00 16.46 ? 786 HOH A O     1 
HETATM 1128 O  O     . HOH E 5 .   ? 5.392   -2.543  3.808   1.00 13.60 ? 787 HOH A O     1 
HETATM 1129 O  O     . HOH E 5 .   ? 5.542   -3.569  -4.895  1.00 14.67 ? 788 HOH A O     1 
HETATM 1130 O  O     . HOH E 5 .   ? 5.206   -15.469 -7.465  1.00 15.76 ? 789 HOH A O     1 
HETATM 1131 O  O     . HOH E 5 .   ? 4.176   -4.252  2.200   1.00 14.66 ? 790 HOH A O     1 
HETATM 1132 O  O     . HOH E 5 .   ? -1.098  1.847   13.033  1.00 17.30 ? 791 HOH A O     1 
HETATM 1133 O  O     . HOH E 5 .   ? 12.921  -5.137  5.573   1.00 16.32 ? 792 HOH A O     1 
HETATM 1134 O  O     . HOH E 5 .   ? -2.149  14.801  6.134   1.00 15.82 ? 793 HOH A O     1 
HETATM 1135 O  O     . HOH E 5 .   ? -16.630 1.162   -0.423  1.00 20.00 ? 794 HOH A O     1 
HETATM 1136 O  O     . HOH E 5 .   ? -16.485 5.674   -4.795  1.00 19.35 ? 795 HOH A O     1 
HETATM 1137 O  O     . HOH E 5 .   ? -5.978  -6.363  0.537   0.33 19.34 ? 796 HOH A O     1 
HETATM 1138 O  O     . HOH E 5 .   ? -9.282  4.685   4.402   1.00 17.82 ? 797 HOH A O     1 
HETATM 1139 O  O     . HOH E 5 .   ? 13.128  3.712   -14.645 1.00 22.16 ? 798 HOH A O     1 
HETATM 1140 O  O     . HOH E 5 .   ? 17.254  5.775   -5.419  1.00 20.55 ? 799 HOH A O     1 
HETATM 1141 O  O     . HOH E 5 .   ? 0.904   6.986   -5.950  1.00 18.77 ? 800 HOH A O     1 
HETATM 1142 O  O     . HOH E 5 .   ? 5.794   -29.079 8.586   1.00 17.28 ? 801 HOH A O     1 
HETATM 1143 O  O     . HOH E 5 .   ? 7.899   10.543  -15.501 1.00 16.23 ? 802 HOH A O     1 
HETATM 1144 O  O     . HOH E 5 .   ? 0.321   3.062   -17.688 1.00 19.54 ? 803 HOH A O     1 
HETATM 1145 O  O     . HOH E 5 .   ? 2.745   18.784  -8.432  1.00 19.50 ? 804 HOH A O     1 
HETATM 1146 O  O     . HOH E 5 .   ? -7.441  4.349   15.935  1.00 20.63 ? 805 HOH A O     1 
HETATM 1147 O  O     . HOH E 5 .   ? 6.582   15.115  8.668   1.00 23.95 ? 806 HOH A O     1 
HETATM 1148 O  O     . HOH E 5 .   ? -8.918  -25.279 -6.080  1.00 23.11 ? 807 HOH A O     1 
HETATM 1149 O  O     . HOH E 5 .   ? -17.706 7.082   1.907   1.00 29.92 ? 808 HOH A O     1 
HETATM 1150 O  O     . HOH E 5 .   ? 16.459  11.504  -8.096  1.00 24.69 ? 809 HOH A O     1 
HETATM 1151 O  O     . HOH E 5 .   ? 1.268   20.753  -3.812  1.00 22.96 ? 810 HOH A O     1 
HETATM 1152 O  O     . HOH E 5 .   ? -2.475  3.516   -13.592 1.00 19.05 ? 811 HOH A O     1 
HETATM 1153 O  O     . HOH E 5 .   ? 7.217   13.228  -14.843 1.00 22.56 ? 812 HOH A O     1 
HETATM 1154 O  O     . HOH E 5 .   ? 3.974   -4.758  8.110   1.00 21.54 ? 813 HOH A O     1 
HETATM 1155 O  O     . HOH E 5 .   ? -12.835 11.654  3.624   1.00 23.64 ? 814 HOH A O     1 
HETATM 1156 O  O     . HOH E 5 .   ? -6.599  13.608  0.990   1.00 21.51 ? 815 HOH A O     1 
HETATM 1157 O  O     . HOH E 5 .   ? -9.443  8.827   -2.169  1.00 20.99 ? 816 HOH A O     1 
HETATM 1158 O  O     . HOH E 5 .   ? -4.062  -0.327  17.405  1.00 20.10 ? 817 HOH A O     1 
HETATM 1159 O  O     . HOH E 5 .   ? 1.193   -18.592 14.621  1.00 26.05 ? 818 HOH A O     1 
HETATM 1160 O  O     . HOH E 5 .   ? -12.045 -4.917  5.841   1.00 24.46 ? 819 HOH A O     1 
HETATM 1161 O  O     . HOH E 5 .   ? 17.968  8.432   -13.966 1.00 19.69 ? 820 HOH A O     1 
HETATM 1162 O  O     . HOH E 5 .   ? 3.626   -22.668 -8.297  1.00 27.96 ? 821 HOH A O     1 
HETATM 1163 O  O     . HOH E 5 .   ? -7.257  21.077  8.718   1.00 26.87 ? 822 HOH A O     1 
HETATM 1164 O  O     . HOH E 5 .   ? -1.017  19.349  -6.029  1.00 30.32 ? 823 HOH A O     1 
HETATM 1165 O  O     . HOH E 5 .   ? 8.150   8.199   12.695  1.00 28.29 ? 824 HOH A O     1 
HETATM 1166 O  O     . HOH E 5 .   ? 5.159   16.578  14.770  1.00 25.72 ? 825 HOH A O     1 
HETATM 1167 O  O     . HOH E 5 .   ? -2.601  1.038   21.317  1.00 27.22 ? 826 HOH A O     1 
HETATM 1168 O  O     . HOH E 5 .   ? 0.818   4.626   -20.130 1.00 27.09 ? 827 HOH A O     1 
HETATM 1169 O  O     . HOH E 5 .   ? -8.682  13.069  -1.681  1.00 25.11 ? 828 HOH A O     1 
HETATM 1170 O  O     . HOH E 5 .   ? -8.151  16.279  2.478   1.00 31.56 ? 829 HOH A O     1 
HETATM 1171 O  O     . HOH E 5 .   ? -12.208 -25.665 -9.774  1.00 26.88 ? 830 HOH A O     1 
HETATM 1172 O  O     . HOH E 5 .   ? -3.967  21.374  11.279  1.00 27.49 ? 831 HOH A O     1 
HETATM 1173 O  O     . HOH E 5 .   ? 14.731  8.827   0.766   1.00 33.47 ? 832 HOH A O     1 
HETATM 1174 O  O     . HOH E 5 .   ? 12.729  1.787   -12.741 1.00 27.52 ? 833 HOH A O     1 
HETATM 1175 O  O     . HOH E 5 .   ? 9.272   9.298   -20.735 1.00 29.87 ? 834 HOH A O     1 
HETATM 1176 O  O     . HOH E 5 .   ? 4.985   18.413  -10.109 1.00 26.99 ? 835 HOH A O     1 
HETATM 1177 O  O     . HOH E 5 .   ? 20.472  0.475   -2.828  1.00 28.14 ? 836 HOH A O     1 
HETATM 1178 O  O     . HOH E 5 .   ? -9.855  -8.829  12.534  1.00 36.15 ? 837 HOH A O     1 
HETATM 1179 O  O     . HOH E 5 .   ? 4.317   9.407   15.645  1.00 29.09 ? 838 HOH A O     1 
HETATM 1180 O  O     . HOH E 5 .   ? 7.813   6.002   -20.891 1.00 28.18 ? 839 HOH A O     1 
HETATM 1181 O  O     . HOH E 5 .   ? -2.510  -2.644  18.530  1.00 29.40 ? 840 HOH A O     1 
HETATM 1182 O  O     . HOH E 5 .   ? 10.740  1.305   -16.385 1.00 28.45 ? 841 HOH A O     1 
HETATM 1183 O  O     . HOH E 5 .   ? 18.317  5.253   -11.945 1.00 31.24 ? 842 HOH A O     1 
HETATM 1184 O  O     . HOH E 5 .   ? 9.197   -28.852 11.170  1.00 28.16 ? 843 HOH A O     1 
HETATM 1185 O  O     . HOH E 5 .   ? 2.268   -25.799 15.050  1.00 31.65 ? 844 HOH A O     1 
HETATM 1186 O  O     . HOH E 5 .   ? 17.356  5.811   -2.395  1.00 33.15 ? 845 HOH A O     1 
HETATM 1187 O  O     . HOH E 5 .   ? 10.791  19.268  1.234   1.00 29.56 ? 846 HOH A O     1 
HETATM 1188 O  O     . HOH E 5 .   ? 4.004   23.008  -2.135  1.00 30.14 ? 847 HOH A O     1 
HETATM 1189 O  O     . HOH E 5 .   ? -5.346  18.338  -3.212  1.00 32.76 ? 848 HOH A O     1 
HETATM 1190 O  O     . HOH E 5 .   ? 2.278   -25.048 -11.594 1.00 35.54 ? 849 HOH A O     1 
HETATM 1191 O  O     . HOH E 5 .   ? -8.469  18.476  6.803   1.00 30.86 ? 850 HOH A O     1 
HETATM 1192 O  O     . HOH E 5 .   ? 6.398   14.952  -12.618 1.00 30.19 ? 851 HOH A O     1 
HETATM 1193 O  O     . HOH E 5 .   ? -1.030  -23.454 17.507  1.00 35.67 ? 852 HOH A O     1 
HETATM 1194 O  O     . HOH E 5 .   ? -6.794  -1.315  18.677  1.00 34.45 ? 853 HOH A O     1 
HETATM 1195 O  O     . HOH E 5 .   ? 3.774   22.658  8.514   1.00 29.69 ? 854 HOH A O     1 
HETATM 1196 O  O     . HOH E 5 .   ? -4.011  -24.881 -12.892 1.00 29.77 ? 855 HOH A O     1 
HETATM 1197 O  O     . HOH E 5 .   ? -3.431  -27.094 -11.324 1.00 29.83 ? 856 HOH A O     1 
HETATM 1198 O  O     . HOH E 5 .   ? -9.650  5.356   -2.892  1.00 25.08 ? 857 HOH A O     1 
HETATM 1199 O  O     . HOH E 5 .   ? -3.965  -20.275 20.597  1.00 44.84 ? 858 HOH A O     1 
HETATM 1200 O  O     . HOH E 5 .   ? 6.555   22.889  -3.205  1.00 29.81 ? 859 HOH A O     1 
HETATM 1201 O  O     . HOH E 5 .   ? 13.273  1.785   -16.709 1.00 30.05 ? 860 HOH A O     1 
HETATM 1202 O  O     . HOH E 5 .   ? -5.287  -30.278 0.530   1.00 28.90 ? 861 HOH A O     1 
HETATM 1203 O  O     . HOH E 5 .   ? 5.371   -26.516 15.085  1.00 31.97 ? 862 HOH A O     1 
HETATM 1204 O  O     . HOH E 5 .   ? 2.207   22.713  -5.618  1.00 36.42 ? 863 HOH A O     1 
HETATM 1205 O  O     . HOH E 5 .   ? -8.867  19.624  1.973   1.00 32.65 ? 864 HOH A O     1 
HETATM 1206 O  O     . HOH E 5 .   ? 0.611   -33.630 10.929  1.00 38.42 ? 865 HOH A O     1 
HETATM 1207 O  O     . HOH E 5 .   ? 15.573  0.220   -15.504 0.33 32.94 ? 866 HOH A O     1 
HETATM 1208 O  O     . HOH E 5 .   ? 2.211   21.353  -8.116  1.00 35.69 ? 867 HOH A O     1 
HETATM 1209 O  O     . HOH E 5 .   ? 16.384  4.931   -17.617 1.00 36.62 ? 868 HOH A O     1 
HETATM 1210 O  O     . HOH E 5 .   ? -11.839 5.332   2.911   1.00 31.60 ? 869 HOH A O     1 
HETATM 1211 O  O     . HOH E 5 .   ? -2.672  18.402  -3.776  1.00 34.90 ? 870 HOH A O     1 
HETATM 1212 O  O     . HOH E 5 .   ? -2.702  20.244  -0.661  1.00 34.97 ? 871 HOH A O     1 
HETATM 1213 O  O     . HOH E 5 .   ? 15.690  3.919   -15.141 1.00 33.72 ? 872 HOH A O     1 
HETATM 1214 O  O     . HOH E 5 .   ? -16.467 10.290  1.722   1.00 34.83 ? 873 HOH A O     1 
HETATM 1215 O  O     . HOH E 5 .   ? 20.612  5.991   -11.628 1.00 36.91 ? 874 HOH A O     1 
HETATM 1216 O  O     . HOH E 5 .   ? -10.715 14.635  5.833   1.00 33.50 ? 875 HOH A O     1 
HETATM 1217 O  O     . HOH E 5 .   ? 5.885   19.696  11.693  1.00 40.51 ? 876 HOH A O     1 
HETATM 1218 O  O     . HOH E 5 .   ? -11.910 14.852  -0.344  1.00 32.10 ? 877 HOH A O     1 
HETATM 1219 O  O     . HOH E 5 .   ? 12.185  12.173  0.852   1.00 34.55 ? 878 HOH A O     1 
HETATM 1220 O  O     . HOH E 5 .   ? -9.802  16.778  4.965   1.00 35.10 ? 879 HOH A O     1 
HETATM 1221 O  O     . HOH E 5 .   ? -4.431  -30.901 -3.769  1.00 37.67 ? 880 HOH A O     1 
HETATM 1222 O  O     . HOH E 5 .   ? 2.095   -28.625 14.961  1.00 41.11 ? 881 HOH A O     1 
HETATM 1223 O  O     . HOH E 5 .   ? -11.016 -27.261 -5.379  1.00 37.17 ? 882 HOH A O     1 
HETATM 1224 O  O     . HOH E 5 .   ? 0.297   -22.721 -18.487 1.00 36.55 ? 883 HOH A O     1 
HETATM 1225 O  O     . HOH E 5 .   ? -7.863  -11.528 13.495  1.00 41.30 ? 884 HOH A O     1 
HETATM 1226 O  O     . HOH E 5 .   ? 0.774   -32.311 1.854   1.00 37.54 ? 885 HOH A O     1 
HETATM 1227 O  O     . HOH E 5 .   ? 8.119   14.316  10.659  1.00 41.59 ? 886 HOH A O     1 
HETATM 1228 O  O     . HOH E 5 .   ? -4.256  -20.906 -22.414 1.00 49.26 ? 887 HOH A O     1 
HETATM 1229 O  O     . HOH E 5 .   ? 16.338  7.444   -20.497 1.00 34.05 ? 888 HOH A O     1 
HETATM 1230 O  O     . HOH E 5 .   ? -5.497  -25.100 -15.323 1.00 45.61 ? 889 HOH A O     1 
HETATM 1231 O  O     . HOH E 5 .   ? 2.387   24.475  5.493   1.00 39.45 ? 890 HOH A O     1 
HETATM 1232 O  O     . HOH E 5 .   ? 15.040  19.306  -12.814 1.00 41.12 ? 891 HOH A O     1 
HETATM 1233 O  O     . HOH E 5 .   ? -7.073  -15.138 14.263  1.00 38.47 ? 892 HOH A O     1 
HETATM 1234 O  O     . HOH E 5 .   ? 17.538  0.817   -16.974 0.33 32.80 ? 893 HOH A O     1 
HETATM 1235 O  O     . HOH E 5 .   ? -1.435  -30.465 -8.326  1.00 41.37 ? 894 HOH A O     1 
HETATM 1236 O  O     . HOH E 5 .   ? 10.078  19.087  -5.716  1.00 36.11 ? 895 HOH A O     1 
HETATM 1237 O  O     . HOH E 5 .   ? 14.079  14.055  -18.781 1.00 40.98 ? 896 HOH A O     1 
HETATM 1238 O  O     . HOH E 5 .   ? 1.064   17.196  15.713  1.00 34.28 ? 897 HOH A O     1 
HETATM 1239 O  O     . HOH E 5 .   ? 9.007   10.659  11.355  1.00 39.29 ? 898 HOH A O     1 
HETATM 1240 O  O     . HOH E 5 .   ? 23.090  4.588   -10.746 1.00 39.43 ? 899 HOH A O     1 
HETATM 1241 O  O     . HOH E 5 .   ? 11.864  11.958  4.280   1.00 42.16 ? 900 HOH A O     1 
HETATM 1242 O  O     . HOH E 5 .   ? 12.773  18.745  -4.976  1.00 41.00 ? 901 HOH A O     1 
HETATM 1243 O  O     . HOH E 5 .   ? 8.867   -7.761  10.153  1.00 16.01 ? 902 HOH A O     1 
HETATM 1244 O  O     . HOH E 5 .   ? -9.609  -3.872  17.568  1.00 44.03 ? 903 HOH A O     1 
HETATM 1245 O  O     . HOH E 5 .   ? 2.894   -30.529 1.273   1.00 41.68 ? 904 HOH A O     1 
HETATM 1246 O  O     . HOH E 5 .   ? -3.099  -24.316 -18.808 1.00 47.97 ? 905 HOH A O     1 
HETATM 1247 O  O     . HOH E 5 .   ? -13.026 14.903  4.284   1.00 44.89 ? 906 HOH A O     1 
HETATM 1248 O  O     . HOH E 5 .   ? 6.076   -6.641  10.342  1.00 16.21 ? 907 HOH A O     1 
HETATM 1249 O  O     . HOH E 5 .   ? 13.841  -0.313  -14.215 0.33 42.66 ? 908 HOH A O     1 
HETATM 1250 O  O     . HOH E 5 .   ? 7.105   -7.665  7.861   1.00 16.78 ? 909 HOH A O     1 
# 
loop_
_pdbx_poly_seq_scheme.asym_id 
_pdbx_poly_seq_scheme.entity_id 
_pdbx_poly_seq_scheme.seq_id 
_pdbx_poly_seq_scheme.mon_id 
_pdbx_poly_seq_scheme.ndb_seq_num 
_pdbx_poly_seq_scheme.pdb_seq_num 
_pdbx_poly_seq_scheme.auth_seq_num 
_pdbx_poly_seq_scheme.pdb_mon_id 
_pdbx_poly_seq_scheme.auth_mon_id 
_pdbx_poly_seq_scheme.pdb_strand_id 
_pdbx_poly_seq_scheme.pdb_ins_code 
_pdbx_poly_seq_scheme.hetero 
A 1 1   MET 1   -19 ?   ?   ?   A . n 
A 1 2   GLY 2   -18 ?   ?   ?   A . n 
A 1 3   SER 3   -17 ?   ?   ?   A . n 
A 1 4   SER 4   -16 ?   ?   ?   A . n 
A 1 5   HIS 5   -15 ?   ?   ?   A . n 
A 1 6   HIS 6   -14 ?   ?   ?   A . n 
A 1 7   HIS 7   -13 ?   ?   ?   A . n 
A 1 8   HIS 8   -12 ?   ?   ?   A . n 
A 1 9   HIS 9   -11 ?   ?   ?   A . n 
A 1 10  HIS 10  -10 ?   ?   ?   A . n 
A 1 11  SER 11  -9  ?   ?   ?   A . n 
A 1 12  SER 12  -8  ?   ?   ?   A . n 
A 1 13  GLY 13  -7  ?   ?   ?   A . n 
A 1 14  LEU 14  -6  ?   ?   ?   A . n 
A 1 15  VAL 15  -5  ?   ?   ?   A . n 
A 1 16  PRO 16  -4  ?   ?   ?   A . n 
A 1 17  ARG 17  -3  ?   ?   ?   A . n 
A 1 18  GLY 18  -2  ?   ?   ?   A . n 
A 1 19  SER 19  -1  ?   ?   ?   A . n 
A 1 20  HIS 20  0   ?   ?   ?   A . n 
A 1 21  MET 21  1   ?   ?   ?   A . n 
A 1 22  SER 22  2   2   SER SER A . n 
A 1 23  THR 23  3   3   THR THR A . n 
A 1 24  THR 24  4   4   THR THR A . n 
A 1 25  LEU 25  5   5   LEU LEU A . n 
A 1 26  ALA 26  6   6   ALA ALA A . n 
A 1 27  ILE 27  7   7   ILE ILE A . n 
A 1 28  VAL 28  8   8   VAL VAL A . n 
A 1 29  ARG 29  9   9   ARG ARG A . n 
A 1 30  LEU 30  10  10  LEU LEU A . n 
A 1 31  ASP 31  11  11  ASP ASP A . n 
A 1 32  PRO 32  12  12  PRO PRO A . n 
A 1 33  GLY 33  13  13  GLY GLY A . n 
A 1 34  LEU 34  14  14  LEU LEU A . n 
A 1 35  PRO 35  15  15  PRO PRO A . n 
A 1 36  LEU 36  16  16  LEU LEU A . n 
A 1 37  PRO 37  17  17  PRO PRO A . n 
A 1 38  SER 38  18  18  SER SER A . n 
A 1 39  ARG 39  19  19  ARG ARG A . n 
A 1 40  ALA 40  20  20  ALA ALA A . n 
A 1 41  HIS 41  21  21  HIS HIS A . n 
A 1 42  ASP 42  22  22  ASP ASP A . n 
A 1 43  GLY 43  23  23  GLY GLY A . n 
A 1 44  ASP 44  24  24  ASP ASP A . n 
A 1 45  ALA 45  25  25  ALA ALA A . n 
A 1 46  GLY 46  26  26  GLY GLY A . n 
A 1 47  VAL 47  27  27  VAL VAL A . n 
A 1 48  ASP 48  28  28  ASP ASP A . n 
A 1 49  LEU 49  29  29  LEU LEU A . n 
A 1 50  TYR 50  30  30  TYR TYR A . n 
A 1 51  SER 51  31  31  SER SER A . n 
A 1 52  ALA 52  32  32  ALA ALA A . n 
A 1 53  GLU 53  33  33  GLU GLU A . n 
A 1 54  ASP 54  34  34  ASP ASP A . n 
A 1 55  VAL 55  35  35  VAL VAL A . n 
A 1 56  GLU 56  36  36  GLU GLU A . n 
A 1 57  LEU 57  37  37  LEU LEU A . n 
A 1 58  ALA 58  38  38  ALA ALA A . n 
A 1 59  PRO 59  39  39  PRO PRO A . n 
A 1 60  GLY 60  40  40  GLY GLY A . n 
A 1 61  ARG 61  41  41  ARG ARG A . n 
A 1 62  ARG 62  42  42  ARG ARG A . n 
A 1 63  ALA 63  43  43  ALA ALA A . n 
A 1 64  LEU 64  44  44  LEU LEU A . n 
A 1 65  VAL 65  45  45  VAL VAL A . n 
A 1 66  ARG 66  46  46  ARG ARG A . n 
A 1 67  THR 67  47  47  THR THR A . n 
A 1 68  GLY 68  48  48  GLY GLY A . n 
A 1 69  VAL 69  49  49  VAL VAL A . n 
A 1 70  ALA 70  50  50  ALA ALA A . n 
A 1 71  VAL 71  51  51  VAL VAL A . n 
A 1 72  ALA 72  52  52  ALA ALA A . n 
A 1 73  VAL 73  53  53  VAL VAL A . n 
A 1 74  PRO 74  54  54  PRO PRO A . n 
A 1 75  PHE 75  55  55  PHE PHE A . n 
A 1 76  GLY 76  56  56  GLY GLY A . n 
A 1 77  MET 77  57  57  MET MET A . n 
A 1 78  VAL 78  58  58  VAL VAL A . n 
A 1 79  GLY 79  59  59  GLY GLY A . n 
A 1 80  LEU 80  60  60  LEU LEU A . n 
A 1 81  VAL 81  61  61  VAL VAL A . n 
A 1 82  HIS 82  62  62  HIS HIS A . n 
A 1 83  PRO 83  63  63  PRO PRO A . n 
A 1 84  ARG 84  64  64  ARG ARG A . n 
A 1 85  SER 85  65  65  SER SER A . n 
A 1 86  GLY 86  66  66  GLY GLY A . n 
A 1 87  LEU 87  67  67  LEU LEU A . n 
A 1 88  ALA 88  68  68  ALA ALA A . n 
A 1 89  THR 89  69  69  THR THR A . n 
A 1 90  ARG 90  70  70  ARG ARG A . n 
A 1 91  VAL 91  71  71  VAL VAL A . n 
A 1 92  GLY 92  72  72  GLY GLY A . n 
A 1 93  LEU 93  73  73  LEU LEU A . n 
A 1 94  SER 94  74  74  SER SER A . n 
A 1 95  ILE 95  75  75  ILE ILE A . n 
A 1 96  VAL 96  76  76  VAL VAL A . n 
A 1 97  ASN 97  77  77  ASN ASN A . n 
A 1 98  SER 98  78  78  SER SER A . n 
A 1 99  PRO 99  79  79  PRO PRO A . n 
A 1 100 GLY 100 80  80  GLY GLY A . n 
A 1 101 THR 101 81  81  THR THR A . n 
A 1 102 ILE 102 82  82  ILE ILE A . n 
A 1 103 ASP 103 83  83  ASP ASP A . n 
A 1 104 ALA 104 84  84  ALA ALA A . n 
A 1 105 GLY 105 85  85  GLY GLY A . n 
A 1 106 TYR 106 86  86  TYR TYR A . n 
A 1 107 ARG 107 87  87  ARG ARG A . n 
A 1 108 GLY 108 88  88  GLY GLY A . n 
A 1 109 GLU 109 89  89  GLU GLU A . n 
A 1 110 ILE 110 90  90  ILE ILE A . n 
A 1 111 LYS 111 91  91  LYS LYS A . n 
A 1 112 VAL 112 92  92  VAL VAL A . n 
A 1 113 ALA 113 93  93  ALA ALA A . n 
A 1 114 LEU 114 94  94  LEU LEU A . n 
A 1 115 ILE 115 95  95  ILE ILE A . n 
A 1 116 ASN 116 96  96  ASN ASN A . n 
A 1 117 LEU 117 97  97  LEU LEU A . n 
A 1 118 ASP 118 98  98  ASP ASP A . n 
A 1 119 PRO 119 99  99  PRO PRO A . n 
A 1 120 ALA 120 100 100 ALA ALA A . n 
A 1 121 ALA 121 101 101 ALA ALA A . n 
A 1 122 PRO 122 102 102 PRO PRO A . n 
A 1 123 ILE 123 103 103 ILE ILE A . n 
A 1 124 VAL 124 104 104 VAL VAL A . n 
A 1 125 VAL 125 105 105 VAL VAL A . n 
A 1 126 HIS 126 106 106 HIS HIS A . n 
A 1 127 ARG 127 107 107 ARG ARG A . n 
A 1 128 GLY 128 108 108 GLY GLY A . n 
A 1 129 ASP 129 109 109 ASP ASP A . n 
A 1 130 ARG 130 110 110 ARG ARG A . n 
A 1 131 ILE 131 111 111 ILE ILE A . n 
A 1 132 ALA 132 112 112 ALA ALA A . n 
A 1 133 GLN 133 113 113 GLN GLN A . n 
A 1 134 LEU 134 114 114 LEU LEU A . n 
A 1 135 LEU 135 115 115 LEU LEU A . n 
A 1 136 VAL 136 116 116 VAL VAL A . n 
A 1 137 GLN 137 117 117 GLN GLN A . n 
A 1 138 ARG 138 118 118 ARG ARG A . n 
A 1 139 VAL 139 119 119 VAL VAL A . n 
A 1 140 GLU 140 120 120 GLU GLU A . n 
A 1 141 LEU 141 121 121 LEU LEU A . n 
A 1 142 VAL 142 122 122 VAL VAL A . n 
A 1 143 GLU 143 123 123 GLU GLU A . n 
A 1 144 LEU 144 124 124 LEU LEU A . n 
A 1 145 VAL 145 125 125 VAL VAL A . n 
A 1 146 GLU 146 126 126 GLU GLU A . n 
A 1 147 VAL 147 127 127 VAL VAL A . n 
A 1 148 SER 148 128 128 SER SER A . n 
A 1 149 SER 149 129 129 SER SER A . n 
A 1 150 PHE 150 130 130 PHE PHE A . n 
A 1 151 ASP 151 131 131 ASP ASP A . n 
A 1 152 GLU 152 132 132 GLU GLU A . n 
A 1 153 ALA 153 133 133 ALA ALA A . n 
A 1 154 GLY 154 134 134 GLY GLY A . n 
A 1 155 LEU 155 135 135 LEU LEU A . n 
A 1 156 ALA 156 136 136 ALA ALA A . n 
A 1 157 SER 157 137 137 SER SER A . n 
A 1 158 THR 158 138 138 THR THR A . n 
A 1 159 SER 159 139 139 SER SER A . n 
A 1 160 ARG 160 140 140 ARG ARG A . n 
A 1 161 GLY 161 141 141 GLY GLY A . n 
A 1 162 ASP 162 142 142 ASP ASP A . n 
A 1 163 GLY 163 143 143 GLY GLY A . n 
A 1 164 GLY 164 144 144 GLY GLY A . n 
A 1 165 HIS 165 145 145 HIS HIS A . n 
A 1 166 GLY 166 146 146 GLY GLY A . n 
A 1 167 SER 167 147 147 SER SER A . n 
A 1 168 SER 168 148 148 SER SER A . n 
A 1 169 GLY 169 149 149 GLY GLY A . n 
A 1 170 GLY 170 150 150 GLY GLY A . n 
A 1 171 HIS 171 151 151 HIS HIS A . n 
A 1 172 ALA 172 152 152 ALA ALA A . n 
A 1 173 SER 173 153 153 SER SER A . n 
A 1 174 LEU 174 154 154 LEU LEU A . n 
# 
loop_
_pdbx_nonpoly_scheme.asym_id 
_pdbx_nonpoly_scheme.entity_id 
_pdbx_nonpoly_scheme.mon_id 
_pdbx_nonpoly_scheme.ndb_seq_num 
_pdbx_nonpoly_scheme.pdb_seq_num 
_pdbx_nonpoly_scheme.auth_seq_num 
_pdbx_nonpoly_scheme.pdb_mon_id 
_pdbx_nonpoly_scheme.auth_mon_id 
_pdbx_nonpoly_scheme.pdb_strand_id 
_pdbx_nonpoly_scheme.pdb_ins_code 
B 2 MG  1   200 200 MG  MG  A . 
C 3 DUP 1   777 777 DUP DUP A . 
D 4 TRS 1   201 201 TRS TRS A . 
E 5 HOH 1   778 1   HOH HOH A . 
E 5 HOH 2   779 2   HOH HOH A . 
E 5 HOH 3   780 3   HOH HOH A . 
E 5 HOH 4   781 4   HOH HOH A . 
E 5 HOH 5   782 5   HOH HOH A . 
E 5 HOH 6   783 6   HOH HOH A . 
E 5 HOH 7   784 7   HOH HOH A . 
E 5 HOH 8   785 8   HOH HOH A . 
E 5 HOH 9   786 9   HOH HOH A . 
E 5 HOH 10  787 10  HOH HOH A . 
E 5 HOH 11  788 11  HOH HOH A . 
E 5 HOH 12  789 12  HOH HOH A . 
E 5 HOH 13  790 14  HOH HOH A . 
E 5 HOH 14  791 15  HOH HOH A . 
E 5 HOH 15  792 16  HOH HOH A . 
E 5 HOH 16  793 17  HOH HOH A . 
E 5 HOH 17  794 18  HOH HOH A . 
E 5 HOH 18  795 19  HOH HOH A . 
E 5 HOH 19  796 20  HOH HOH A . 
E 5 HOH 20  797 21  HOH HOH A . 
E 5 HOH 21  798 22  HOH HOH A . 
E 5 HOH 22  799 23  HOH HOH A . 
E 5 HOH 23  800 24  HOH HOH A . 
E 5 HOH 24  801 25  HOH HOH A . 
E 5 HOH 25  802 26  HOH HOH A . 
E 5 HOH 26  803 27  HOH HOH A . 
E 5 HOH 27  804 28  HOH HOH A . 
E 5 HOH 28  805 29  HOH HOH A . 
E 5 HOH 29  806 30  HOH HOH A . 
E 5 HOH 30  807 31  HOH HOH A . 
E 5 HOH 31  808 32  HOH HOH A . 
E 5 HOH 32  809 33  HOH HOH A . 
E 5 HOH 33  810 35  HOH HOH A . 
E 5 HOH 34  811 36  HOH HOH A . 
E 5 HOH 35  812 37  HOH HOH A . 
E 5 HOH 36  813 38  HOH HOH A . 
E 5 HOH 37  814 39  HOH HOH A . 
E 5 HOH 38  815 40  HOH HOH A . 
E 5 HOH 39  816 41  HOH HOH A . 
E 5 HOH 40  817 42  HOH HOH A . 
E 5 HOH 41  818 43  HOH HOH A . 
E 5 HOH 42  819 44  HOH HOH A . 
E 5 HOH 43  820 45  HOH HOH A . 
E 5 HOH 44  821 46  HOH HOH A . 
E 5 HOH 45  822 47  HOH HOH A . 
E 5 HOH 46  823 48  HOH HOH A . 
E 5 HOH 47  824 49  HOH HOH A . 
E 5 HOH 48  825 50  HOH HOH A . 
E 5 HOH 49  826 51  HOH HOH A . 
E 5 HOH 50  827 52  HOH HOH A . 
E 5 HOH 51  828 53  HOH HOH A . 
E 5 HOH 52  829 54  HOH HOH A . 
E 5 HOH 53  830 55  HOH HOH A . 
E 5 HOH 54  831 56  HOH HOH A . 
E 5 HOH 55  832 57  HOH HOH A . 
E 5 HOH 56  833 58  HOH HOH A . 
E 5 HOH 57  834 59  HOH HOH A . 
E 5 HOH 58  835 60  HOH HOH A . 
E 5 HOH 59  836 61  HOH HOH A . 
E 5 HOH 60  837 62  HOH HOH A . 
E 5 HOH 61  838 63  HOH HOH A . 
E 5 HOH 62  839 64  HOH HOH A . 
E 5 HOH 63  840 65  HOH HOH A . 
E 5 HOH 64  841 66  HOH HOH A . 
E 5 HOH 65  842 67  HOH HOH A . 
E 5 HOH 66  843 68  HOH HOH A . 
E 5 HOH 67  844 69  HOH HOH A . 
E 5 HOH 68  845 70  HOH HOH A . 
E 5 HOH 69  846 71  HOH HOH A . 
E 5 HOH 70  847 72  HOH HOH A . 
E 5 HOH 71  848 73  HOH HOH A . 
E 5 HOH 72  849 74  HOH HOH A . 
E 5 HOH 73  850 75  HOH HOH A . 
E 5 HOH 74  851 76  HOH HOH A . 
E 5 HOH 75  852 77  HOH HOH A . 
E 5 HOH 76  853 78  HOH HOH A . 
E 5 HOH 77  854 79  HOH HOH A . 
E 5 HOH 78  855 80  HOH HOH A . 
E 5 HOH 79  856 81  HOH HOH A . 
E 5 HOH 80  857 82  HOH HOH A . 
E 5 HOH 81  858 83  HOH HOH A . 
E 5 HOH 82  859 84  HOH HOH A . 
E 5 HOH 83  860 85  HOH HOH A . 
E 5 HOH 84  861 86  HOH HOH A . 
E 5 HOH 85  862 87  HOH HOH A . 
E 5 HOH 86  863 88  HOH HOH A . 
E 5 HOH 87  864 89  HOH HOH A . 
E 5 HOH 88  865 90  HOH HOH A . 
E 5 HOH 89  866 91  HOH HOH A . 
E 5 HOH 90  867 92  HOH HOH A . 
E 5 HOH 91  868 93  HOH HOH A . 
E 5 HOH 92  869 94  HOH HOH A . 
E 5 HOH 93  870 95  HOH HOH A . 
E 5 HOH 94  871 96  HOH HOH A . 
E 5 HOH 95  872 97  HOH HOH A . 
E 5 HOH 96  873 98  HOH HOH A . 
E 5 HOH 97  874 99  HOH HOH A . 
E 5 HOH 98  875 100 HOH HOH A . 
E 5 HOH 99  876 101 HOH HOH A . 
E 5 HOH 100 877 102 HOH HOH A . 
E 5 HOH 101 878 103 HOH HOH A . 
E 5 HOH 102 879 104 HOH HOH A . 
E 5 HOH 103 880 105 HOH HOH A . 
E 5 HOH 104 881 106 HOH HOH A . 
E 5 HOH 105 882 107 HOH HOH A . 
E 5 HOH 106 883 108 HOH HOH A . 
E 5 HOH 107 884 109 HOH HOH A . 
E 5 HOH 108 885 110 HOH HOH A . 
E 5 HOH 109 886 111 HOH HOH A . 
E 5 HOH 110 887 112 HOH HOH A . 
E 5 HOH 111 888 113 HOH HOH A . 
E 5 HOH 112 889 114 HOH HOH A . 
E 5 HOH 113 890 115 HOH HOH A . 
E 5 HOH 114 891 116 HOH HOH A . 
E 5 HOH 115 892 117 HOH HOH A . 
E 5 HOH 116 893 118 HOH HOH A . 
E 5 HOH 117 894 119 HOH HOH A . 
E 5 HOH 118 895 120 HOH HOH A . 
E 5 HOH 119 896 121 HOH HOH A . 
E 5 HOH 120 897 122 HOH HOH A . 
E 5 HOH 121 898 123 HOH HOH A . 
E 5 HOH 122 899 124 HOH HOH A . 
E 5 HOH 123 900 125 HOH HOH A . 
E 5 HOH 124 901 126 HOH HOH A . 
E 5 HOH 125 902 127 HOH HOH A . 
E 5 HOH 126 903 128 HOH HOH A . 
E 5 HOH 127 904 129 HOH HOH A . 
E 5 HOH 128 905 130 HOH HOH A . 
E 5 HOH 129 906 131 HOH HOH A . 
E 5 HOH 130 907 132 HOH HOH A . 
E 5 HOH 131 908 133 HOH HOH A . 
E 5 HOH 132 909 134 HOH HOH A . 
# 
_pdbx_struct_assembly.id                   1 
_pdbx_struct_assembly.details              author_and_software_defined_assembly 
_pdbx_struct_assembly.method_details       PISA,PQS 
_pdbx_struct_assembly.oligomeric_details   trimeric 
_pdbx_struct_assembly.oligomeric_count     3 
# 
_pdbx_struct_assembly_gen.assembly_id       1 
_pdbx_struct_assembly_gen.oper_expression   1,2,3 
_pdbx_struct_assembly_gen.asym_id_list      A,B,C,D,E 
# 
loop_
_pdbx_struct_assembly_prop.biol_id 
_pdbx_struct_assembly_prop.type 
_pdbx_struct_assembly_prop.value 
_pdbx_struct_assembly_prop.details 
1 'ABSA (A^2)' 18150 ? 
1 MORE         -69   ? 
1 'SSA (A^2)'  14200 ? 
# 
loop_
_pdbx_struct_oper_list.id 
_pdbx_struct_oper_list.type 
_pdbx_struct_oper_list.name 
_pdbx_struct_oper_list.symmetry_operation 
_pdbx_struct_oper_list.matrix[1][1] 
_pdbx_struct_oper_list.matrix[1][2] 
_pdbx_struct_oper_list.matrix[1][3] 
_pdbx_struct_oper_list.vector[1] 
_pdbx_struct_oper_list.matrix[2][1] 
_pdbx_struct_oper_list.matrix[2][2] 
_pdbx_struct_oper_list.matrix[2][3] 
_pdbx_struct_oper_list.vector[2] 
_pdbx_struct_oper_list.matrix[3][1] 
_pdbx_struct_oper_list.matrix[3][2] 
_pdbx_struct_oper_list.matrix[3][3] 
_pdbx_struct_oper_list.vector[3] 
1 'identity operation'         1_555 x,y,z         1.0000000000 0.0000000000  0.0000000000  0.0000000000  0.0000000000  1.0000000000  0.0000000000  0.0000000000  0.0000000000  0.0000000000  1.0000000000 0.0000000000  
2 'crystal symmetry operation' 2_655 -y+1,x-y,z    0.4104896512 0.7806409665  -0.4712726682 1.7045842197  -0.2236865599 -0.4148265413 -0.8819769065 -9.8849435977 -0.8840037156 0.4674597546  0.0043368901 -1.7719266273 
3 'crystal symmetry operation' 3_665 -x+y+1,-x+1,z 0.4104896512 -0.2236865599 -0.8840037156 -4.4772329324 0.7806409665  -0.4148265413 0.4674597546  -4.6029008501 -0.4712726682 -0.8819769065 0.0043368901 -7.9072833710 
# 
loop_
_pdbx_struct_special_symmetry.id 
_pdbx_struct_special_symmetry.PDB_model_num 
_pdbx_struct_special_symmetry.auth_asym_id 
_pdbx_struct_special_symmetry.auth_comp_id 
_pdbx_struct_special_symmetry.auth_seq_id 
_pdbx_struct_special_symmetry.PDB_ins_code 
_pdbx_struct_special_symmetry.label_asym_id 
_pdbx_struct_special_symmetry.label_comp_id 
_pdbx_struct_special_symmetry.label_seq_id 
1 1 A TRS 201 ? D TRS . 
2 1 A TRS 201 ? D TRS . 
3 1 A HOH 796 ? E HOH . 
4 1 A HOH 866 ? E HOH . 
5 1 A HOH 893 ? E HOH . 
6 1 A HOH 908 ? E HOH . 
# 
loop_
_pdbx_struct_conn_angle.id 
_pdbx_struct_conn_angle.ptnr1_label_atom_id 
_pdbx_struct_conn_angle.ptnr1_label_alt_id 
_pdbx_struct_conn_angle.ptnr1_label_asym_id 
_pdbx_struct_conn_angle.ptnr1_label_comp_id 
_pdbx_struct_conn_angle.ptnr1_label_seq_id 
_pdbx_struct_conn_angle.ptnr1_auth_atom_id 
_pdbx_struct_conn_angle.ptnr1_auth_asym_id 
_pdbx_struct_conn_angle.ptnr1_auth_comp_id 
_pdbx_struct_conn_angle.ptnr1_auth_seq_id 
_pdbx_struct_conn_angle.ptnr1_PDB_ins_code 
_pdbx_struct_conn_angle.ptnr1_symmetry 
_pdbx_struct_conn_angle.ptnr2_label_atom_id 
_pdbx_struct_conn_angle.ptnr2_label_alt_id 
_pdbx_struct_conn_angle.ptnr2_label_asym_id 
_pdbx_struct_conn_angle.ptnr2_label_comp_id 
_pdbx_struct_conn_angle.ptnr2_label_seq_id 
_pdbx_struct_conn_angle.ptnr2_auth_atom_id 
_pdbx_struct_conn_angle.ptnr2_auth_asym_id 
_pdbx_struct_conn_angle.ptnr2_auth_comp_id 
_pdbx_struct_conn_angle.ptnr2_auth_seq_id 
_pdbx_struct_conn_angle.ptnr2_PDB_ins_code 
_pdbx_struct_conn_angle.ptnr2_symmetry 
_pdbx_struct_conn_angle.ptnr3_label_atom_id 
_pdbx_struct_conn_angle.ptnr3_label_alt_id 
_pdbx_struct_conn_angle.ptnr3_label_asym_id 
_pdbx_struct_conn_angle.ptnr3_label_comp_id 
_pdbx_struct_conn_angle.ptnr3_label_seq_id 
_pdbx_struct_conn_angle.ptnr3_auth_atom_id 
_pdbx_struct_conn_angle.ptnr3_auth_asym_id 
_pdbx_struct_conn_angle.ptnr3_auth_comp_id 
_pdbx_struct_conn_angle.ptnr3_auth_seq_id 
_pdbx_struct_conn_angle.ptnr3_PDB_ins_code 
_pdbx_struct_conn_angle.ptnr3_symmetry 
_pdbx_struct_conn_angle.value 
_pdbx_struct_conn_angle.value_esd 
1  O1A ? C DUP . ? A DUP 777 ? 1_555 MG ? B MG . ? A MG 200 ? 1_555 O1B ? C DUP . ? A DUP 777 ? 1_555 89.1  ? 
2  O1A ? C DUP . ? A DUP 777 ? 1_555 MG ? B MG . ? A MG 200 ? 1_555 O2G ? C DUP . ? A DUP 777 ? 1_555 97.5  ? 
3  O1B ? C DUP . ? A DUP 777 ? 1_555 MG ? B MG . ? A MG 200 ? 1_555 O2G ? C DUP . ? A DUP 777 ? 1_555 89.2  ? 
4  O1A ? C DUP . ? A DUP 777 ? 1_555 MG ? B MG . ? A MG 200 ? 1_555 O   ? E HOH . ? A HOH 902 ? 1_555 174.2 ? 
5  O1B ? C DUP . ? A DUP 777 ? 1_555 MG ? B MG . ? A MG 200 ? 1_555 O   ? E HOH . ? A HOH 902 ? 1_555 93.7  ? 
6  O2G ? C DUP . ? A DUP 777 ? 1_555 MG ? B MG . ? A MG 200 ? 1_555 O   ? E HOH . ? A HOH 902 ? 1_555 87.7  ? 
7  O1A ? C DUP . ? A DUP 777 ? 1_555 MG ? B MG . ? A MG 200 ? 1_555 O   ? E HOH . ? A HOH 907 ? 1_555 86.5  ? 
8  O1B ? C DUP . ? A DUP 777 ? 1_555 MG ? B MG . ? A MG 200 ? 1_555 O   ? E HOH . ? A HOH 907 ? 1_555 175.1 ? 
9  O2G ? C DUP . ? A DUP 777 ? 1_555 MG ? B MG . ? A MG 200 ? 1_555 O   ? E HOH . ? A HOH 907 ? 1_555 93.4  ? 
10 O   ? E HOH . ? A HOH 902 ? 1_555 MG ? B MG . ? A MG 200 ? 1_555 O   ? E HOH . ? A HOH 907 ? 1_555 90.5  ? 
11 O1A ? C DUP . ? A DUP 777 ? 1_555 MG ? B MG . ? A MG 200 ? 1_555 O   ? E HOH . ? A HOH 909 ? 1_555 88.5  ? 
12 O1B ? C DUP . ? A DUP 777 ? 1_555 MG ? B MG . ? A MG 200 ? 1_555 O   ? E HOH . ? A HOH 909 ? 1_555 92.7  ? 
13 O2G ? C DUP . ? A DUP 777 ? 1_555 MG ? B MG . ? A MG 200 ? 1_555 O   ? E HOH . ? A HOH 909 ? 1_555 173.7 ? 
14 O   ? E HOH . ? A HOH 902 ? 1_555 MG ? B MG . ? A MG 200 ? 1_555 O   ? E HOH . ? A HOH 909 ? 1_555 86.2  ? 
15 O   ? E HOH . ? A HOH 907 ? 1_555 MG ? B MG . ? A MG 200 ? 1_555 O   ? E HOH . ? A HOH 909 ? 1_555 85.1  ? 
# 
loop_
_pdbx_audit_revision_history.ordinal 
_pdbx_audit_revision_history.data_content_type 
_pdbx_audit_revision_history.major_revision 
_pdbx_audit_revision_history.minor_revision 
_pdbx_audit_revision_history.revision_date 
1 'Structure model' 1 0 2007-05-22 
2 'Structure model' 1 1 2008-05-01 
3 'Structure model' 1 2 2011-07-13 
4 'Structure model' 1 3 2023-08-30 
# 
_pdbx_audit_revision_details.ordinal             1 
_pdbx_audit_revision_details.revision_ordinal    1 
_pdbx_audit_revision_details.data_content_type   'Structure model' 
_pdbx_audit_revision_details.provider            repository 
_pdbx_audit_revision_details.type                'Initial release' 
_pdbx_audit_revision_details.description         ? 
_pdbx_audit_revision_details.details             ? 
# 
loop_
_pdbx_audit_revision_group.ordinal 
_pdbx_audit_revision_group.revision_ordinal 
_pdbx_audit_revision_group.data_content_type 
_pdbx_audit_revision_group.group 
1 2 'Structure model' 'Version format compliance' 
2 3 'Structure model' Advisory                    
3 3 'Structure model' 'Derived calculations'      
4 3 'Structure model' 'Version format compliance' 
5 4 'Structure model' 'Data collection'           
6 4 'Structure model' 'Database references'       
7 4 'Structure model' 'Derived calculations'      
8 4 'Structure model' 'Refinement description'    
# 
loop_
_pdbx_audit_revision_category.ordinal 
_pdbx_audit_revision_category.revision_ordinal 
_pdbx_audit_revision_category.data_content_type 
_pdbx_audit_revision_category.category 
1 4 'Structure model' chem_comp_atom                
2 4 'Structure model' chem_comp_bond                
3 4 'Structure model' database_2                    
4 4 'Structure model' pdbx_initial_refinement_model 
5 4 'Structure model' struct_ref_seq_dif            
6 4 'Structure model' struct_site                   
# 
loop_
_pdbx_audit_revision_item.ordinal 
_pdbx_audit_revision_item.revision_ordinal 
_pdbx_audit_revision_item.data_content_type 
_pdbx_audit_revision_item.item 
1 4 'Structure model' '_database_2.pdbx_DOI'                
2 4 'Structure model' '_database_2.pdbx_database_accession' 
3 4 'Structure model' '_struct_ref_seq_dif.details'         
4 4 'Structure model' '_struct_site.pdbx_auth_asym_id'      
5 4 'Structure model' '_struct_site.pdbx_auth_comp_id'      
6 4 'Structure model' '_struct_site.pdbx_auth_seq_id'       
# 
_pdbx_refine_tls.id               1 
_pdbx_refine_tls.details          ? 
_pdbx_refine_tls.method           refined 
_pdbx_refine_tls.origin_x         0.1459 
_pdbx_refine_tls.origin_y         0.7861 
_pdbx_refine_tls.origin_z         0.3588 
_pdbx_refine_tls.T[1][1]          -0.0069 
_pdbx_refine_tls.T[2][2]          -0.0109 
_pdbx_refine_tls.T[3][3]          -0.0122 
_pdbx_refine_tls.T[1][2]          -0.0033 
_pdbx_refine_tls.T[1][3]          0.0041 
_pdbx_refine_tls.T[2][3]          0.0019 
_pdbx_refine_tls.L[1][1]          0.1270 
_pdbx_refine_tls.L[2][2]          0.2401 
_pdbx_refine_tls.L[3][3]          0.1680 
_pdbx_refine_tls.L[1][2]          -0.0801 
_pdbx_refine_tls.L[1][3]          0.0774 
_pdbx_refine_tls.L[2][3]          0.0357 
_pdbx_refine_tls.S[1][1]          -0.0100 
_pdbx_refine_tls.S[1][2]          -0.0188 
_pdbx_refine_tls.S[1][3]          0.0070 
_pdbx_refine_tls.S[2][1]          0.0091 
_pdbx_refine_tls.S[2][2]          0.0013 
_pdbx_refine_tls.S[2][3]          0.0270 
_pdbx_refine_tls.S[3][1]          -0.0108 
_pdbx_refine_tls.S[3][2]          -0.0050 
_pdbx_refine_tls.S[3][3]          0.0087 
_pdbx_refine_tls.pdbx_refine_id   'X-RAY DIFFRACTION' 
# 
_pdbx_refine_tls_group.id                  1 
_pdbx_refine_tls_group.refine_tls_id       1 
_pdbx_refine_tls_group.beg_auth_asym_id    A 
_pdbx_refine_tls_group.beg_auth_seq_id     2 
_pdbx_refine_tls_group.beg_label_asym_id   A 
_pdbx_refine_tls_group.beg_label_seq_id    22 
_pdbx_refine_tls_group.end_auth_asym_id    A 
_pdbx_refine_tls_group.end_auth_seq_id     154 
_pdbx_refine_tls_group.end_label_asym_id   A 
_pdbx_refine_tls_group.end_label_seq_id    174 
_pdbx_refine_tls_group.selection           ? 
_pdbx_refine_tls_group.pdbx_refine_id      'X-RAY DIFFRACTION' 
_pdbx_refine_tls_group.selection_details   ? 
# 
loop_
_software.name 
_software.classification 
_software.version 
_software.citation_id 
_software.pdbx_ordinal 
REFMAC refinement        5.2.0005   ? 1 
START  'data collection' '(RIGAKU)' ? 2 
XDS    'data reduction'  .          ? 3 
XSCALE 'data scaling'    .          ? 4 
MOLREP phasing           .          ? 5 
# 
_pdbx_validate_torsion.id              1 
_pdbx_validate_torsion.PDB_model_num   1 
_pdbx_validate_torsion.auth_comp_id    ALA 
_pdbx_validate_torsion.auth_asym_id    A 
_pdbx_validate_torsion.auth_seq_id     100 
_pdbx_validate_torsion.PDB_ins_code    ? 
_pdbx_validate_torsion.label_alt_id    ? 
_pdbx_validate_torsion.phi             -140.40 
_pdbx_validate_torsion.psi             -28.16 
# 
loop_
_pdbx_unobs_or_zero_occ_atoms.id 
_pdbx_unobs_or_zero_occ_atoms.PDB_model_num 
_pdbx_unobs_or_zero_occ_atoms.polymer_flag 
_pdbx_unobs_or_zero_occ_atoms.occupancy_flag 
_pdbx_unobs_or_zero_occ_atoms.auth_asym_id 
_pdbx_unobs_or_zero_occ_atoms.auth_comp_id 
_pdbx_unobs_or_zero_occ_atoms.auth_seq_id 
_pdbx_unobs_or_zero_occ_atoms.PDB_ins_code 
_pdbx_unobs_or_zero_occ_atoms.auth_atom_id 
_pdbx_unobs_or_zero_occ_atoms.label_alt_id 
_pdbx_unobs_or_zero_occ_atoms.label_asym_id 
_pdbx_unobs_or_zero_occ_atoms.label_comp_id 
_pdbx_unobs_or_zero_occ_atoms.label_seq_id 
_pdbx_unobs_or_zero_occ_atoms.label_atom_id 
1  1 Y 1 A ASP 22  ? CG  ? A ASP 42  CG  
2  1 Y 1 A ASP 22  ? OD1 ? A ASP 42  OD1 
3  1 Y 1 A ASP 22  ? OD2 ? A ASP 42  OD2 
4  1 Y 1 A ARG 41  ? NE  ? A ARG 61  NE  
5  1 Y 1 A ARG 41  ? CZ  ? A ARG 61  CZ  
6  1 Y 1 A ARG 41  ? NH1 ? A ARG 61  NH1 
7  1 Y 1 A ARG 41  ? NH2 ? A ARG 61  NH2 
8  1 Y 1 A ARG 70  ? CD  ? A ARG 90  CD  
9  1 Y 1 A ARG 70  ? NE  ? A ARG 90  NE  
10 1 Y 1 A ARG 70  ? CZ  ? A ARG 90  CZ  
11 1 Y 1 A ARG 70  ? NH1 ? A ARG 90  NH1 
12 1 Y 1 A ARG 70  ? NH2 ? A ARG 90  NH2 
13 1 Y 1 A ARG 118 ? CZ  ? A ARG 138 CZ  
14 1 Y 1 A ARG 118 ? NH1 ? A ARG 138 NH1 
15 1 Y 1 A ARG 118 ? NH2 ? A ARG 138 NH2 
16 1 Y 1 A ASP 131 ? CG  ? A ASP 151 CG  
17 1 Y 1 A ASP 131 ? OD1 ? A ASP 151 OD1 
18 1 Y 1 A ASP 131 ? OD2 ? A ASP 151 OD2 
19 1 Y 1 A GLU 132 ? CG  ? A GLU 152 CG  
20 1 Y 1 A GLU 132 ? CD  ? A GLU 152 CD  
21 1 Y 1 A GLU 132 ? OE1 ? A GLU 152 OE1 
22 1 Y 1 A GLU 132 ? OE2 ? A GLU 152 OE2 
23 1 Y 1 A SER 137 ? OG  ? A SER 157 OG  
# 
loop_
_pdbx_unobs_or_zero_occ_residues.id 
_pdbx_unobs_or_zero_occ_residues.PDB_model_num 
_pdbx_unobs_or_zero_occ_residues.polymer_flag 
_pdbx_unobs_or_zero_occ_residues.occupancy_flag 
_pdbx_unobs_or_zero_occ_residues.auth_asym_id 
_pdbx_unobs_or_zero_occ_residues.auth_comp_id 
_pdbx_unobs_or_zero_occ_residues.auth_seq_id 
_pdbx_unobs_or_zero_occ_residues.PDB_ins_code 
_pdbx_unobs_or_zero_occ_residues.label_asym_id 
_pdbx_unobs_or_zero_occ_residues.label_comp_id 
_pdbx_unobs_or_zero_occ_residues.label_seq_id 
1  1 Y 1 A MET -19 ? A MET 1  
2  1 Y 1 A GLY -18 ? A GLY 2  
3  1 Y 1 A SER -17 ? A SER 3  
4  1 Y 1 A SER -16 ? A SER 4  
5  1 Y 1 A HIS -15 ? A HIS 5  
6  1 Y 1 A HIS -14 ? A HIS 6  
7  1 Y 1 A HIS -13 ? A HIS 7  
8  1 Y 1 A HIS -12 ? A HIS 8  
9  1 Y 1 A HIS -11 ? A HIS 9  
10 1 Y 1 A HIS -10 ? A HIS 10 
11 1 Y 1 A SER -9  ? A SER 11 
12 1 Y 1 A SER -8  ? A SER 12 
13 1 Y 1 A GLY -7  ? A GLY 13 
14 1 Y 1 A LEU -6  ? A LEU 14 
15 1 Y 1 A VAL -5  ? A VAL 15 
16 1 Y 1 A PRO -4  ? A PRO 16 
17 1 Y 1 A ARG -3  ? A ARG 17 
18 1 Y 1 A GLY -2  ? A GLY 18 
19 1 Y 1 A SER -1  ? A SER 19 
20 1 Y 1 A HIS 0   ? A HIS 20 
21 1 Y 1 A MET 1   ? A MET 21 
# 
loop_
_chem_comp_atom.comp_id 
_chem_comp_atom.atom_id 
_chem_comp_atom.type_symbol 
_chem_comp_atom.pdbx_aromatic_flag 
_chem_comp_atom.pdbx_stereo_config 
_chem_comp_atom.pdbx_ordinal 
ALA N      N  N N 1   
ALA CA     C  N S 2   
ALA C      C  N N 3   
ALA O      O  N N 4   
ALA CB     C  N N 5   
ALA OXT    O  N N 6   
ALA H      H  N N 7   
ALA H2     H  N N 8   
ALA HA     H  N N 9   
ALA HB1    H  N N 10  
ALA HB2    H  N N 11  
ALA HB3    H  N N 12  
ALA HXT    H  N N 13  
ARG N      N  N N 14  
ARG CA     C  N S 15  
ARG C      C  N N 16  
ARG O      O  N N 17  
ARG CB     C  N N 18  
ARG CG     C  N N 19  
ARG CD     C  N N 20  
ARG NE     N  N N 21  
ARG CZ     C  N N 22  
ARG NH1    N  N N 23  
ARG NH2    N  N N 24  
ARG OXT    O  N N 25  
ARG H      H  N N 26  
ARG H2     H  N N 27  
ARG HA     H  N N 28  
ARG HB2    H  N N 29  
ARG HB3    H  N N 30  
ARG HG2    H  N N 31  
ARG HG3    H  N N 32  
ARG HD2    H  N N 33  
ARG HD3    H  N N 34  
ARG HE     H  N N 35  
ARG HH11   H  N N 36  
ARG HH12   H  N N 37  
ARG HH21   H  N N 38  
ARG HH22   H  N N 39  
ARG HXT    H  N N 40  
ASN N      N  N N 41  
ASN CA     C  N S 42  
ASN C      C  N N 43  
ASN O      O  N N 44  
ASN CB     C  N N 45  
ASN CG     C  N N 46  
ASN OD1    O  N N 47  
ASN ND2    N  N N 48  
ASN OXT    O  N N 49  
ASN H      H  N N 50  
ASN H2     H  N N 51  
ASN HA     H  N N 52  
ASN HB2    H  N N 53  
ASN HB3    H  N N 54  
ASN HD21   H  N N 55  
ASN HD22   H  N N 56  
ASN HXT    H  N N 57  
ASP N      N  N N 58  
ASP CA     C  N S 59  
ASP C      C  N N 60  
ASP O      O  N N 61  
ASP CB     C  N N 62  
ASP CG     C  N N 63  
ASP OD1    O  N N 64  
ASP OD2    O  N N 65  
ASP OXT    O  N N 66  
ASP H      H  N N 67  
ASP H2     H  N N 68  
ASP HA     H  N N 69  
ASP HB2    H  N N 70  
ASP HB3    H  N N 71  
ASP HD2    H  N N 72  
ASP HXT    H  N N 73  
DUP O4     O  N N 74  
DUP C4     C  Y N 75  
DUP C5     C  Y N 76  
DUP C6     C  Y N 77  
DUP N3     N  Y N 78  
DUP C2     C  Y N 79  
DUP O2     O  N N 80  
DUP N1     N  Y N 81  
DUP "C1'"  C  N R 82  
DUP "C2'"  C  N N 83  
DUP "C3'"  C  N S 84  
DUP "O3'"  O  N N 85  
DUP "O4'"  O  N N 86  
DUP "C4'"  C  N R 87  
DUP "C5'"  C  N N 88  
DUP "O5'"  O  N N 89  
DUP PA     P  N S 90  
DUP O1A    O  N N 91  
DUP O2A    O  N N 92  
DUP N3A    N  N N 93  
DUP PB     P  N R 94  
DUP O1B    O  N N 95  
DUP O2B    O  N N 96  
DUP O3B    O  N N 97  
DUP PG     P  N N 98  
DUP O2G    O  N N 99  
DUP O1G    O  N N 100 
DUP O3G    O  N N 101 
DUP H5     H  N N 102 
DUP H6     H  N N 103 
DUP HN3    H  N N 104 
DUP "H1'"  H  N N 105 
DUP "H2'1" H  N N 106 
DUP "H2'2" H  N N 107 
DUP H1     H  N N 108 
DUP "H3'"  H  N N 109 
DUP "H4'"  H  N N 110 
DUP "H5'1" H  N N 111 
DUP "H5'2" H  N N 112 
DUP H2A    H  N N 113 
DUP H3A    H  N N 114 
DUP H2B    H  N N 115 
DUP H1G    H  N N 116 
DUP H3G    H  N N 117 
GLN N      N  N N 118 
GLN CA     C  N S 119 
GLN C      C  N N 120 
GLN O      O  N N 121 
GLN CB     C  N N 122 
GLN CG     C  N N 123 
GLN CD     C  N N 124 
GLN OE1    O  N N 125 
GLN NE2    N  N N 126 
GLN OXT    O  N N 127 
GLN H      H  N N 128 
GLN H2     H  N N 129 
GLN HA     H  N N 130 
GLN HB2    H  N N 131 
GLN HB3    H  N N 132 
GLN HG2    H  N N 133 
GLN HG3    H  N N 134 
GLN HE21   H  N N 135 
GLN HE22   H  N N 136 
GLN HXT    H  N N 137 
GLU N      N  N N 138 
GLU CA     C  N S 139 
GLU C      C  N N 140 
GLU O      O  N N 141 
GLU CB     C  N N 142 
GLU CG     C  N N 143 
GLU CD     C  N N 144 
GLU OE1    O  N N 145 
GLU OE2    O  N N 146 
GLU OXT    O  N N 147 
GLU H      H  N N 148 
GLU H2     H  N N 149 
GLU HA     H  N N 150 
GLU HB2    H  N N 151 
GLU HB3    H  N N 152 
GLU HG2    H  N N 153 
GLU HG3    H  N N 154 
GLU HE2    H  N N 155 
GLU HXT    H  N N 156 
GLY N      N  N N 157 
GLY CA     C  N N 158 
GLY C      C  N N 159 
GLY O      O  N N 160 
GLY OXT    O  N N 161 
GLY H      H  N N 162 
GLY H2     H  N N 163 
GLY HA2    H  N N 164 
GLY HA3    H  N N 165 
GLY HXT    H  N N 166 
HIS N      N  N N 167 
HIS CA     C  N S 168 
HIS C      C  N N 169 
HIS O      O  N N 170 
HIS CB     C  N N 171 
HIS CG     C  Y N 172 
HIS ND1    N  Y N 173 
HIS CD2    C  Y N 174 
HIS CE1    C  Y N 175 
HIS NE2    N  Y N 176 
HIS OXT    O  N N 177 
HIS H      H  N N 178 
HIS H2     H  N N 179 
HIS HA     H  N N 180 
HIS HB2    H  N N 181 
HIS HB3    H  N N 182 
HIS HD1    H  N N 183 
HIS HD2    H  N N 184 
HIS HE1    H  N N 185 
HIS HE2    H  N N 186 
HIS HXT    H  N N 187 
HOH O      O  N N 188 
HOH H1     H  N N 189 
HOH H2     H  N N 190 
ILE N      N  N N 191 
ILE CA     C  N S 192 
ILE C      C  N N 193 
ILE O      O  N N 194 
ILE CB     C  N S 195 
ILE CG1    C  N N 196 
ILE CG2    C  N N 197 
ILE CD1    C  N N 198 
ILE OXT    O  N N 199 
ILE H      H  N N 200 
ILE H2     H  N N 201 
ILE HA     H  N N 202 
ILE HB     H  N N 203 
ILE HG12   H  N N 204 
ILE HG13   H  N N 205 
ILE HG21   H  N N 206 
ILE HG22   H  N N 207 
ILE HG23   H  N N 208 
ILE HD11   H  N N 209 
ILE HD12   H  N N 210 
ILE HD13   H  N N 211 
ILE HXT    H  N N 212 
LEU N      N  N N 213 
LEU CA     C  N S 214 
LEU C      C  N N 215 
LEU O      O  N N 216 
LEU CB     C  N N 217 
LEU CG     C  N N 218 
LEU CD1    C  N N 219 
LEU CD2    C  N N 220 
LEU OXT    O  N N 221 
LEU H      H  N N 222 
LEU H2     H  N N 223 
LEU HA     H  N N 224 
LEU HB2    H  N N 225 
LEU HB3    H  N N 226 
LEU HG     H  N N 227 
LEU HD11   H  N N 228 
LEU HD12   H  N N 229 
LEU HD13   H  N N 230 
LEU HD21   H  N N 231 
LEU HD22   H  N N 232 
LEU HD23   H  N N 233 
LEU HXT    H  N N 234 
LYS N      N  N N 235 
LYS CA     C  N S 236 
LYS C      C  N N 237 
LYS O      O  N N 238 
LYS CB     C  N N 239 
LYS CG     C  N N 240 
LYS CD     C  N N 241 
LYS CE     C  N N 242 
LYS NZ     N  N N 243 
LYS OXT    O  N N 244 
LYS H      H  N N 245 
LYS H2     H  N N 246 
LYS HA     H  N N 247 
LYS HB2    H  N N 248 
LYS HB3    H  N N 249 
LYS HG2    H  N N 250 
LYS HG3    H  N N 251 
LYS HD2    H  N N 252 
LYS HD3    H  N N 253 
LYS HE2    H  N N 254 
LYS HE3    H  N N 255 
LYS HZ1    H  N N 256 
LYS HZ2    H  N N 257 
LYS HZ3    H  N N 258 
LYS HXT    H  N N 259 
MET N      N  N N 260 
MET CA     C  N S 261 
MET C      C  N N 262 
MET O      O  N N 263 
MET CB     C  N N 264 
MET CG     C  N N 265 
MET SD     S  N N 266 
MET CE     C  N N 267 
MET OXT    O  N N 268 
MET H      H  N N 269 
MET H2     H  N N 270 
MET HA     H  N N 271 
MET HB2    H  N N 272 
MET HB3    H  N N 273 
MET HG2    H  N N 274 
MET HG3    H  N N 275 
MET HE1    H  N N 276 
MET HE2    H  N N 277 
MET HE3    H  N N 278 
MET HXT    H  N N 279 
MG  MG     MG N N 280 
PHE N      N  N N 281 
PHE CA     C  N S 282 
PHE C      C  N N 283 
PHE O      O  N N 284 
PHE CB     C  N N 285 
PHE CG     C  Y N 286 
PHE CD1    C  Y N 287 
PHE CD2    C  Y N 288 
PHE CE1    C  Y N 289 
PHE CE2    C  Y N 290 
PHE CZ     C  Y N 291 
PHE OXT    O  N N 292 
PHE H      H  N N 293 
PHE H2     H  N N 294 
PHE HA     H  N N 295 
PHE HB2    H  N N 296 
PHE HB3    H  N N 297 
PHE HD1    H  N N 298 
PHE HD2    H  N N 299 
PHE HE1    H  N N 300 
PHE HE2    H  N N 301 
PHE HZ     H  N N 302 
PHE HXT    H  N N 303 
PRO N      N  N N 304 
PRO CA     C  N S 305 
PRO C      C  N N 306 
PRO O      O  N N 307 
PRO CB     C  N N 308 
PRO CG     C  N N 309 
PRO CD     C  N N 310 
PRO OXT    O  N N 311 
PRO H      H  N N 312 
PRO HA     H  N N 313 
PRO HB2    H  N N 314 
PRO HB3    H  N N 315 
PRO HG2    H  N N 316 
PRO HG3    H  N N 317 
PRO HD2    H  N N 318 
PRO HD3    H  N N 319 
PRO HXT    H  N N 320 
SER N      N  N N 321 
SER CA     C  N S 322 
SER C      C  N N 323 
SER O      O  N N 324 
SER CB     C  N N 325 
SER OG     O  N N 326 
SER OXT    O  N N 327 
SER H      H  N N 328 
SER H2     H  N N 329 
SER HA     H  N N 330 
SER HB2    H  N N 331 
SER HB3    H  N N 332 
SER HG     H  N N 333 
SER HXT    H  N N 334 
THR N      N  N N 335 
THR CA     C  N S 336 
THR C      C  N N 337 
THR O      O  N N 338 
THR CB     C  N R 339 
THR OG1    O  N N 340 
THR CG2    C  N N 341 
THR OXT    O  N N 342 
THR H      H  N N 343 
THR H2     H  N N 344 
THR HA     H  N N 345 
THR HB     H  N N 346 
THR HG1    H  N N 347 
THR HG21   H  N N 348 
THR HG22   H  N N 349 
THR HG23   H  N N 350 
THR HXT    H  N N 351 
TRS C      C  N N 352 
TRS C1     C  N N 353 
TRS C2     C  N N 354 
TRS C3     C  N N 355 
TRS N      N  N N 356 
TRS O1     O  N N 357 
TRS O2     O  N N 358 
TRS O3     O  N N 359 
TRS H11    H  N N 360 
TRS H12    H  N N 361 
TRS H21    H  N N 362 
TRS H22    H  N N 363 
TRS H31    H  N N 364 
TRS H32    H  N N 365 
TRS HN1    H  N N 366 
TRS HN2    H  N N 367 
TRS HN3    H  N N 368 
TRS HO1    H  N N 369 
TRS HO2    H  N N 370 
TRS HO3    H  N N 371 
TYR N      N  N N 372 
TYR CA     C  N S 373 
TYR C      C  N N 374 
TYR O      O  N N 375 
TYR CB     C  N N 376 
TYR CG     C  Y N 377 
TYR CD1    C  Y N 378 
TYR CD2    C  Y N 379 
TYR CE1    C  Y N 380 
TYR CE2    C  Y N 381 
TYR CZ     C  Y N 382 
TYR OH     O  N N 383 
TYR OXT    O  N N 384 
TYR H      H  N N 385 
TYR H2     H  N N 386 
TYR HA     H  N N 387 
TYR HB2    H  N N 388 
TYR HB3    H  N N 389 
TYR HD1    H  N N 390 
TYR HD2    H  N N 391 
TYR HE1    H  N N 392 
TYR HE2    H  N N 393 
TYR HH     H  N N 394 
TYR HXT    H  N N 395 
VAL N      N  N N 396 
VAL CA     C  N S 397 
VAL C      C  N N 398 
VAL O      O  N N 399 
VAL CB     C  N N 400 
VAL CG1    C  N N 401 
VAL CG2    C  N N 402 
VAL OXT    O  N N 403 
VAL H      H  N N 404 
VAL H2     H  N N 405 
VAL HA     H  N N 406 
VAL HB     H  N N 407 
VAL HG11   H  N N 408 
VAL HG12   H  N N 409 
VAL HG13   H  N N 410 
VAL HG21   H  N N 411 
VAL HG22   H  N N 412 
VAL HG23   H  N N 413 
VAL HXT    H  N N 414 
# 
loop_
_chem_comp_bond.comp_id 
_chem_comp_bond.atom_id_1 
_chem_comp_bond.atom_id_2 
_chem_comp_bond.value_order 
_chem_comp_bond.pdbx_aromatic_flag 
_chem_comp_bond.pdbx_stereo_config 
_chem_comp_bond.pdbx_ordinal 
ALA N     CA     sing N N 1   
ALA N     H      sing N N 2   
ALA N     H2     sing N N 3   
ALA CA    C      sing N N 4   
ALA CA    CB     sing N N 5   
ALA CA    HA     sing N N 6   
ALA C     O      doub N N 7   
ALA C     OXT    sing N N 8   
ALA CB    HB1    sing N N 9   
ALA CB    HB2    sing N N 10  
ALA CB    HB3    sing N N 11  
ALA OXT   HXT    sing N N 12  
ARG N     CA     sing N N 13  
ARG N     H      sing N N 14  
ARG N     H2     sing N N 15  
ARG CA    C      sing N N 16  
ARG CA    CB     sing N N 17  
ARG CA    HA     sing N N 18  
ARG C     O      doub N N 19  
ARG C     OXT    sing N N 20  
ARG CB    CG     sing N N 21  
ARG CB    HB2    sing N N 22  
ARG CB    HB3    sing N N 23  
ARG CG    CD     sing N N 24  
ARG CG    HG2    sing N N 25  
ARG CG    HG3    sing N N 26  
ARG CD    NE     sing N N 27  
ARG CD    HD2    sing N N 28  
ARG CD    HD3    sing N N 29  
ARG NE    CZ     sing N N 30  
ARG NE    HE     sing N N 31  
ARG CZ    NH1    sing N N 32  
ARG CZ    NH2    doub N N 33  
ARG NH1   HH11   sing N N 34  
ARG NH1   HH12   sing N N 35  
ARG NH2   HH21   sing N N 36  
ARG NH2   HH22   sing N N 37  
ARG OXT   HXT    sing N N 38  
ASN N     CA     sing N N 39  
ASN N     H      sing N N 40  
ASN N     H2     sing N N 41  
ASN CA    C      sing N N 42  
ASN CA    CB     sing N N 43  
ASN CA    HA     sing N N 44  
ASN C     O      doub N N 45  
ASN C     OXT    sing N N 46  
ASN CB    CG     sing N N 47  
ASN CB    HB2    sing N N 48  
ASN CB    HB3    sing N N 49  
ASN CG    OD1    doub N N 50  
ASN CG    ND2    sing N N 51  
ASN ND2   HD21   sing N N 52  
ASN ND2   HD22   sing N N 53  
ASN OXT   HXT    sing N N 54  
ASP N     CA     sing N N 55  
ASP N     H      sing N N 56  
ASP N     H2     sing N N 57  
ASP CA    C      sing N N 58  
ASP CA    CB     sing N N 59  
ASP CA    HA     sing N N 60  
ASP C     O      doub N N 61  
ASP C     OXT    sing N N 62  
ASP CB    CG     sing N N 63  
ASP CB    HB2    sing N N 64  
ASP CB    HB3    sing N N 65  
ASP CG    OD1    doub N N 66  
ASP CG    OD2    sing N N 67  
ASP OD2   HD2    sing N N 68  
ASP OXT   HXT    sing N N 69  
DUP O4    C4     doub N N 70  
DUP C4    C5     sing Y N 71  
DUP C4    N3     sing Y N 72  
DUP C5    C6     doub Y N 73  
DUP C5    H5     sing N N 74  
DUP C6    N1     sing Y N 75  
DUP C6    H6     sing N N 76  
DUP N3    C2     sing Y N 77  
DUP N3    HN3    sing N N 78  
DUP C2    O2     doub N N 79  
DUP C2    N1     sing Y N 80  
DUP N1    "C1'"  sing N N 81  
DUP "C1'" "C2'"  sing N N 82  
DUP "C1'" "O4'"  sing N N 83  
DUP "C1'" "H1'"  sing N N 84  
DUP "C2'" "C3'"  sing N N 85  
DUP "C2'" "H2'1" sing N N 86  
DUP "C2'" "H2'2" sing N N 87  
DUP "C3'" "O3'"  sing N N 88  
DUP "C3'" "C4'"  sing N N 89  
DUP "C3'" H1     sing N N 90  
DUP "O3'" "H3'"  sing N N 91  
DUP "O4'" "C4'"  sing N N 92  
DUP "C4'" "C5'"  sing N N 93  
DUP "C4'" "H4'"  sing N N 94  
DUP "C5'" "O5'"  sing N N 95  
DUP "C5'" "H5'1" sing N N 96  
DUP "C5'" "H5'2" sing N N 97  
DUP "O5'" PA     sing N N 98  
DUP PA    O1A    doub N N 99  
DUP PA    O2A    sing N N 100 
DUP PA    N3A    sing N N 101 
DUP O2A   H2A    sing N N 102 
DUP N3A   PB     sing N N 103 
DUP N3A   H3A    sing N N 104 
DUP PB    O1B    doub N N 105 
DUP PB    O2B    sing N N 106 
DUP PB    O3B    sing N N 107 
DUP O2B   H2B    sing N N 108 
DUP O3B   PG     sing N N 109 
DUP PG    O2G    doub N N 110 
DUP PG    O1G    sing N N 111 
DUP PG    O3G    sing N N 112 
DUP O1G   H1G    sing N N 113 
DUP O3G   H3G    sing N N 114 
GLN N     CA     sing N N 115 
GLN N     H      sing N N 116 
GLN N     H2     sing N N 117 
GLN CA    C      sing N N 118 
GLN CA    CB     sing N N 119 
GLN CA    HA     sing N N 120 
GLN C     O      doub N N 121 
GLN C     OXT    sing N N 122 
GLN CB    CG     sing N N 123 
GLN CB    HB2    sing N N 124 
GLN CB    HB3    sing N N 125 
GLN CG    CD     sing N N 126 
GLN CG    HG2    sing N N 127 
GLN CG    HG3    sing N N 128 
GLN CD    OE1    doub N N 129 
GLN CD    NE2    sing N N 130 
GLN NE2   HE21   sing N N 131 
GLN NE2   HE22   sing N N 132 
GLN OXT   HXT    sing N N 133 
GLU N     CA     sing N N 134 
GLU N     H      sing N N 135 
GLU N     H2     sing N N 136 
GLU CA    C      sing N N 137 
GLU CA    CB     sing N N 138 
GLU CA    HA     sing N N 139 
GLU C     O      doub N N 140 
GLU C     OXT    sing N N 141 
GLU CB    CG     sing N N 142 
GLU CB    HB2    sing N N 143 
GLU CB    HB3    sing N N 144 
GLU CG    CD     sing N N 145 
GLU CG    HG2    sing N N 146 
GLU CG    HG3    sing N N 147 
GLU CD    OE1    doub N N 148 
GLU CD    OE2    sing N N 149 
GLU OE2   HE2    sing N N 150 
GLU OXT   HXT    sing N N 151 
GLY N     CA     sing N N 152 
GLY N     H      sing N N 153 
GLY N     H2     sing N N 154 
GLY CA    C      sing N N 155 
GLY CA    HA2    sing N N 156 
GLY CA    HA3    sing N N 157 
GLY C     O      doub N N 158 
GLY C     OXT    sing N N 159 
GLY OXT   HXT    sing N N 160 
HIS N     CA     sing N N 161 
HIS N     H      sing N N 162 
HIS N     H2     sing N N 163 
HIS CA    C      sing N N 164 
HIS CA    CB     sing N N 165 
HIS CA    HA     sing N N 166 
HIS C     O      doub N N 167 
HIS C     OXT    sing N N 168 
HIS CB    CG     sing N N 169 
HIS CB    HB2    sing N N 170 
HIS CB    HB3    sing N N 171 
HIS CG    ND1    sing Y N 172 
HIS CG    CD2    doub Y N 173 
HIS ND1   CE1    doub Y N 174 
HIS ND1   HD1    sing N N 175 
HIS CD2   NE2    sing Y N 176 
HIS CD2   HD2    sing N N 177 
HIS CE1   NE2    sing Y N 178 
HIS CE1   HE1    sing N N 179 
HIS NE2   HE2    sing N N 180 
HIS OXT   HXT    sing N N 181 
HOH O     H1     sing N N 182 
HOH O     H2     sing N N 183 
ILE N     CA     sing N N 184 
ILE N     H      sing N N 185 
ILE N     H2     sing N N 186 
ILE CA    C      sing N N 187 
ILE CA    CB     sing N N 188 
ILE CA    HA     sing N N 189 
ILE C     O      doub N N 190 
ILE C     OXT    sing N N 191 
ILE CB    CG1    sing N N 192 
ILE CB    CG2    sing N N 193 
ILE CB    HB     sing N N 194 
ILE CG1   CD1    sing N N 195 
ILE CG1   HG12   sing N N 196 
ILE CG1   HG13   sing N N 197 
ILE CG2   HG21   sing N N 198 
ILE CG2   HG22   sing N N 199 
ILE CG2   HG23   sing N N 200 
ILE CD1   HD11   sing N N 201 
ILE CD1   HD12   sing N N 202 
ILE CD1   HD13   sing N N 203 
ILE OXT   HXT    sing N N 204 
LEU N     CA     sing N N 205 
LEU N     H      sing N N 206 
LEU N     H2     sing N N 207 
LEU CA    C      sing N N 208 
LEU CA    CB     sing N N 209 
LEU CA    HA     sing N N 210 
LEU C     O      doub N N 211 
LEU C     OXT    sing N N 212 
LEU CB    CG     sing N N 213 
LEU CB    HB2    sing N N 214 
LEU CB    HB3    sing N N 215 
LEU CG    CD1    sing N N 216 
LEU CG    CD2    sing N N 217 
LEU CG    HG     sing N N 218 
LEU CD1   HD11   sing N N 219 
LEU CD1   HD12   sing N N 220 
LEU CD1   HD13   sing N N 221 
LEU CD2   HD21   sing N N 222 
LEU CD2   HD22   sing N N 223 
LEU CD2   HD23   sing N N 224 
LEU OXT   HXT    sing N N 225 
LYS N     CA     sing N N 226 
LYS N     H      sing N N 227 
LYS N     H2     sing N N 228 
LYS CA    C      sing N N 229 
LYS CA    CB     sing N N 230 
LYS CA    HA     sing N N 231 
LYS C     O      doub N N 232 
LYS C     OXT    sing N N 233 
LYS CB    CG     sing N N 234 
LYS CB    HB2    sing N N 235 
LYS CB    HB3    sing N N 236 
LYS CG    CD     sing N N 237 
LYS CG    HG2    sing N N 238 
LYS CG    HG3    sing N N 239 
LYS CD    CE     sing N N 240 
LYS CD    HD2    sing N N 241 
LYS CD    HD3    sing N N 242 
LYS CE    NZ     sing N N 243 
LYS CE    HE2    sing N N 244 
LYS CE    HE3    sing N N 245 
LYS NZ    HZ1    sing N N 246 
LYS NZ    HZ2    sing N N 247 
LYS NZ    HZ3    sing N N 248 
LYS OXT   HXT    sing N N 249 
MET N     CA     sing N N 250 
MET N     H      sing N N 251 
MET N     H2     sing N N 252 
MET CA    C      sing N N 253 
MET CA    CB     sing N N 254 
MET CA    HA     sing N N 255 
MET C     O      doub N N 256 
MET C     OXT    sing N N 257 
MET CB    CG     sing N N 258 
MET CB    HB2    sing N N 259 
MET CB    HB3    sing N N 260 
MET CG    SD     sing N N 261 
MET CG    HG2    sing N N 262 
MET CG    HG3    sing N N 263 
MET SD    CE     sing N N 264 
MET CE    HE1    sing N N 265 
MET CE    HE2    sing N N 266 
MET CE    HE3    sing N N 267 
MET OXT   HXT    sing N N 268 
PHE N     CA     sing N N 269 
PHE N     H      sing N N 270 
PHE N     H2     sing N N 271 
PHE CA    C      sing N N 272 
PHE CA    CB     sing N N 273 
PHE CA    HA     sing N N 274 
PHE C     O      doub N N 275 
PHE C     OXT    sing N N 276 
PHE CB    CG     sing N N 277 
PHE CB    HB2    sing N N 278 
PHE CB    HB3    sing N N 279 
PHE CG    CD1    doub Y N 280 
PHE CG    CD2    sing Y N 281 
PHE CD1   CE1    sing Y N 282 
PHE CD1   HD1    sing N N 283 
PHE CD2   CE2    doub Y N 284 
PHE CD2   HD2    sing N N 285 
PHE CE1   CZ     doub Y N 286 
PHE CE1   HE1    sing N N 287 
PHE CE2   CZ     sing Y N 288 
PHE CE2   HE2    sing N N 289 
PHE CZ    HZ     sing N N 290 
PHE OXT   HXT    sing N N 291 
PRO N     CA     sing N N 292 
PRO N     CD     sing N N 293 
PRO N     H      sing N N 294 
PRO CA    C      sing N N 295 
PRO CA    CB     sing N N 296 
PRO CA    HA     sing N N 297 
PRO C     O      doub N N 298 
PRO C     OXT    sing N N 299 
PRO CB    CG     sing N N 300 
PRO CB    HB2    sing N N 301 
PRO CB    HB3    sing N N 302 
PRO CG    CD     sing N N 303 
PRO CG    HG2    sing N N 304 
PRO CG    HG3    sing N N 305 
PRO CD    HD2    sing N N 306 
PRO CD    HD3    sing N N 307 
PRO OXT   HXT    sing N N 308 
SER N     CA     sing N N 309 
SER N     H      sing N N 310 
SER N     H2     sing N N 311 
SER CA    C      sing N N 312 
SER CA    CB     sing N N 313 
SER CA    HA     sing N N 314 
SER C     O      doub N N 315 
SER C     OXT    sing N N 316 
SER CB    OG     sing N N 317 
SER CB    HB2    sing N N 318 
SER CB    HB3    sing N N 319 
SER OG    HG     sing N N 320 
SER OXT   HXT    sing N N 321 
THR N     CA     sing N N 322 
THR N     H      sing N N 323 
THR N     H2     sing N N 324 
THR CA    C      sing N N 325 
THR CA    CB     sing N N 326 
THR CA    HA     sing N N 327 
THR C     O      doub N N 328 
THR C     OXT    sing N N 329 
THR CB    OG1    sing N N 330 
THR CB    CG2    sing N N 331 
THR CB    HB     sing N N 332 
THR OG1   HG1    sing N N 333 
THR CG2   HG21   sing N N 334 
THR CG2   HG22   sing N N 335 
THR CG2   HG23   sing N N 336 
THR OXT   HXT    sing N N 337 
TRS C     C1     sing N N 338 
TRS C     C2     sing N N 339 
TRS C     C3     sing N N 340 
TRS C     N      sing N N 341 
TRS C1    O1     sing N N 342 
TRS C1    H11    sing N N 343 
TRS C1    H12    sing N N 344 
TRS C2    O2     sing N N 345 
TRS C2    H21    sing N N 346 
TRS C2    H22    sing N N 347 
TRS C3    O3     sing N N 348 
TRS C3    H31    sing N N 349 
TRS C3    H32    sing N N 350 
TRS N     HN1    sing N N 351 
TRS N     HN2    sing N N 352 
TRS N     HN3    sing N N 353 
TRS O1    HO1    sing N N 354 
TRS O2    HO2    sing N N 355 
TRS O3    HO3    sing N N 356 
TYR N     CA     sing N N 357 
TYR N     H      sing N N 358 
TYR N     H2     sing N N 359 
TYR CA    C      sing N N 360 
TYR CA    CB     sing N N 361 
TYR CA    HA     sing N N 362 
TYR C     O      doub N N 363 
TYR C     OXT    sing N N 364 
TYR CB    CG     sing N N 365 
TYR CB    HB2    sing N N 366 
TYR CB    HB3    sing N N 367 
TYR CG    CD1    doub Y N 368 
TYR CG    CD2    sing Y N 369 
TYR CD1   CE1    sing Y N 370 
TYR CD1   HD1    sing N N 371 
TYR CD2   CE2    doub Y N 372 
TYR CD2   HD2    sing N N 373 
TYR CE1   CZ     doub Y N 374 
TYR CE1   HE1    sing N N 375 
TYR CE2   CZ     sing Y N 376 
TYR CE2   HE2    sing N N 377 
TYR CZ    OH     sing N N 378 
TYR OH    HH     sing N N 379 
TYR OXT   HXT    sing N N 380 
VAL N     CA     sing N N 381 
VAL N     H      sing N N 382 
VAL N     H2     sing N N 383 
VAL CA    C      sing N N 384 
VAL CA    CB     sing N N 385 
VAL CA    HA     sing N N 386 
VAL C     O      doub N N 387 
VAL C     OXT    sing N N 388 
VAL CB    CG1    sing N N 389 
VAL CB    CG2    sing N N 390 
VAL CB    HB     sing N N 391 
VAL CG1   HG11   sing N N 392 
VAL CG1   HG12   sing N N 393 
VAL CG1   HG13   sing N N 394 
VAL CG2   HG21   sing N N 395 
VAL CG2   HG22   sing N N 396 
VAL CG2   HG23   sing N N 397 
VAL OXT   HXT    sing N N 398 
# 
loop_
_pdbx_entity_nonpoly.entity_id 
_pdbx_entity_nonpoly.name 
_pdbx_entity_nonpoly.comp_id 
2 'MAGNESIUM ION'                                    MG  
3 
;2'-DEOXYURIDINE 5'-ALPHA,BETA-IMIDO-TRIPHOSPHATE
;
DUP 
4 2-AMINO-2-HYDROXYMETHYL-PROPANE-1,3-DIOL           TRS 
5 water                                              HOH 
# 
_pdbx_initial_refinement_model.id               1 
_pdbx_initial_refinement_model.entity_id_list   ? 
_pdbx_initial_refinement_model.type             'experimental model' 
_pdbx_initial_refinement_model.source_name      PDB 
_pdbx_initial_refinement_model.accession_code   1MQ7 
_pdbx_initial_refinement_model.details          'pdb entry 1MQ7' 
# 
